data_9QTB
#
_entry.id   9QTB
#
_cell.length_a   1.00
_cell.length_b   1.00
_cell.length_c   1.00
_cell.angle_alpha   90.00
_cell.angle_beta   90.00
_cell.angle_gamma   90.00
#
_symmetry.space_group_name_H-M   'P 1'
#
_entity_poly.entity_id   1
_entity_poly.type   'polypeptide(L)'
_entity_poly.pdbx_seq_one_letter_code
;MDSILSKQLVDKTGFVRVPIKHFDCTMLTLALPTFDVSKMVDRITIDFNLDDIQGASEIGSTLLPSMSIDVEDMANFVHD
FTFGHLADKTDRLLMREFPMMNAGFDHLSPDMIIKTTSGMYNIVEFTTFRGDERGAFQAAMTKLAKYEVPCENRSQGRTV
VLYVVSAYRHGVWSNLELEDSEAEEMVYRYRLALSVMDELRTLFPELSSTDEELGKTERELLAMVSSIQINWSVTESVFP
PFSREMFDRFRSSPPDSEYITRIVSRCLINSQEKLINSSFFAEGNDKALRFSKNAEECSLAVERALNQYRAEDNLRDLND
HKSTIQLPPWLSYHDVDGKDLCPLQGLDVRGDHPMCNLWREVVTSANLEEIERMHDDAAAELEFALSGVKDRPDERNRYH
RVHLNMGSDDSVYIAALGVNGKKHKADTLVQQMRDRSKQPFSPDHDVDHISEFLSACSSDLWATDEDLYSPLSCDKELRL
AAQRIHQPSLSERGFNEIITEHYKFMGSRIGSWCQMVSLIGAELSASVKQHVKPNYFVIKRLLGSGIFLLIKPTSSKSHI
FVSFAIKRSCWAFDLSTSRVFKPYIDAGDLLVTDFVSYKLSKLTNLCKCVSLMESSFSFWAEAFGIPSWNFVGDLFRSSD
SAAMDASYMGKLSLLTLLEDKAATEELQTIARYIIMEGFVSPPEIPKPHKMTSKFPKVLRSELQVYLLNCLCRTIQRIAG
EPFILKKKDGSISWGGMFNPFSGRPLLDMQPLISCCYNGYFKNKEEETEPSSLSGMYKKIIELEHLRPQSDAFLGYKDPE
LPRMHEFSVSYLKEACNHAKLVLRSLYGQNFMEQIDNQIIRELSGLTLERLATLKATSNFNENWYVYKDVADKNYTRDKL
LVKMSKYASEGKSLAIQKFEDCMRQIESQGCMHICLFKKQQHGGLREIYVMGAEERIVQSVVETIARSIGKFFASDTLCN
PPNKVKIPETHGIRARKQCKGPVWTCATSDDARKWNQGHFVTKFALMLCEFTSPKWWPLIIRGCSMFTRKRMMMNLNYLK
ILDGHRELDIRDDFVMDLFKAYHGEAEVPWAFKGKTYLETTTGMMQGILHYTSSLLHTIHQEYIRSLSFKIFNLKVAPEM
SKSLVCDMMQGSDDSSMLISFPADDEKVLTRCKVAAAICFRMKKELGVYLAIYPSEKSTANTDFVMEYNSEFYFHTQHVR
PTIRWIAACCSLPEVETLVARQEEASNLMTSVTEGGGSFSLAAMIQQAQCTLHYMLMGMGVSELFLEYKKAVLKWNDPGL
GFFLLDNPYACGLGGFRFNLFKAITRTDLQKLYAFFMKKVKGSAARDWADEDVTIPETCSVSPGGALILSSSLKWGSRKK
FQKLRDRLNIPENWIELINENPEVLYRAPRTGPEILLRIAEKVHSPGVVSSLSSGNAVCKVMASAVYFLSATIFEDTGRP
EFNFLEDSKYSLLQKMAAYSGFHGFNDMEPEDILFLFPNIEELESLDSIVYNKGEIDIIPRVNIRDATQTRVTIFNEQKT
LRTSPEKLVSDKWFGTQKSRIGKTTFLAEWEKLKKIVKWLEDTPEATLAHTPLNNHIQVRNFFARMESKPRTVRITGAPV
KKRSGVSKIAMVIRDNFSRMGHLRGVEDLAGFTRSVSAEILKHFLFCILQGPYSESYKLQLIYRVLSSVSNVEIKESDGK
TKTNLIGILQRFLDGDHVVPIIEEMGAGTVGGFIKRQQSKVVQNKVVYYGVGIWRGFMDGYQVHLEIENDIGQPPRLRNV
TTNCQSSPWDLSIPIRQWAEDMGVTNNQDYSSKSSRGARYWMHSFRMQGPSKPFGCPVYIIKGDMSDVIRLRKEEVEMKV
RGSTLNLYTKHHSHQDLHILSYTASDNDLSPGIFKSISDEGVAQALQLFEREPSNCWVRCESVAPKFISAILEICEGKRQ
IKGINRTRLSEIVRICSESSLRSKVGSMFSFVANVEEAHDVDYDALMDLMIEDAKNNAFSHVVDCIELDVSGPYEMESFD
TSDVNLFGPAHYKDISSLSMIAHPLMDKFVDYAISKMGRASVRKVLETGRCSSKDYDLSKVLFRTLQRPEESIRIDDLEL
YEETDVADDMLGGSAWSHPQFEKGGGSGGGSGGSAWSHPQFEK
;
_entity_poly.pdbx_strand_id   A
#
# COMPACT_ATOMS: atom_id res chain seq x y z
N LEU A 214 -26.08 1.95 -35.47
CA LEU A 214 -24.94 2.69 -34.97
C LEU A 214 -25.26 4.18 -34.85
N GLY A 215 -24.99 4.75 -33.69
CA GLY A 215 -25.22 6.16 -33.47
C GLY A 215 -24.23 7.02 -34.22
N LYS A 216 -24.52 8.33 -34.25
CA LYS A 216 -23.67 9.27 -34.96
C LYS A 216 -22.24 9.21 -34.44
N THR A 217 -22.08 9.06 -33.12
CA THR A 217 -20.75 8.95 -32.55
C THR A 217 -20.00 7.76 -33.16
N GLU A 218 -20.69 6.63 -33.32
CA GLU A 218 -20.03 5.44 -33.84
C GLU A 218 -19.54 5.66 -35.27
N ARG A 219 -20.43 6.16 -36.14
CA ARG A 219 -20.05 6.32 -37.54
C ARG A 219 -18.97 7.38 -37.70
N GLU A 220 -19.08 8.50 -36.98
CA GLU A 220 -18.06 9.53 -37.09
C GLU A 220 -16.71 9.02 -36.57
N LEU A 221 -16.73 8.28 -35.46
CA LEU A 221 -15.49 7.71 -34.95
C LEU A 221 -14.88 6.74 -35.95
N LEU A 222 -15.70 5.91 -36.57
CA LEU A 222 -15.18 4.98 -37.57
C LEU A 222 -14.59 5.72 -38.76
N ALA A 223 -15.29 6.74 -39.23
CA ALA A 223 -14.78 7.53 -40.36
C ALA A 223 -13.44 8.16 -40.00
N MET A 224 -13.35 8.77 -38.82
CA MET A 224 -12.07 9.38 -38.43
C MET A 224 -10.98 8.33 -38.33
N VAL A 225 -11.27 7.19 -37.71
CA VAL A 225 -10.26 6.15 -37.57
C VAL A 225 -9.75 5.74 -38.94
N SER A 226 -10.67 5.56 -39.89
CA SER A 226 -10.24 5.28 -41.26
C SER A 226 -9.37 6.42 -41.80
N SER A 227 -9.65 7.66 -41.40
CA SER A 227 -8.83 8.77 -41.86
C SER A 227 -7.39 8.68 -41.38
N ILE A 228 -7.16 8.06 -40.22
CA ILE A 228 -5.79 7.88 -39.73
C ILE A 228 -5.06 6.91 -40.65
N GLN A 229 -3.83 7.23 -40.98
CA GLN A 229 -3.03 6.44 -41.92
C GLN A 229 -1.62 6.28 -41.39
N ILE A 230 -0.95 5.25 -41.90
CA ILE A 230 0.42 4.94 -41.50
C ILE A 230 1.39 5.65 -42.43
N ASN A 231 2.46 6.20 -41.85
CA ASN A 231 3.55 6.81 -42.60
C ASN A 231 4.81 6.03 -42.29
N TRP A 232 5.11 5.03 -43.12
CA TRP A 232 6.18 4.09 -42.81
C TRP A 232 7.54 4.76 -42.81
N SER A 233 7.75 5.75 -43.67
CA SER A 233 9.08 6.36 -43.79
C SER A 233 9.52 6.99 -42.49
N VAL A 234 8.67 7.87 -41.93
CA VAL A 234 9.05 8.58 -40.71
C VAL A 234 9.21 7.60 -39.55
N THR A 235 8.32 6.63 -39.44
CA THR A 235 8.42 5.67 -38.35
C THR A 235 9.71 4.88 -38.44
N GLU A 236 10.05 4.39 -39.64
CA GLU A 236 11.27 3.63 -39.81
C GLU A 236 12.49 4.49 -39.50
N SER A 237 12.50 5.74 -39.96
CA SER A 237 13.65 6.59 -39.75
C SER A 237 13.84 6.91 -38.28
N VAL A 238 12.78 7.37 -37.61
CA VAL A 238 12.91 7.81 -36.23
C VAL A 238 13.12 6.62 -35.31
N PHE A 239 12.33 5.57 -35.49
CA PHE A 239 12.39 4.39 -34.64
C PHE A 239 13.05 3.24 -35.39
N PRO A 240 14.26 2.82 -35.04
CA PRO A 240 14.98 1.84 -35.87
C PRO A 240 14.23 0.52 -35.99
N PRO A 241 13.93 -0.16 -34.87
CA PRO A 241 13.58 -1.58 -34.95
C PRO A 241 12.27 -1.87 -35.68
N PHE A 242 11.47 -0.86 -35.99
CA PHE A 242 10.19 -1.07 -36.66
C PHE A 242 10.38 -0.95 -38.17
N SER A 243 9.70 -1.81 -38.92
CA SER A 243 9.80 -1.79 -40.37
C SER A 243 8.58 -2.46 -40.97
N ARG A 244 8.30 -2.11 -42.22
CA ARG A 244 7.21 -2.76 -42.95
C ARG A 244 7.46 -4.26 -43.06
N GLU A 245 8.70 -4.64 -43.35
CA GLU A 245 9.01 -6.05 -43.56
C GLU A 245 8.72 -6.87 -42.31
N MET A 246 8.99 -6.30 -41.13
CA MET A 246 8.71 -7.00 -39.89
C MET A 246 7.27 -7.48 -39.84
N PHE A 247 6.34 -6.53 -39.90
CA PHE A 247 4.92 -6.87 -39.77
C PHE A 247 4.43 -7.69 -40.96
N ASP A 248 4.91 -7.38 -42.17
CA ASP A 248 4.45 -8.13 -43.33
C ASP A 248 4.83 -9.60 -43.21
N ARG A 249 6.11 -9.87 -42.94
CA ARG A 249 6.56 -11.24 -42.78
C ARG A 249 5.85 -11.91 -41.60
N PHE A 250 5.67 -11.18 -40.50
CA PHE A 250 5.03 -11.78 -39.34
C PHE A 250 3.60 -12.20 -39.65
N ARG A 251 2.86 -11.35 -40.35
CA ARG A 251 1.47 -11.68 -40.69
C ARG A 251 1.39 -12.75 -41.76
N SER A 252 2.37 -12.82 -42.65
CA SER A 252 2.30 -13.77 -43.75
C SER A 252 2.86 -15.14 -43.37
N SER A 253 4.10 -15.18 -42.91
CA SER A 253 4.78 -16.45 -42.70
C SER A 253 4.12 -17.22 -41.56
N PRO A 254 3.76 -18.49 -41.74
CA PRO A 254 3.28 -19.29 -40.62
C PRO A 254 4.43 -19.68 -39.71
N PRO A 255 4.14 -20.06 -38.46
CA PRO A 255 5.23 -20.43 -37.55
C PRO A 255 5.90 -21.72 -37.96
N ASP A 256 7.16 -21.86 -37.57
CA ASP A 256 7.94 -23.05 -37.89
C ASP A 256 7.65 -24.13 -36.86
N SER A 257 6.90 -25.16 -37.28
CA SER A 257 6.54 -26.23 -36.35
C SER A 257 7.77 -26.97 -35.87
N GLU A 258 8.72 -27.23 -36.77
CA GLU A 258 9.91 -28.00 -36.38
C GLU A 258 10.70 -27.30 -35.30
N TYR A 259 10.87 -25.98 -35.44
CA TYR A 259 11.59 -25.22 -34.42
C TYR A 259 10.87 -25.28 -33.09
N ILE A 260 9.54 -25.14 -33.11
CA ILE A 260 8.77 -25.18 -31.87
C ILE A 260 8.94 -26.52 -31.20
N THR A 261 8.83 -27.61 -31.96
CA THR A 261 9.00 -28.93 -31.39
C THR A 261 10.40 -29.12 -30.82
N ARG A 262 11.41 -28.63 -31.53
CA ARG A 262 12.78 -28.75 -31.05
C ARG A 262 12.95 -28.05 -29.71
N ILE A 263 12.45 -26.82 -29.61
CA ILE A 263 12.62 -26.09 -28.35
C ILE A 263 11.81 -26.73 -27.24
N VAL A 264 10.64 -27.28 -27.56
CA VAL A 264 9.85 -27.94 -26.52
C VAL A 264 10.58 -29.17 -26.00
N SER A 265 11.15 -29.96 -26.90
CA SER A 265 11.89 -31.14 -26.47
C SER A 265 13.11 -30.75 -25.66
N ARG A 266 13.81 -29.69 -26.07
CA ARG A 266 14.96 -29.22 -25.30
C ARG A 266 14.53 -28.78 -23.91
N CYS A 267 13.40 -28.08 -23.81
CA CYS A 267 12.90 -27.67 -22.51
C CYS A 267 12.56 -28.88 -21.64
N LEU A 268 11.96 -29.90 -22.24
CA LEU A 268 11.65 -31.11 -21.49
C LEU A 268 12.92 -31.74 -20.94
N ILE A 269 13.95 -31.89 -21.79
CA ILE A 269 15.19 -32.47 -21.33
C ILE A 269 15.79 -31.64 -20.21
N ASN A 270 15.81 -30.31 -20.38
CA ASN A 270 16.38 -29.44 -19.37
C ASN A 270 15.61 -29.54 -18.05
N SER A 271 14.29 -29.57 -18.12
CA SER A 271 13.50 -29.66 -16.91
C SER A 271 13.76 -30.97 -16.18
N GLN A 272 13.80 -32.07 -16.92
CA GLN A 272 14.07 -33.36 -16.27
C GLN A 272 15.44 -33.36 -15.62
N GLU A 273 16.46 -32.85 -16.32
CA GLU A 273 17.80 -32.82 -15.76
C GLU A 273 17.86 -31.94 -14.52
N LYS A 274 17.22 -30.78 -14.57
CA LYS A 274 17.24 -29.88 -13.42
C LYS A 274 16.53 -30.50 -12.23
N LEU A 275 15.39 -31.15 -12.47
CA LEU A 275 14.70 -31.82 -11.37
C LEU A 275 15.56 -32.92 -10.77
N ILE A 276 16.20 -33.72 -11.61
CA ILE A 276 17.01 -34.82 -11.09
C ILE A 276 18.18 -34.27 -10.27
N ASN A 277 18.85 -33.25 -10.79
CA ASN A 277 20.03 -32.75 -10.10
C ASN A 277 19.66 -32.00 -8.82
N SER A 278 18.58 -31.22 -8.84
CA SER A 278 18.23 -30.41 -7.68
C SER A 278 17.89 -31.27 -6.48
N SER A 279 17.14 -32.36 -6.69
CA SER A 279 16.65 -33.17 -5.59
C SER A 279 17.57 -34.36 -5.29
N PHE A 280 18.68 -34.49 -6.00
CA PHE A 280 19.67 -35.52 -5.70
C PHE A 280 19.08 -36.92 -5.84
N PHE A 281 18.46 -37.19 -6.98
CA PHE A 281 17.94 -38.51 -7.30
C PHE A 281 18.94 -39.36 -8.07
N ALA A 282 20.17 -38.88 -8.27
CA ALA A 282 21.11 -39.57 -9.14
C ALA A 282 21.36 -41.00 -8.66
N GLU A 283 21.72 -41.15 -7.38
CA GLU A 283 21.97 -42.48 -6.84
C GLU A 283 20.70 -43.21 -6.43
N GLY A 284 19.58 -42.48 -6.30
CA GLY A 284 18.40 -43.07 -5.69
C GLY A 284 18.53 -43.20 -4.19
N ASN A 285 19.19 -42.24 -3.55
CA ASN A 285 19.41 -42.30 -2.11
C ASN A 285 18.09 -42.18 -1.36
N ASP A 286 18.14 -42.53 -0.08
CA ASP A 286 16.99 -42.38 0.80
C ASP A 286 16.75 -40.91 1.10
N LYS A 287 15.64 -40.63 1.77
CA LYS A 287 15.32 -39.25 2.14
C LYS A 287 16.41 -38.67 3.04
N ALA A 288 16.93 -39.48 3.96
CA ALA A 288 17.89 -38.97 4.93
C ALA A 288 19.14 -38.43 4.25
N LEU A 289 19.74 -39.23 3.36
CA LEU A 289 20.98 -38.80 2.71
C LEU A 289 20.73 -37.60 1.82
N ARG A 290 19.61 -37.58 1.10
CA ARG A 290 19.30 -36.45 0.23
C ARG A 290 19.16 -35.18 1.06
N PHE A 291 18.45 -35.26 2.18
CA PHE A 291 18.29 -34.08 3.03
C PHE A 291 19.63 -33.66 3.62
N SER A 292 20.49 -34.62 3.95
CA SER A 292 21.82 -34.28 4.44
C SER A 292 22.60 -33.50 3.40
N LYS A 293 22.55 -33.96 2.15
CA LYS A 293 23.24 -33.24 1.08
C LYS A 293 22.67 -31.84 0.91
N ASN A 294 21.34 -31.71 0.97
CA ASN A 294 20.73 -30.40 0.84
C ASN A 294 21.17 -29.48 1.96
N ALA A 295 21.22 -30.01 3.19
CA ALA A 295 21.67 -29.21 4.32
C ALA A 295 23.11 -28.79 4.15
N GLU A 296 23.96 -29.68 3.65
CA GLU A 296 25.35 -29.32 3.40
C GLU A 296 25.44 -28.18 2.40
N GLU A 297 24.67 -28.26 1.31
CA GLU A 297 24.68 -27.20 0.32
C GLU A 297 24.21 -25.88 0.93
N CYS A 298 23.14 -25.94 1.72
CA CYS A 298 22.62 -24.72 2.34
C CYS A 298 23.66 -24.12 3.27
N SER A 299 24.33 -24.95 4.07
CA SER A 299 25.36 -24.44 4.97
C SER A 299 26.50 -23.82 4.19
N LEU A 300 26.90 -24.44 3.08
CA LEU A 300 27.97 -23.87 2.27
C LEU A 300 27.57 -22.51 1.73
N ALA A 301 26.33 -22.39 1.24
CA ALA A 301 25.89 -21.10 0.71
C ALA A 301 25.85 -20.04 1.79
N VAL A 302 25.35 -20.39 2.98
CA VAL A 302 25.26 -19.43 4.06
C VAL A 302 26.66 -18.99 4.47
N GLU A 303 27.60 -19.94 4.58
CA GLU A 303 28.96 -19.59 4.93
C GLU A 303 29.59 -18.71 3.87
N ARG A 304 29.28 -18.97 2.60
CA ARG A 304 29.78 -18.11 1.53
C ARG A 304 29.29 -16.69 1.70
N ALA A 305 27.99 -16.52 1.97
CA ALA A 305 27.45 -15.18 2.14
C ALA A 305 28.09 -14.49 3.34
N LEU A 306 28.23 -15.20 4.46
CA LEU A 306 28.80 -14.60 5.65
C LEU A 306 30.26 -14.20 5.43
N ASN A 307 31.03 -15.06 4.77
CA ASN A 307 32.41 -14.72 4.47
C ASN A 307 32.48 -13.51 3.54
N GLN A 308 31.63 -13.46 2.54
CA GLN A 308 31.58 -12.28 1.66
C GLN A 308 31.32 -11.03 2.48
N TYR A 309 30.41 -11.11 3.44
CA TYR A 309 30.20 -9.97 4.33
C TYR A 309 31.47 -9.65 5.11
N ARG A 310 32.14 -10.67 5.63
CA ARG A 310 33.34 -10.45 6.43
C ARG A 310 34.51 -9.93 5.60
N ALA A 311 34.50 -10.16 4.29
CA ALA A 311 35.61 -9.75 3.44
C ALA A 311 35.79 -8.24 3.39
N GLU A 312 34.78 -7.48 3.77
CA GLU A 312 34.86 -6.03 3.68
C GLU A 312 35.93 -5.49 4.62
N ASP A 313 36.39 -4.29 4.32
CA ASP A 313 37.42 -3.60 5.10
C ASP A 313 36.80 -2.45 5.90
N ASN A 314 37.59 -1.94 6.84
CA ASN A 314 37.15 -0.85 7.71
C ASN A 314 35.88 -1.22 8.45
N LEU A 315 35.76 -2.50 8.81
CA LEU A 315 34.58 -2.96 9.51
C LEU A 315 34.51 -2.39 10.92
N ARG A 316 33.29 -2.11 11.36
CA ARG A 316 33.08 -1.67 12.73
C ARG A 316 33.57 -2.74 13.69
N ASP A 317 34.18 -2.30 14.79
CA ASP A 317 34.67 -3.24 15.79
C ASP A 317 33.51 -3.99 16.43
N LEU A 318 33.80 -5.22 16.86
CA LEU A 318 32.76 -6.08 17.40
C LEU A 318 32.12 -5.51 18.67
N ASN A 319 32.86 -4.71 19.44
CA ASN A 319 32.39 -4.24 20.73
C ASN A 319 31.89 -2.80 20.69
N ASP A 320 32.06 -2.08 19.60
CA ASP A 320 31.65 -0.68 19.53
C ASP A 320 30.13 -0.64 19.43
N HIS A 321 29.48 -0.63 20.58
CA HIS A 321 28.02 -0.69 20.63
C HIS A 321 27.42 0.63 20.19
N LYS A 322 26.43 0.55 19.31
CA LYS A 322 25.62 1.70 18.91
C LYS A 322 24.17 1.38 19.22
N SER A 323 23.54 2.19 20.07
CA SER A 323 22.18 1.93 20.49
C SER A 323 21.23 2.08 19.30
N THR A 324 20.40 1.05 19.08
CA THR A 324 19.40 1.14 18.02
C THR A 324 18.41 2.25 18.29
N ILE A 325 17.93 2.35 19.53
CA ILE A 325 17.05 3.43 19.94
C ILE A 325 17.94 4.54 20.50
N GLN A 326 17.77 5.75 19.96
CA GLN A 326 18.60 6.88 20.34
C GLN A 326 17.92 7.79 21.34
N LEU A 327 17.19 7.22 22.30
CA LEU A 327 16.45 7.97 23.30
C LEU A 327 16.74 7.40 24.68
N PRO A 328 16.56 8.18 25.74
CA PRO A 328 16.80 7.66 27.08
C PRO A 328 15.69 6.72 27.50
N PRO A 329 15.96 5.80 28.42
CA PRO A 329 14.90 4.91 28.91
C PRO A 329 14.14 5.47 30.10
N TRP A 330 14.25 6.77 30.33
CA TRP A 330 13.75 7.36 31.56
C TRP A 330 12.23 7.20 31.70
N LEU A 331 11.77 7.16 32.93
CA LEU A 331 10.35 7.20 33.27
C LEU A 331 10.21 7.98 34.57
N SER A 332 9.35 9.00 34.55
CA SER A 332 9.29 10.00 35.59
C SER A 332 7.84 10.34 35.92
N TYR A 333 7.67 11.12 36.98
CA TYR A 333 6.36 11.54 37.45
C TYR A 333 5.98 12.86 36.78
N HIS A 334 4.87 13.44 37.23
CA HIS A 334 4.46 14.76 36.78
C HIS A 334 5.26 15.84 37.50
N ASP A 335 5.04 17.08 37.09
CA ASP A 335 5.67 18.22 37.73
C ASP A 335 4.75 19.43 37.54
N VAL A 336 5.24 20.61 37.87
CA VAL A 336 4.44 21.82 37.73
C VAL A 336 4.04 22.00 36.28
N ASP A 337 2.79 22.39 36.06
CA ASP A 337 2.25 22.51 34.71
C ASP A 337 2.94 23.64 33.96
N GLY A 338 2.55 23.80 32.71
CA GLY A 338 3.04 24.87 31.87
C GLY A 338 4.36 24.52 31.19
N LYS A 339 4.75 25.39 30.27
CA LYS A 339 5.99 25.23 29.50
C LYS A 339 7.10 26.14 30.00
N ASP A 340 6.89 26.86 31.10
CA ASP A 340 7.89 27.78 31.59
C ASP A 340 9.11 27.03 32.11
N LEU A 341 10.25 27.72 32.13
CA LEU A 341 11.52 27.15 32.54
C LEU A 341 11.84 27.44 34.00
N CYS A 342 10.85 27.85 34.78
CA CYS A 342 11.08 28.14 36.20
C CYS A 342 11.72 26.97 36.94
N PRO A 343 11.34 25.71 36.73
CA PRO A 343 11.93 24.62 37.54
C PRO A 343 13.44 24.54 37.44
N LEU A 344 14.04 25.00 36.34
CA LEU A 344 15.49 24.92 36.22
C LEU A 344 16.20 25.69 37.32
N GLN A 345 15.59 26.75 37.82
CA GLN A 345 16.25 27.60 38.81
C GLN A 345 16.52 26.82 40.09
N GLY A 346 17.69 27.07 40.68
CA GLY A 346 18.02 26.48 41.96
C GLY A 346 18.43 25.03 41.91
N LEU A 347 19.06 24.58 40.83
CA LEU A 347 19.53 23.21 40.69
C LEU A 347 21.05 23.18 40.72
N ASP A 348 21.60 22.33 41.56
CA ASP A 348 23.06 22.20 41.71
C ASP A 348 23.50 20.95 40.93
N VAL A 349 23.79 21.14 39.66
CA VAL A 349 24.29 20.06 38.83
C VAL A 349 25.78 19.88 39.06
N ARG A 350 26.22 18.63 39.09
CA ARG A 350 27.62 18.28 39.30
C ARG A 350 28.12 17.44 38.13
N GLY A 351 29.41 17.16 38.14
CA GLY A 351 30.08 16.43 37.10
C GLY A 351 31.08 17.28 36.34
N ASP A 352 31.82 16.62 35.45
CA ASP A 352 32.84 17.27 34.65
C ASP A 352 32.73 16.96 33.16
N HIS A 353 31.76 16.15 32.76
CA HIS A 353 31.61 15.82 31.36
C HIS A 353 31.26 17.09 30.56
N PRO A 354 31.64 17.15 29.28
CA PRO A 354 31.31 18.36 28.51
C PRO A 354 29.83 18.71 28.53
N MET A 355 28.95 17.70 28.47
CA MET A 355 27.53 18.00 28.56
C MET A 355 27.16 18.46 29.96
N CYS A 356 27.83 17.92 30.99
CA CYS A 356 27.58 18.39 32.34
C CYS A 356 27.91 19.88 32.45
N ASN A 357 29.05 20.29 31.91
CA ASN A 357 29.41 21.71 31.96
C ASN A 357 28.45 22.54 31.13
N LEU A 358 28.03 22.03 29.98
CA LEU A 358 27.09 22.76 29.14
C LEU A 358 25.80 23.03 29.89
N TRP A 359 25.23 22.00 30.51
CA TRP A 359 23.98 22.19 31.24
C TRP A 359 24.20 22.98 32.53
N ARG A 360 25.40 22.94 33.10
CA ARG A 360 25.72 23.84 34.20
C ARG A 360 25.63 25.29 33.75
N GLU A 361 26.20 25.59 32.59
CA GLU A 361 26.06 26.94 32.03
C GLU A 361 24.60 27.27 31.78
N VAL A 362 23.84 26.30 31.28
CA VAL A 362 22.43 26.53 30.98
C VAL A 362 21.66 26.91 32.24
N VAL A 363 21.84 26.14 33.31
CA VAL A 363 21.14 26.43 34.55
C VAL A 363 21.63 27.73 35.14
N THR A 364 22.91 28.05 35.00
CA THR A 364 23.41 29.34 35.47
C THR A 364 22.71 30.48 34.76
N SER A 365 22.58 30.37 33.44
CA SER A 365 21.88 31.40 32.67
C SER A 365 20.42 31.50 33.10
N ALA A 366 19.77 30.36 33.31
CA ALA A 366 18.38 30.36 33.74
C ALA A 366 18.23 31.05 35.09
N ASN A 367 19.14 30.77 36.01
CA ASN A 367 19.12 31.46 37.30
C ASN A 367 19.33 32.96 37.11
N LEU A 368 20.21 33.34 36.20
CA LEU A 368 20.41 34.75 35.87
C LEU A 368 19.32 35.30 34.96
N GLU A 369 18.41 34.44 34.48
CA GLU A 369 17.26 34.88 33.68
C GLU A 369 17.71 35.59 32.42
N GLU A 370 18.77 35.10 31.79
CA GLU A 370 19.26 35.64 30.54
C GLU A 370 18.60 34.99 29.33
N ILE A 371 17.66 34.08 29.54
CA ILE A 371 17.01 33.38 28.44
C ILE A 371 16.00 34.30 27.80
N GLU A 372 16.05 34.41 26.47
CA GLU A 372 15.14 35.26 25.73
C GLU A 372 13.89 34.48 25.33
N ARG A 373 13.03 35.11 24.54
CA ARG A 373 11.81 34.48 24.06
C ARG A 373 11.57 34.81 22.59
N VAL A 412 9.32 29.05 22.86
CA VAL A 412 10.22 29.73 21.93
C VAL A 412 11.35 30.38 22.69
N TYR A 413 11.67 29.85 23.87
CA TYR A 413 12.73 30.40 24.69
C TYR A 413 14.08 30.16 24.04
N ILE A 414 14.91 31.20 23.98
CA ILE A 414 16.23 31.13 23.35
C ILE A 414 17.28 31.41 24.42
N ALA A 415 18.28 30.53 24.51
CA ALA A 415 19.30 30.65 25.53
C ALA A 415 20.34 31.70 25.17
N ALA A 416 20.92 31.59 23.97
CA ALA A 416 21.94 32.53 23.51
C ALA A 416 23.15 32.53 24.45
N LEU A 417 23.55 31.33 24.85
CA LEU A 417 24.68 31.18 25.74
C LEU A 417 25.96 31.63 25.04
N GLY A 418 27.00 31.85 25.86
CA GLY A 418 28.25 32.39 25.36
C GLY A 418 29.44 31.45 25.50
N VAL A 419 30.41 31.84 26.33
CA VAL A 419 31.63 31.07 26.47
C VAL A 419 31.31 29.64 26.90
N ASN A 420 32.18 28.71 26.55
CA ASN A 420 32.00 27.29 26.77
C ASN A 420 30.88 26.71 25.91
N GLY A 421 30.34 27.49 24.98
CA GLY A 421 29.37 26.99 24.04
C GLY A 421 30.03 26.19 22.94
N LYS A 422 31.33 26.35 22.79
CA LYS A 422 32.11 25.64 21.80
C LYS A 422 32.70 24.38 22.43
N LYS A 423 33.55 23.67 21.68
CA LYS A 423 34.17 22.39 22.04
C LYS A 423 33.18 21.22 21.94
N HIS A 424 31.91 21.53 21.74
CA HIS A 424 30.91 20.57 21.30
C HIS A 424 30.03 21.16 20.21
N LYS A 425 29.83 22.47 20.22
CA LYS A 425 29.14 23.18 19.15
C LYS A 425 30.06 24.26 18.59
N ALA A 426 30.87 23.84 17.63
CA ALA A 426 31.67 24.78 16.82
C ALA A 426 30.98 25.16 15.52
N ASP A 427 29.70 24.84 15.37
CA ASP A 427 28.88 24.99 14.18
C ASP A 427 29.26 23.91 13.16
N THR A 428 30.34 23.17 13.40
CA THR A 428 30.82 22.14 12.48
C THR A 428 31.15 20.83 13.15
N LEU A 429 31.34 20.81 14.47
CA LEU A 429 31.79 19.59 15.13
C LEU A 429 30.73 18.51 15.05
N VAL A 430 29.49 18.80 15.47
CA VAL A 430 28.48 17.74 15.61
C VAL A 430 28.19 17.08 14.28
N GLN A 431 28.03 17.88 13.23
CA GLN A 431 27.74 17.31 11.92
C GLN A 431 28.90 16.46 11.40
N GLN A 432 30.13 16.75 11.85
CA GLN A 432 31.22 15.83 11.60
C GLN A 432 31.06 14.56 12.44
N MET A 433 30.66 14.72 13.71
CA MET A 433 30.63 13.58 14.63
C MET A 433 29.67 12.50 14.16
N ARG A 434 28.42 12.87 13.88
CA ARG A 434 27.52 11.81 13.47
C ARG A 434 27.83 11.31 12.07
N ASP A 435 28.65 12.05 11.31
CA ASP A 435 29.17 11.55 10.04
C ASP A 435 30.20 10.46 10.22
N ARG A 436 30.69 10.23 11.44
CA ARG A 436 31.69 9.21 11.71
C ARG A 436 31.06 7.85 12.01
N SER A 437 29.82 7.64 11.58
CA SER A 437 29.12 6.37 11.79
C SER A 437 28.91 5.64 10.47
N LYS A 438 29.89 5.73 9.58
CA LYS A 438 29.83 5.09 8.27
C LYS A 438 30.40 3.68 8.26
N GLN A 439 31.06 3.26 9.34
CA GLN A 439 31.73 1.96 9.34
C GLN A 439 30.69 0.85 9.26
N PRO A 440 30.77 -0.08 8.30
CA PRO A 440 29.80 -1.17 8.26
C PRO A 440 29.93 -2.10 9.46
N PHE A 441 28.83 -2.78 9.77
CA PHE A 441 28.80 -3.70 10.90
C PHE A 441 29.15 -5.10 10.44
N SER A 442 30.02 -5.77 11.19
CA SER A 442 30.38 -7.13 10.88
C SER A 442 29.23 -8.07 11.21
N PRO A 443 29.05 -9.15 10.44
CA PRO A 443 28.02 -10.14 10.82
C PRO A 443 28.28 -10.78 12.16
N ASP A 444 29.54 -10.84 12.59
CA ASP A 444 29.89 -11.44 13.88
C ASP A 444 29.84 -10.44 15.02
N HIS A 445 29.21 -9.28 14.80
CA HIS A 445 29.11 -8.28 15.85
C HIS A 445 28.30 -8.81 17.03
N ASP A 446 28.69 -8.38 18.22
CA ASP A 446 27.99 -8.81 19.43
C ASP A 446 26.63 -8.13 19.51
N VAL A 447 25.57 -8.94 19.45
CA VAL A 447 24.20 -8.43 19.47
C VAL A 447 23.42 -9.14 20.56
N ASP A 448 24.11 -9.58 21.61
CA ASP A 448 23.45 -10.35 22.66
C ASP A 448 22.38 -9.52 23.37
N HIS A 449 22.66 -8.24 23.62
CA HIS A 449 21.70 -7.44 24.38
C HIS A 449 20.37 -7.33 23.67
N ILE A 450 20.35 -7.34 22.33
CA ILE A 450 19.08 -7.27 21.63
C ILE A 450 18.25 -8.50 21.93
N SER A 451 18.87 -9.68 21.85
CA SER A 451 18.16 -10.90 22.16
C SER A 451 17.70 -10.91 23.61
N GLU A 452 18.56 -10.45 24.53
CA GLU A 452 18.15 -10.39 25.93
C GLU A 452 16.93 -9.51 26.12
N PHE A 453 16.94 -8.33 25.51
CA PHE A 453 15.82 -7.41 25.66
C PHE A 453 14.54 -7.98 25.06
N LEU A 454 14.65 -8.61 23.89
CA LEU A 454 13.46 -9.03 23.17
C LEU A 454 12.74 -10.15 23.90
N SER A 455 13.40 -11.30 24.05
CA SER A 455 12.81 -12.49 24.65
C SER A 455 13.38 -12.61 26.06
N ALA A 456 12.59 -12.22 27.05
CA ALA A 456 12.99 -12.32 28.45
C ALA A 456 11.76 -12.12 29.32
N CYS A 457 11.91 -12.42 30.60
CA CYS A 457 10.82 -12.27 31.57
C CYS A 457 10.62 -10.78 31.83
N SER A 458 9.94 -10.14 30.89
CA SER A 458 9.69 -8.70 30.93
C SER A 458 8.22 -8.51 31.29
N SER A 459 7.93 -8.52 32.59
CA SER A 459 6.58 -8.31 33.09
C SER A 459 6.36 -6.90 33.61
N ASP A 460 7.42 -6.23 34.08
CA ASP A 460 7.29 -4.87 34.57
C ASP A 460 6.77 -3.91 33.50
N LEU A 461 6.92 -4.26 32.23
CA LEU A 461 6.45 -3.38 31.17
C LEU A 461 4.95 -3.13 31.25
N TRP A 462 4.20 -4.03 31.88
CA TRP A 462 2.74 -3.99 31.84
C TRP A 462 2.10 -3.74 33.20
N ALA A 463 2.87 -3.31 34.20
CA ALA A 463 2.32 -2.95 35.50
C ALA A 463 1.90 -1.49 35.46
N THR A 464 0.62 -1.23 35.69
CA THR A 464 0.02 0.09 35.52
C THR A 464 -0.29 0.66 36.91
N ASP A 465 0.69 1.33 37.49
CA ASP A 465 0.56 1.92 38.81
C ASP A 465 1.58 3.04 38.93
N GLU A 466 1.78 3.52 40.16
CA GLU A 466 2.83 4.48 40.53
C GLU A 466 2.56 5.88 40.03
N ASP A 467 1.47 6.11 39.29
CA ASP A 467 1.13 7.44 38.80
C ASP A 467 2.27 8.01 37.95
N LEU A 468 2.60 7.29 36.88
CA LEU A 468 3.63 7.74 35.98
C LEU A 468 3.16 8.94 35.19
N TYR A 469 4.12 9.68 34.65
CA TYR A 469 3.80 10.80 33.78
C TYR A 469 3.00 10.31 32.58
N SER A 470 1.89 10.98 32.30
CA SER A 470 1.00 10.56 31.22
C SER A 470 0.26 11.78 30.70
N PRO A 471 0.92 12.61 29.89
CA PRO A 471 0.30 13.86 29.47
C PRO A 471 -0.90 13.68 28.55
N LEU A 472 -1.08 12.51 27.96
CA LEU A 472 -2.13 12.28 26.97
C LEU A 472 -3.32 11.52 27.55
N SER A 473 -3.69 11.83 28.79
CA SER A 473 -4.82 11.21 29.47
C SER A 473 -5.75 12.27 30.02
N CYS A 474 -5.99 13.32 29.24
CA CYS A 474 -6.82 14.44 29.64
C CYS A 474 -8.11 14.54 28.85
N ASP A 475 -8.54 13.45 28.22
CA ASP A 475 -9.70 13.46 27.32
C ASP A 475 -10.72 12.40 27.74
N LYS A 476 -10.77 12.09 29.03
CA LYS A 476 -11.69 11.05 29.49
C LYS A 476 -13.14 11.46 29.25
N GLU A 477 -13.47 12.73 29.50
CA GLU A 477 -14.85 13.18 29.35
C GLU A 477 -15.31 13.06 27.91
N LEU A 478 -14.45 13.41 26.96
CA LEU A 478 -14.81 13.34 25.56
C LEU A 478 -15.10 11.89 25.14
N ARG A 479 -14.24 10.97 25.55
CA ARG A 479 -14.49 9.56 25.23
C ARG A 479 -15.77 9.07 25.89
N LEU A 480 -16.02 9.51 27.13
CA LEU A 480 -17.26 9.13 27.79
C LEU A 480 -18.47 9.60 27.01
N ALA A 481 -18.44 10.87 26.57
CA ALA A 481 -19.55 11.39 25.79
C ALA A 481 -19.72 10.60 24.50
N ALA A 482 -18.61 10.28 23.83
CA ALA A 482 -18.70 9.51 22.60
C ALA A 482 -19.32 8.14 22.86
N GLN A 483 -18.90 7.47 23.94
CA GLN A 483 -19.49 6.18 24.27
C GLN A 483 -20.96 6.31 24.58
N ARG A 484 -21.38 7.43 25.17
CA ARG A 484 -22.79 7.62 25.49
C ARG A 484 -23.68 7.58 24.26
N ILE A 485 -23.13 7.84 23.08
CA ILE A 485 -23.95 7.89 21.88
C ILE A 485 -24.58 6.52 21.61
N HIS A 486 -23.79 5.46 21.70
CA HIS A 486 -24.24 4.14 21.31
C HIS A 486 -24.70 3.28 22.48
N GLN A 487 -24.14 3.49 23.67
CA GLN A 487 -24.44 2.68 24.85
C GLN A 487 -24.79 3.60 26.00
N PRO A 488 -25.92 4.30 25.92
CA PRO A 488 -26.29 5.21 27.01
C PRO A 488 -26.44 4.52 28.35
N SER A 489 -26.99 3.31 28.38
CA SER A 489 -27.17 2.63 29.65
C SER A 489 -25.84 2.27 30.28
N LEU A 490 -24.96 1.63 29.51
CA LEU A 490 -23.65 1.27 30.05
C LEU A 490 -22.83 2.50 30.41
N SER A 491 -22.92 3.55 29.60
CA SER A 491 -22.14 4.76 29.87
C SER A 491 -22.46 5.37 31.23
N GLU A 492 -23.67 5.13 31.74
CA GLU A 492 -23.97 5.59 33.10
C GLU A 492 -23.03 4.94 34.11
N ARG A 493 -22.79 3.64 33.96
CA ARG A 493 -21.87 2.95 34.86
C ARG A 493 -20.46 3.46 34.69
N GLY A 494 -20.02 3.65 33.47
CA GLY A 494 -18.67 4.10 33.19
C GLY A 494 -18.23 3.64 31.81
N PHE A 495 -16.92 3.63 31.61
CA PHE A 495 -16.36 3.22 30.33
C PHE A 495 -16.63 1.75 30.07
N ASN A 496 -16.66 1.40 28.79
CA ASN A 496 -16.77 0.01 28.39
C ASN A 496 -15.40 -0.66 28.48
N GLU A 497 -15.34 -1.92 28.07
CA GLU A 497 -14.09 -2.67 28.16
C GLU A 497 -13.01 -2.06 27.29
N ILE A 498 -13.36 -1.65 26.07
CA ILE A 498 -12.35 -1.19 25.13
C ILE A 498 -11.68 0.07 25.65
N ILE A 499 -12.48 1.06 26.04
CA ILE A 499 -11.91 2.29 26.57
C ILE A 499 -11.16 2.01 27.87
N THR A 500 -11.69 1.08 28.68
CA THR A 500 -11.04 0.75 29.94
C THR A 500 -9.62 0.26 29.68
N GLU A 501 -9.45 -0.71 28.78
CA GLU A 501 -8.11 -1.18 28.49
C GLU A 501 -7.27 -0.15 27.75
N HIS A 502 -7.88 0.71 26.95
CA HIS A 502 -7.11 1.78 26.33
C HIS A 502 -6.44 2.64 27.40
N TYR A 503 -7.23 3.07 28.40
CA TYR A 503 -6.65 3.90 29.44
C TYR A 503 -5.71 3.11 30.33
N LYS A 504 -5.96 1.80 30.51
CA LYS A 504 -5.01 0.98 31.24
C LYS A 504 -3.66 0.96 30.53
N PHE A 505 -3.67 0.80 29.21
CA PHE A 505 -2.44 0.83 28.44
C PHE A 505 -1.77 2.19 28.51
N MET A 506 -2.56 3.27 28.46
CA MET A 506 -2.00 4.59 28.74
C MET A 506 -1.29 4.62 30.08
N GLY A 507 -1.85 3.96 31.08
CA GLY A 507 -1.25 3.96 32.40
C GLY A 507 -0.09 3.02 32.58
N SER A 508 0.27 2.26 31.55
CA SER A 508 1.37 1.32 31.66
C SER A 508 2.71 2.03 31.46
N ARG A 509 3.78 1.38 31.91
CA ARG A 509 5.11 1.92 31.72
C ARG A 509 5.40 2.16 30.24
N ILE A 510 5.16 1.16 29.40
CA ILE A 510 5.37 1.33 27.98
C ILE A 510 4.47 2.43 27.45
N GLY A 511 3.24 2.53 27.96
CA GLY A 511 2.37 3.60 27.55
C GLY A 511 2.94 4.97 27.88
N SER A 512 3.46 5.12 29.10
CA SER A 512 4.05 6.40 29.48
C SER A 512 5.23 6.74 28.60
N TRP A 513 6.11 5.76 28.35
CA TRP A 513 7.27 6.03 27.51
C TRP A 513 6.85 6.39 26.10
N CYS A 514 5.85 5.70 25.56
CA CYS A 514 5.37 6.01 24.22
C CYS A 514 4.80 7.41 24.15
N GLN A 515 4.02 7.80 25.16
CA GLN A 515 3.51 9.16 25.17
C GLN A 515 4.65 10.17 25.23
N MET A 516 5.66 9.89 26.05
CA MET A 516 6.79 10.80 26.16
C MET A 516 7.47 10.99 24.82
N VAL A 517 7.77 9.89 24.14
CA VAL A 517 8.47 10.01 22.85
C VAL A 517 7.58 10.69 21.82
N SER A 518 6.27 10.45 21.87
CA SER A 518 5.40 11.14 20.92
C SER A 518 5.41 12.64 21.15
N LEU A 519 5.40 13.06 22.41
CA LEU A 519 5.53 14.49 22.70
C LEU A 519 6.87 15.03 22.22
N ILE A 520 7.94 14.25 22.37
CA ILE A 520 9.23 14.69 21.84
C ILE A 520 9.13 14.92 20.35
N GLY A 521 8.52 13.98 19.63
CA GLY A 521 8.39 14.13 18.19
C GLY A 521 7.60 15.36 17.81
N ALA A 522 6.46 15.57 18.45
CA ALA A 522 5.64 16.73 18.15
C ALA A 522 6.39 18.02 18.45
N GLU A 523 7.10 18.06 19.57
CA GLU A 523 7.84 19.26 19.93
C GLU A 523 8.92 19.57 18.92
N LEU A 524 9.66 18.54 18.47
CA LEU A 524 10.69 18.78 17.46
C LEU A 524 10.08 19.25 16.15
N SER A 525 8.95 18.64 15.75
CA SER A 525 8.30 19.06 14.51
C SER A 525 7.83 20.50 14.60
N ALA A 526 7.39 20.93 15.77
CA ALA A 526 7.02 22.34 15.94
C ALA A 526 8.26 23.23 15.91
N SER A 527 9.34 22.79 16.57
CA SER A 527 10.53 23.62 16.69
C SER A 527 11.16 23.89 15.32
N VAL A 528 11.25 22.85 14.49
CA VAL A 528 11.96 23.00 13.21
C VAL A 528 11.31 24.07 12.34
N LYS A 529 10.03 24.32 12.52
CA LYS A 529 9.33 25.33 11.72
C LYS A 529 9.72 26.75 12.09
N GLN A 530 10.42 26.97 13.21
CA GLN A 530 10.67 28.32 13.69
C GLN A 530 11.71 29.04 12.84
N HIS A 531 12.94 28.54 12.85
CA HIS A 531 14.05 29.16 12.13
C HIS A 531 14.15 30.65 12.47
N VAL A 532 14.36 30.92 13.74
CA VAL A 532 14.45 32.29 14.24
C VAL A 532 15.79 32.62 14.88
N LYS A 533 16.53 31.62 15.37
CA LYS A 533 17.81 31.88 16.00
C LYS A 533 18.79 32.48 14.98
N PRO A 534 19.53 33.55 15.34
CA PRO A 534 20.64 33.93 14.48
C PRO A 534 21.75 32.88 14.48
N ASN A 535 22.30 32.62 15.68
CA ASN A 535 23.30 31.56 15.84
C ASN A 535 23.19 30.87 17.19
N TYR A 536 21.99 30.80 17.75
CA TYR A 536 21.82 30.50 19.16
C TYR A 536 21.34 29.06 19.35
N PHE A 537 21.16 28.68 20.62
CA PHE A 537 20.52 27.44 21.01
C PHE A 537 19.09 27.73 21.40
N VAL A 538 18.23 26.72 21.31
CA VAL A 538 16.84 26.87 21.74
C VAL A 538 16.52 25.79 22.76
N ILE A 539 16.12 26.21 23.95
CA ILE A 539 15.81 25.31 25.06
C ILE A 539 14.31 25.25 25.23
N LYS A 540 13.80 24.07 25.59
CA LYS A 540 12.37 23.88 25.77
C LYS A 540 12.12 22.85 26.86
N ARG A 541 10.90 22.88 27.40
CA ARG A 541 10.48 21.96 28.44
C ARG A 541 9.15 21.33 28.05
N LEU A 542 9.02 20.03 28.29
CA LEU A 542 7.77 19.35 28.02
C LEU A 542 6.69 19.81 28.99
N LEU A 543 5.44 19.70 28.55
CA LEU A 543 4.32 20.18 29.33
C LEU A 543 4.19 19.38 30.62
N GLY A 544 4.22 20.07 31.75
CA GLY A 544 3.98 19.43 33.04
C GLY A 544 4.92 18.29 33.34
N SER A 545 6.21 18.48 33.12
CA SER A 545 7.19 17.42 33.38
C SER A 545 8.57 18.04 33.49
N GLY A 546 9.51 17.24 34.01
CA GLY A 546 10.87 17.69 34.20
C GLY A 546 11.76 17.42 33.00
N ILE A 547 11.17 17.12 31.86
CA ILE A 547 11.93 16.85 30.66
C ILE A 547 12.34 18.17 30.01
N PHE A 548 13.62 18.29 29.66
CA PHE A 548 14.15 19.47 29.00
C PHE A 548 14.89 19.05 27.74
N LEU A 549 14.64 19.77 26.65
CA LEU A 549 15.26 19.51 25.36
C LEU A 549 16.07 20.72 24.94
N LEU A 550 17.36 20.54 24.75
CA LEU A 550 18.25 21.55 24.21
C LEU A 550 18.44 21.26 22.73
N ILE A 551 17.97 22.17 21.86
CA ILE A 551 17.81 21.91 20.45
C ILE A 551 18.67 22.87 19.66
N LYS A 552 19.20 22.38 18.55
CA LYS A 552 19.94 23.18 17.58
C LYS A 552 19.72 22.63 16.18
N PRO A 553 19.10 23.40 15.28
CA PRO A 553 19.24 23.11 13.84
C PRO A 553 20.49 23.76 13.26
N THR A 554 21.14 23.03 12.37
CA THR A 554 22.41 23.45 11.79
C THR A 554 22.17 24.07 10.42
N SER A 555 23.26 24.45 9.76
CA SER A 555 23.20 24.92 8.38
C SER A 555 22.91 23.80 7.39
N SER A 556 22.95 22.54 7.84
CA SER A 556 22.65 21.43 6.94
C SER A 556 21.22 21.48 6.45
N LYS A 557 20.29 21.90 7.31
CA LYS A 557 18.88 22.02 6.98
C LYS A 557 18.22 20.66 6.75
N SER A 558 18.90 19.59 7.12
CA SER A 558 18.35 18.24 7.00
C SER A 558 18.60 17.38 8.24
N HIS A 559 19.24 17.92 9.26
CA HIS A 559 19.47 17.20 10.50
C HIS A 559 19.28 18.16 11.67
N ILE A 560 18.65 17.67 12.73
CA ILE A 560 18.36 18.45 13.92
C ILE A 560 19.04 17.77 15.09
N PHE A 561 19.71 18.56 15.94
CA PHE A 561 20.49 18.02 17.04
C PHE A 561 19.80 18.33 18.35
N VAL A 562 19.65 17.30 19.19
CA VAL A 562 18.88 17.37 20.42
C VAL A 562 19.73 16.84 21.57
N SER A 563 19.51 17.41 22.76
CA SER A 563 20.09 16.90 23.99
C SER A 563 18.97 16.84 25.03
N PHE A 564 18.81 15.68 25.66
CA PHE A 564 17.75 15.47 26.65
C PHE A 564 18.30 15.60 28.06
N ALA A 565 17.47 16.14 28.95
CA ALA A 565 17.83 16.25 30.35
C ALA A 565 16.59 16.03 31.19
N ILE A 566 16.77 15.45 32.37
CA ILE A 566 15.68 15.18 33.29
C ILE A 566 16.14 15.49 34.71
N LYS A 567 15.24 16.07 35.51
CA LYS A 567 15.54 16.34 36.91
C LYS A 567 15.67 15.03 37.67
N ARG A 568 16.68 14.98 38.54
CA ARG A 568 16.86 13.78 39.36
C ARG A 568 15.64 13.56 40.26
N SER A 569 15.13 14.62 40.87
CA SER A 569 14.00 14.47 41.78
C SER A 569 12.75 13.95 41.06
N CYS A 570 12.59 14.26 39.78
CA CYS A 570 11.41 13.81 39.06
C CYS A 570 11.57 12.44 38.44
N TRP A 571 12.80 12.03 38.14
CA TRP A 571 13.04 10.75 37.51
C TRP A 571 12.66 9.62 38.46
N ALA A 572 11.74 8.75 38.02
CA ALA A 572 11.31 7.65 38.86
C ALA A 572 12.22 6.44 38.70
N PHE A 573 12.36 5.95 37.49
CA PHE A 573 13.24 4.82 37.22
C PHE A 573 13.47 4.73 35.71
N ASP A 574 14.06 3.62 35.28
CA ASP A 574 14.38 3.40 33.88
C ASP A 574 13.55 2.25 33.34
N LEU A 575 13.10 2.40 32.09
CA LEU A 575 12.29 1.36 31.47
C LEU A 575 13.05 0.05 31.37
N SER A 576 14.31 0.11 30.96
CA SER A 576 15.14 -1.09 30.86
C SER A 576 16.60 -0.67 30.87
N THR A 577 17.43 -1.50 31.48
CA THR A 577 18.85 -1.22 31.64
C THR A 577 19.69 -1.72 30.49
N SER A 578 19.07 -2.27 29.44
CA SER A 578 19.82 -2.85 28.34
C SER A 578 20.49 -1.76 27.52
N ARG A 579 21.48 -2.19 26.73
CA ARG A 579 22.18 -1.29 25.83
C ARG A 579 21.32 -0.81 24.67
N VAL A 580 20.12 -1.38 24.50
CA VAL A 580 19.29 -1.03 23.37
C VAL A 580 18.99 0.46 23.35
N PHE A 581 18.66 1.03 24.51
CA PHE A 581 18.37 2.45 24.59
C PHE A 581 19.65 3.25 24.71
N LYS A 582 19.53 4.54 24.44
CA LYS A 582 20.70 5.42 24.48
C LYS A 582 21.18 5.56 25.92
N PRO A 583 22.45 5.26 26.22
CA PRO A 583 22.94 5.49 27.58
C PRO A 583 22.99 6.98 27.89
N TYR A 584 22.86 7.30 29.16
CA TYR A 584 22.88 8.67 29.65
C TYR A 584 24.03 8.85 30.63
N ILE A 585 24.23 10.09 31.07
CA ILE A 585 25.32 10.45 31.97
C ILE A 585 24.71 11.05 33.22
N ASP A 586 25.11 10.55 34.38
CA ASP A 586 24.69 11.14 35.64
C ASP A 586 25.38 12.48 35.84
N ALA A 587 24.63 13.44 36.39
CA ALA A 587 25.19 14.75 36.70
C ALA A 587 24.68 15.29 38.03
N GLY A 588 24.24 14.42 38.93
CA GLY A 588 23.74 14.85 40.22
C GLY A 588 22.27 15.25 40.16
N ASP A 589 21.99 16.55 40.21
CA ASP A 589 20.62 17.01 40.17
C ASP A 589 19.93 16.68 38.86
N LEU A 590 20.69 16.42 37.80
CA LEU A 590 20.13 16.15 36.49
C LEU A 590 20.77 14.92 35.87
N LEU A 591 20.01 14.25 35.01
CA LEU A 591 20.52 13.19 34.17
C LEU A 591 20.43 13.65 32.73
N VAL A 592 21.54 13.53 32.00
CA VAL A 592 21.70 14.11 30.67
C VAL A 592 22.24 13.05 29.74
N THR A 593 21.95 13.20 28.45
CA THR A 593 22.47 12.36 27.39
C THR A 593 23.27 13.20 26.40
N ASP A 594 24.00 12.51 25.53
CA ASP A 594 24.78 13.19 24.52
C ASP A 594 23.89 13.70 23.39
N PHE A 595 24.45 14.55 22.55
CA PHE A 595 23.71 15.06 21.41
C PHE A 595 23.31 13.93 20.47
N VAL A 596 22.13 14.05 19.89
CA VAL A 596 21.57 13.07 18.97
C VAL A 596 21.09 13.80 17.73
N SER A 597 21.43 13.27 16.56
CA SER A 597 21.04 13.86 15.29
C SER A 597 19.85 13.09 14.73
N TYR A 598 18.86 13.82 14.24
CA TYR A 598 17.66 13.23 13.65
C TYR A 598 17.43 13.82 12.27
N LYS A 599 17.09 12.96 11.32
CA LYS A 599 16.66 13.40 10.01
C LYS A 599 15.22 13.91 10.07
N LEU A 600 14.90 14.84 9.17
CA LEU A 600 13.58 15.45 9.16
C LEU A 600 12.47 14.46 8.84
N SER A 601 12.78 13.33 8.21
CA SER A 601 11.77 12.35 7.88
C SER A 601 11.29 11.54 9.08
N LYS A 602 12.17 11.25 10.03
CA LYS A 602 11.82 10.39 11.14
C LYS A 602 10.82 11.03 12.10
N LEU A 603 10.74 12.36 12.14
CA LEU A 603 9.84 13.02 13.08
C LEU A 603 8.41 12.57 12.89
N THR A 604 8.00 12.28 11.66
CA THR A 604 6.66 11.75 11.44
C THR A 604 6.47 10.44 12.18
N ASN A 605 7.46 9.55 12.11
CA ASN A 605 7.37 8.31 12.87
C ASN A 605 7.35 8.58 14.36
N LEU A 606 8.16 9.53 14.82
CA LEU A 606 8.22 9.82 16.25
C LEU A 606 6.88 10.30 16.77
N CYS A 607 6.20 11.17 16.03
CA CYS A 607 4.94 11.73 16.51
C CYS A 607 3.90 10.64 16.72
N LYS A 608 3.78 9.72 15.77
CA LYS A 608 2.73 8.71 15.78
C LYS A 608 3.11 7.46 16.55
N CYS A 609 4.11 7.54 17.43
CA CYS A 609 4.63 6.33 18.06
C CYS A 609 3.57 5.65 18.92
N VAL A 610 2.90 6.41 19.79
CA VAL A 610 2.00 5.80 20.76
C VAL A 610 0.85 5.08 20.07
N SER A 611 0.24 5.73 19.08
CA SER A 611 -0.91 5.12 18.40
C SER A 611 -0.48 3.87 17.65
N LEU A 612 0.63 3.95 16.92
CA LEU A 612 1.12 2.79 16.18
C LEU A 612 1.42 1.64 17.13
N MET A 613 2.01 1.92 18.28
CA MET A 613 2.35 0.83 19.19
C MET A 613 1.13 0.23 19.84
N GLU A 614 0.15 1.06 20.23
CA GLU A 614 -1.10 0.50 20.72
C GLU A 614 -1.71 -0.43 19.68
N SER A 615 -1.73 0.02 18.42
CA SER A 615 -2.28 -0.81 17.34
C SER A 615 -1.52 -2.12 17.22
N SER A 616 -0.19 -2.04 17.16
CA SER A 616 0.61 -3.24 16.94
C SER A 616 0.45 -4.22 18.07
N PHE A 617 0.52 -3.75 19.31
CA PHE A 617 0.38 -4.64 20.45
C PHE A 617 -0.98 -5.30 20.46
N SER A 618 -2.05 -4.52 20.23
CA SER A 618 -3.37 -5.10 20.21
C SER A 618 -3.49 -6.17 19.13
N PHE A 619 -3.00 -5.87 17.92
CA PHE A 619 -3.11 -6.83 16.84
C PHE A 619 -2.34 -8.11 17.14
N TRP A 620 -1.11 -7.97 17.63
CA TRP A 620 -0.31 -9.16 17.90
C TRP A 620 -0.92 -10.00 19.01
N ALA A 621 -1.43 -9.35 20.06
CA ALA A 621 -2.11 -10.11 21.12
C ALA A 621 -3.33 -10.83 20.56
N GLU A 622 -4.09 -10.17 19.70
CA GLU A 622 -5.25 -10.80 19.10
C GLU A 622 -4.86 -12.00 18.25
N ALA A 623 -3.76 -11.88 17.49
CA ALA A 623 -3.39 -12.93 16.55
C ALA A 623 -3.12 -14.25 17.25
N PHE A 624 -2.56 -14.22 18.45
CA PHE A 624 -2.20 -15.43 19.17
C PHE A 624 -3.34 -15.96 20.03
N GLY A 625 -4.51 -15.34 19.98
CA GLY A 625 -5.68 -15.82 20.68
C GLY A 625 -6.07 -15.00 21.89
N ILE A 626 -5.19 -14.16 22.39
CA ILE A 626 -5.55 -13.32 23.54
C ILE A 626 -6.62 -12.34 23.11
N PRO A 627 -7.70 -12.17 23.87
CA PRO A 627 -8.72 -11.19 23.47
C PRO A 627 -8.13 -9.78 23.38
N SER A 628 -8.53 -9.05 22.33
CA SER A 628 -8.01 -7.71 22.14
C SER A 628 -8.44 -6.78 23.27
N TRP A 629 -9.70 -6.86 23.68
CA TRP A 629 -10.21 -5.98 24.72
C TRP A 629 -9.67 -6.35 26.09
N ASN A 630 -9.02 -7.50 26.25
CA ASN A 630 -8.37 -7.87 27.51
C ASN A 630 -7.07 -8.59 27.15
N PHE A 631 -5.99 -7.84 27.03
CA PHE A 631 -4.68 -8.41 26.73
C PHE A 631 -3.58 -7.95 27.66
N VAL A 632 -3.59 -6.68 28.07
CA VAL A 632 -2.47 -6.14 28.83
C VAL A 632 -2.30 -6.92 30.12
N GLY A 633 -3.39 -7.15 30.84
CA GLY A 633 -3.31 -7.98 32.04
C GLY A 633 -2.75 -9.35 31.73
N ASP A 634 -3.22 -9.96 30.64
CA ASP A 634 -2.68 -11.25 30.25
C ASP A 634 -1.19 -11.15 29.97
N LEU A 635 -0.75 -10.06 29.34
CA LEU A 635 0.69 -9.88 29.13
C LEU A 635 1.42 -9.76 30.45
N PHE A 636 0.80 -9.18 31.47
CA PHE A 636 1.46 -9.06 32.76
C PHE A 636 1.70 -10.43 33.38
N ARG A 637 0.71 -11.32 33.29
CA ARG A 637 0.84 -12.67 33.82
C ARG A 637 1.19 -13.64 32.69
N SER A 638 2.38 -13.43 32.13
CA SER A 638 2.87 -14.25 31.03
C SER A 638 3.05 -15.68 31.53
N SER A 639 2.18 -16.58 31.08
CA SER A 639 2.19 -17.97 31.53
C SER A 639 2.16 -18.98 30.40
N ASP A 640 2.14 -18.53 29.13
CA ASP A 640 2.10 -19.44 28.00
C ASP A 640 2.98 -18.86 26.89
N SER A 641 3.35 -19.74 25.96
CA SER A 641 4.16 -19.32 24.83
C SER A 641 3.50 -18.20 24.03
N ALA A 642 2.16 -18.16 24.01
CA ALA A 642 1.48 -17.12 23.24
C ALA A 642 1.82 -15.73 23.78
N ALA A 643 1.80 -15.56 25.10
CA ALA A 643 2.10 -14.25 25.67
C ALA A 643 3.53 -13.84 25.35
N MET A 644 4.47 -14.76 25.50
CA MET A 644 5.87 -14.42 25.21
C MET A 644 6.04 -14.06 23.75
N ASP A 645 5.41 -14.81 22.85
CA ASP A 645 5.53 -14.49 21.43
C ASP A 645 4.94 -13.13 21.13
N ALA A 646 3.78 -12.81 21.69
CA ALA A 646 3.16 -11.52 21.44
C ALA A 646 4.05 -10.39 21.94
N SER A 647 4.59 -10.52 23.15
CA SER A 647 5.48 -9.49 23.68
C SER A 647 6.72 -9.35 22.82
N TYR A 648 7.28 -10.47 22.39
CA TYR A 648 8.47 -10.45 21.54
C TYR A 648 8.18 -9.70 20.25
N MET A 649 7.02 -9.95 19.65
CA MET A 649 6.71 -9.31 18.38
C MET A 649 6.43 -7.84 18.56
N GLY A 650 5.77 -7.47 19.65
CA GLY A 650 5.58 -6.05 19.93
C GLY A 650 6.89 -5.33 20.11
N LYS A 651 7.83 -5.94 20.83
CA LYS A 651 9.14 -5.31 21.01
C LYS A 651 9.88 -5.21 19.69
N LEU A 652 9.76 -6.23 18.84
CA LEU A 652 10.40 -6.15 17.53
C LEU A 652 9.79 -5.03 16.70
N SER A 653 8.47 -4.86 16.78
CA SER A 653 7.84 -3.74 16.10
C SER A 653 8.38 -2.43 16.63
N LEU A 654 8.57 -2.34 17.94
CA LEU A 654 9.15 -1.14 18.54
C LEU A 654 10.50 -0.84 17.92
N LEU A 655 11.38 -1.84 17.90
CA LEU A 655 12.73 -1.63 17.39
C LEU A 655 12.71 -1.21 15.94
N THR A 656 11.99 -1.94 15.09
CA THR A 656 11.97 -1.61 13.67
C THR A 656 11.35 -0.25 13.41
N LEU A 657 10.29 0.12 14.12
CA LEU A 657 9.70 1.44 13.93
C LEU A 657 10.68 2.53 14.33
N LEU A 658 11.33 2.40 15.48
CA LEU A 658 12.26 3.44 15.90
C LEU A 658 13.50 3.49 15.02
N GLU A 659 13.83 2.41 14.32
CA GLU A 659 14.98 2.41 13.43
C GLU A 659 14.64 2.93 12.04
N ASP A 660 13.41 2.68 11.58
CA ASP A 660 12.84 3.19 10.33
C ASP A 660 13.84 3.24 9.17
N LYS A 661 14.66 2.21 9.03
CA LYS A 661 15.58 2.08 7.91
C LYS A 661 15.08 1.02 6.93
N ALA A 662 15.13 1.36 5.65
CA ALA A 662 14.51 0.51 4.64
C ALA A 662 15.13 -0.88 4.62
N ALA A 663 16.46 -0.96 4.67
CA ALA A 663 17.14 -2.25 4.60
C ALA A 663 16.60 -3.22 5.64
N THR A 664 16.30 -2.73 6.84
CA THR A 664 15.66 -3.57 7.84
C THR A 664 14.33 -4.09 7.34
N GLU A 665 13.55 -3.23 6.67
CA GLU A 665 12.25 -3.65 6.18
C GLU A 665 12.40 -4.75 5.12
N GLU A 666 13.34 -4.59 4.19
CA GLU A 666 13.54 -5.63 3.20
C GLU A 666 14.01 -6.93 3.84
N LEU A 667 14.93 -6.84 4.81
CA LEU A 667 15.35 -8.04 5.52
C LEU A 667 14.17 -8.73 6.17
N GLN A 668 13.28 -7.96 6.79
CA GLN A 668 12.09 -8.53 7.40
C GLN A 668 11.20 -9.21 6.36
N THR A 669 11.01 -8.57 5.21
CA THR A 669 10.15 -9.12 4.18
C THR A 669 10.70 -10.39 3.56
N ILE A 670 12.03 -10.54 3.51
CA ILE A 670 12.61 -11.73 2.89
C ILE A 670 12.12 -13.00 3.59
N ALA A 671 11.80 -12.91 4.88
CA ALA A 671 11.36 -14.08 5.61
C ALA A 671 10.15 -14.74 4.97
N ARG A 672 9.32 -13.95 4.26
CA ARG A 672 8.17 -14.52 3.58
C ARG A 672 8.61 -15.63 2.62
N TYR A 673 9.53 -15.30 1.71
CA TYR A 673 9.99 -16.29 0.75
C TYR A 673 10.85 -17.35 1.42
N ILE A 674 11.56 -16.98 2.49
CA ILE A 674 12.36 -17.95 3.20
C ILE A 674 11.49 -19.08 3.73
N ILE A 675 10.37 -18.72 4.35
CA ILE A 675 9.54 -19.74 5.00
C ILE A 675 8.53 -20.37 4.05
N MET A 676 8.12 -19.69 2.99
CA MET A 676 7.20 -20.30 2.06
C MET A 676 7.78 -21.56 1.42
N GLU A 677 9.10 -21.69 1.41
CA GLU A 677 9.75 -22.86 0.83
C GLU A 677 9.44 -24.14 1.59
N GLY A 678 8.93 -24.05 2.82
CA GLY A 678 8.72 -25.24 3.61
C GLY A 678 7.53 -26.09 3.20
N PHE A 679 6.70 -25.60 2.29
CA PHE A 679 5.53 -26.33 1.85
C PHE A 679 5.76 -27.12 0.57
N VAL A 680 6.99 -27.14 0.05
CA VAL A 680 7.26 -27.87 -1.18
C VAL A 680 7.16 -29.37 -0.90
N SER A 681 6.33 -30.04 -1.66
CA SER A 681 6.15 -31.48 -1.51
C SER A 681 7.11 -32.22 -2.43
N PRO A 682 7.27 -33.52 -2.25
CA PRO A 682 8.10 -34.30 -3.17
C PRO A 682 7.53 -34.23 -4.57
N PRO A 683 8.33 -34.55 -5.58
CA PRO A 683 9.72 -35.03 -5.52
C PRO A 683 10.69 -33.90 -5.33
N GLU A 684 10.25 -32.65 -5.46
CA GLU A 684 11.11 -31.51 -5.20
C GLU A 684 11.42 -31.43 -3.71
N ILE A 685 12.51 -30.73 -3.39
CA ILE A 685 12.91 -30.51 -2.01
C ILE A 685 13.03 -29.00 -1.79
N PRO A 686 12.81 -28.50 -0.57
CA PRO A 686 12.91 -27.06 -0.36
C PRO A 686 14.32 -26.55 -0.62
N LYS A 687 14.42 -25.34 -1.16
CA LYS A 687 15.69 -24.68 -1.41
C LYS A 687 15.62 -23.25 -0.90
N PRO A 688 15.46 -23.07 0.41
CA PRO A 688 15.41 -21.70 0.95
C PRO A 688 16.69 -20.93 0.70
N HIS A 689 17.85 -21.59 0.77
CA HIS A 689 19.12 -20.90 0.60
C HIS A 689 19.22 -20.16 -0.72
N LYS A 690 18.37 -20.45 -1.68
CA LYS A 690 18.39 -19.73 -2.95
C LYS A 690 18.04 -18.26 -2.81
N MET A 691 17.45 -17.85 -1.68
CA MET A 691 17.24 -16.43 -1.42
C MET A 691 18.47 -15.74 -0.87
N THR A 692 19.57 -16.46 -0.65
CA THR A 692 20.77 -15.85 -0.08
C THR A 692 21.26 -14.66 -0.90
N SER A 693 21.04 -14.67 -2.20
CA SER A 693 21.48 -13.58 -3.06
C SER A 693 20.73 -12.28 -2.82
N LYS A 694 19.63 -12.31 -2.07
CA LYS A 694 18.80 -11.14 -1.85
C LYS A 694 19.19 -10.35 -0.61
N PHE A 695 20.24 -10.75 0.09
CA PHE A 695 20.62 -10.05 1.31
C PHE A 695 21.10 -8.64 0.97
N PRO A 696 21.03 -7.71 1.93
CA PRO A 696 21.55 -6.36 1.67
C PRO A 696 23.05 -6.40 1.40
N LYS A 697 23.50 -5.46 0.57
CA LYS A 697 24.92 -5.41 0.24
C LYS A 697 25.76 -5.07 1.46
N VAL A 698 25.29 -4.17 2.31
CA VAL A 698 26.03 -3.71 3.47
C VAL A 698 25.11 -3.74 4.69
N LEU A 699 25.71 -3.80 5.87
CA LEU A 699 25.00 -3.81 7.13
C LEU A 699 25.20 -2.49 7.84
N ARG A 700 24.10 -1.89 8.30
CA ARG A 700 24.11 -0.54 8.85
C ARG A 700 23.77 -0.46 10.33
N SER A 701 23.21 -1.49 10.93
CA SER A 701 22.78 -1.41 12.32
C SER A 701 22.88 -2.78 12.97
N GLU A 702 22.99 -2.76 14.30
CA GLU A 702 23.01 -4.00 15.06
C GLU A 702 21.73 -4.79 14.85
N LEU A 703 20.59 -4.11 14.76
CA LEU A 703 19.34 -4.80 14.52
C LEU A 703 19.40 -5.61 13.24
N GLN A 704 20.01 -5.05 12.19
CA GLN A 704 20.14 -5.78 10.95
C GLN A 704 20.99 -7.03 11.14
N VAL A 705 22.05 -6.93 11.94
CA VAL A 705 22.89 -8.09 12.19
C VAL A 705 22.10 -9.18 12.90
N TYR A 706 21.34 -8.79 13.93
CA TYR A 706 20.54 -9.77 14.66
C TYR A 706 19.52 -10.42 13.74
N LEU A 707 18.86 -9.63 12.91
CA LEU A 707 17.88 -10.18 11.99
C LEU A 707 18.54 -11.12 11.00
N LEU A 708 19.72 -10.77 10.51
CA LEU A 708 20.43 -11.65 9.57
C LEU A 708 20.77 -12.98 10.22
N ASN A 709 21.23 -12.94 11.48
CA ASN A 709 21.55 -14.19 12.16
C ASN A 709 20.29 -15.04 12.33
N CYS A 710 19.18 -14.40 12.72
CA CYS A 710 17.93 -15.15 12.86
C CYS A 710 17.51 -15.77 11.54
N LEU A 711 17.63 -15.01 10.45
CA LEU A 711 17.26 -15.53 9.14
C LEU A 711 18.15 -16.70 8.75
N CYS A 712 19.44 -16.60 9.03
CA CYS A 712 20.35 -17.69 8.71
C CYS A 712 19.98 -18.95 9.47
N ARG A 713 19.69 -18.80 10.77
CA ARG A 713 19.28 -19.96 11.54
C ARG A 713 17.99 -20.56 10.99
N THR A 714 17.03 -19.70 10.63
CA THR A 714 15.77 -20.19 10.09
C THR A 714 16.00 -20.94 8.78
N ILE A 715 16.87 -20.40 7.92
CA ILE A 715 17.13 -21.03 6.64
C ILE A 715 17.76 -22.40 6.86
N GLN A 716 18.74 -22.47 7.76
CA GLN A 716 19.38 -23.76 8.03
C GLN A 716 18.35 -24.76 8.55
N ARG A 717 17.51 -24.34 9.50
CA ARG A 717 16.53 -25.24 10.07
C ARG A 717 15.54 -25.73 9.02
N ILE A 718 15.06 -24.83 8.17
CA ILE A 718 14.07 -25.21 7.17
C ILE A 718 14.69 -26.18 6.16
N ALA A 719 15.87 -25.82 5.64
CA ALA A 719 16.53 -26.71 4.69
C ALA A 719 16.80 -28.08 5.31
N GLY A 720 17.09 -28.12 6.60
CA GLY A 720 17.30 -29.40 7.25
C GLY A 720 16.06 -30.28 7.22
N GLU A 721 14.89 -29.68 7.42
CA GLU A 721 13.66 -30.45 7.57
C GLU A 721 12.44 -29.63 7.15
N PRO A 722 11.73 -29.99 6.08
CA PRO A 722 10.53 -29.24 5.72
C PRO A 722 9.38 -29.50 6.69
N PHE A 723 8.31 -28.73 6.50
CA PHE A 723 7.09 -28.97 7.26
C PHE A 723 6.52 -30.33 6.89
N ILE A 724 5.92 -31.00 7.87
CA ILE A 724 5.37 -32.34 7.67
C ILE A 724 3.87 -32.22 7.46
N LEU A 725 3.36 -32.90 6.44
CA LEU A 725 1.94 -32.90 6.15
C LEU A 725 1.22 -33.97 6.96
N LYS A 726 -0.06 -33.74 7.21
CA LYS A 726 -0.90 -34.69 7.95
C LYS A 726 -2.29 -34.67 7.33
N LYS A 727 -2.72 -35.81 6.81
CA LYS A 727 -3.98 -35.94 6.12
C LYS A 727 -4.82 -37.03 6.77
N LYS A 728 -6.09 -36.72 7.01
CA LYS A 728 -7.05 -37.72 7.47
C LYS A 728 -8.44 -37.11 7.39
N ASP A 729 -9.40 -37.90 6.90
CA ASP A 729 -10.80 -37.53 6.78
C ASP A 729 -10.98 -36.10 6.29
N GLY A 730 -10.21 -35.70 5.29
CA GLY A 730 -10.30 -34.35 4.78
C GLY A 730 -9.97 -33.30 5.81
N SER A 731 -8.92 -33.52 6.60
CA SER A 731 -8.52 -32.64 7.69
C SER A 731 -7.07 -32.23 7.51
N ILE A 732 -6.73 -31.77 6.30
CA ILE A 732 -5.37 -31.42 5.94
C ILE A 732 -4.77 -30.49 6.99
N SER A 733 -3.54 -30.78 7.40
CA SER A 733 -2.86 -30.00 8.43
C SER A 733 -1.36 -30.11 8.23
N TRP A 734 -0.63 -29.21 8.88
CA TRP A 734 0.82 -29.21 8.82
C TRP A 734 1.39 -29.27 10.23
N GLY A 735 2.67 -29.62 10.30
CA GLY A 735 3.36 -29.71 11.57
C GLY A 735 4.81 -29.33 11.40
N GLY A 736 5.40 -28.86 12.50
CA GLY A 736 6.77 -28.41 12.51
C GLY A 736 6.98 -26.94 12.24
N MET A 737 5.91 -26.19 11.97
CA MET A 737 6.07 -24.77 11.71
C MET A 737 6.60 -24.06 12.95
N PHE A 738 7.39 -23.02 12.71
CA PHE A 738 7.98 -22.24 13.78
C PHE A 738 8.14 -20.81 13.31
N ASN A 739 8.20 -19.89 14.25
CA ASN A 739 8.33 -18.49 13.91
C ASN A 739 9.69 -18.25 13.26
N PRO A 740 9.76 -17.50 12.17
CA PRO A 740 11.08 -17.27 11.54
C PRO A 740 12.06 -16.55 12.45
N PHE A 741 11.58 -15.67 13.33
CA PHE A 741 12.46 -14.84 14.15
C PHE A 741 12.68 -15.42 15.54
N SER A 742 11.60 -15.60 16.31
CA SER A 742 11.73 -16.17 17.64
C SER A 742 12.20 -17.62 17.57
N GLY A 743 11.73 -18.37 16.59
CA GLY A 743 12.02 -19.77 16.48
C GLY A 743 11.09 -20.67 17.27
N ARG A 744 10.15 -20.10 18.03
CA ARG A 744 9.24 -20.92 18.79
C ARG A 744 8.25 -21.61 17.85
N PRO A 745 7.67 -22.74 18.26
CA PRO A 745 6.71 -23.42 17.39
C PRO A 745 5.46 -22.59 17.18
N LEU A 746 4.81 -22.82 16.03
CA LEU A 746 3.56 -22.18 15.69
C LEU A 746 2.57 -23.24 15.21
N LEU A 747 1.28 -22.92 15.31
CA LEU A 747 0.23 -23.83 14.90
C LEU A 747 -0.87 -23.18 14.08
N ASP A 748 -0.88 -21.85 13.97
CA ASP A 748 -1.92 -21.14 13.25
C ASP A 748 -1.30 -20.41 12.06
N MET A 749 -1.92 -20.58 10.90
CA MET A 749 -1.38 -19.97 9.69
C MET A 749 -1.36 -18.45 9.80
N GLN A 750 -2.42 -17.86 10.34
CA GLN A 750 -2.56 -16.40 10.33
C GLN A 750 -1.40 -15.70 11.01
N PRO A 751 -1.02 -16.03 12.24
CA PRO A 751 0.14 -15.34 12.84
C PRO A 751 1.41 -15.53 12.04
N LEU A 752 1.59 -16.70 11.43
CA LEU A 752 2.78 -16.93 10.62
C LEU A 752 2.81 -15.96 9.43
N ILE A 753 1.72 -15.89 8.68
CA ILE A 753 1.68 -15.00 7.54
C ILE A 753 1.88 -13.56 7.98
N SER A 754 1.27 -13.18 9.11
CA SER A 754 1.49 -11.84 9.63
C SER A 754 2.97 -11.60 9.94
N CYS A 755 3.65 -12.60 10.49
CA CYS A 755 5.09 -12.48 10.72
C CYS A 755 5.81 -12.23 9.41
N CYS A 756 5.42 -12.92 8.34
CA CYS A 756 6.09 -12.75 7.07
C CYS A 756 5.98 -11.32 6.56
N TYR A 757 4.79 -10.72 6.66
CA TYR A 757 4.49 -9.45 6.03
C TYR A 757 4.69 -8.27 6.98
N ASN A 758 5.34 -8.49 8.11
CA ASN A 758 5.51 -7.42 9.09
C ASN A 758 6.25 -6.21 8.54
N GLY A 759 7.01 -6.38 7.47
CA GLY A 759 7.83 -5.30 6.95
C GLY A 759 7.08 -4.21 6.23
N TYR A 760 5.75 -4.27 6.18
CA TYR A 760 4.95 -3.26 5.49
C TYR A 760 4.25 -2.38 6.52
N PHE A 761 4.73 -1.15 6.64
CA PHE A 761 4.19 -0.16 7.55
C PHE A 761 3.84 1.11 6.78
N LYS A 762 3.10 0.95 5.69
CA LYS A 762 2.72 2.07 4.83
C LYS A 762 2.24 3.27 5.63
N ASN A 763 2.96 4.38 5.55
CA ASN A 763 2.53 5.64 6.13
C ASN A 763 2.02 6.62 5.09
N LYS A 764 2.22 6.34 3.81
CA LYS A 764 1.65 7.12 2.72
C LYS A 764 2.16 8.56 2.74
N GLU A 765 3.48 8.69 2.65
CA GLU A 765 4.12 9.99 2.50
C GLU A 765 4.24 10.29 1.01
N GLU A 766 3.49 11.28 0.55
CA GLU A 766 3.50 11.68 -0.87
C GLU A 766 4.47 12.84 -1.08
N GLU A 767 5.75 12.56 -0.81
CA GLU A 767 6.80 13.56 -0.96
C GLU A 767 8.02 12.95 -1.61
N THR A 768 9.06 13.76 -1.82
CA THR A 768 10.28 13.31 -2.47
C THR A 768 11.24 12.72 -1.45
N GLU A 769 12.42 12.33 -1.93
CA GLU A 769 13.44 11.72 -1.08
C GLU A 769 14.79 11.88 -1.76
N PRO A 770 15.45 13.05 -1.61
CA PRO A 770 16.70 13.30 -2.34
C PRO A 770 17.83 12.36 -1.97
N SER A 771 17.98 12.07 -0.68
CA SER A 771 19.12 11.29 -0.23
C SER A 771 18.99 9.84 -0.66
N SER A 772 20.06 9.29 -1.25
CA SER A 772 20.16 7.87 -1.54
C SER A 772 18.99 7.37 -2.39
N LEU A 773 18.82 7.94 -3.58
CA LEU A 773 17.83 7.45 -4.53
C LEU A 773 18.45 6.86 -5.77
N SER A 774 19.78 6.69 -5.82
CA SER A 774 20.44 6.25 -7.04
C SER A 774 19.92 4.89 -7.49
N GLY A 775 19.50 4.04 -6.55
CA GLY A 775 19.03 2.72 -6.94
C GLY A 775 17.92 2.78 -7.96
N MET A 776 16.94 3.67 -7.74
CA MET A 776 15.91 3.92 -8.74
C MET A 776 16.53 4.09 -10.11
N TYR A 777 17.45 5.05 -10.24
CA TYR A 777 18.12 5.27 -11.52
C TYR A 777 18.87 4.01 -11.94
N LYS A 778 19.56 3.37 -11.00
CA LYS A 778 20.23 2.12 -11.31
C LYS A 778 19.24 1.11 -11.88
N LYS A 779 18.03 1.08 -11.32
CA LYS A 779 17.04 0.10 -11.76
C LYS A 779 16.64 0.29 -13.21
N ILE A 780 16.96 1.44 -13.80
CA ILE A 780 16.60 1.68 -15.19
C ILE A 780 17.71 1.26 -16.15
N ILE A 781 18.93 1.05 -15.66
CA ILE A 781 20.09 0.97 -16.52
C ILE A 781 20.62 -0.45 -16.64
N GLU A 782 20.39 -1.28 -15.63
CA GLU A 782 21.15 -2.53 -15.52
C GLU A 782 21.00 -3.41 -16.75
N LEU A 783 19.89 -3.33 -17.47
CA LEU A 783 19.67 -4.13 -18.65
C LEU A 783 19.95 -3.39 -19.95
N GLU A 784 19.96 -2.06 -19.93
CA GLU A 784 20.06 -1.33 -21.19
C GLU A 784 21.38 -1.63 -21.90
N HIS A 785 22.48 -1.75 -21.14
CA HIS A 785 23.76 -2.06 -21.73
C HIS A 785 23.81 -3.46 -22.34
N LEU A 786 22.84 -4.31 -22.03
CA LEU A 786 22.79 -5.67 -22.56
C LEU A 786 21.99 -5.78 -23.84
N ARG A 787 21.56 -4.66 -24.41
CA ARG A 787 20.77 -4.71 -25.63
C ARG A 787 21.59 -5.37 -26.73
N PRO A 788 21.02 -6.28 -27.52
CA PRO A 788 21.80 -6.89 -28.61
C PRO A 788 22.25 -5.84 -29.60
N GLN A 789 23.48 -6.01 -30.09
CA GLN A 789 24.01 -5.11 -31.11
C GLN A 789 23.25 -5.24 -32.43
N SER A 790 22.54 -6.35 -32.64
CA SER A 790 21.76 -6.57 -33.84
C SER A 790 20.32 -6.87 -33.45
N ASP A 791 19.39 -6.48 -34.31
CA ASP A 791 17.97 -6.65 -34.05
C ASP A 791 17.41 -7.93 -34.69
N ALA A 792 18.28 -8.81 -35.18
CA ALA A 792 17.81 -10.02 -35.85
C ALA A 792 16.93 -10.87 -34.95
N PHE A 793 17.15 -10.80 -33.63
CA PHE A 793 16.38 -11.59 -32.67
C PHE A 793 15.39 -10.72 -31.89
N LEU A 794 14.99 -9.58 -32.45
CA LEU A 794 13.96 -8.73 -31.85
C LEU A 794 12.65 -8.80 -32.62
N GLY A 795 12.48 -9.82 -33.47
CA GLY A 795 11.27 -9.97 -34.24
C GLY A 795 11.49 -10.37 -35.68
N TYR A 796 12.74 -10.61 -36.06
CA TYR A 796 13.06 -11.04 -37.42
C TYR A 796 13.23 -12.55 -37.53
N LYS A 797 14.03 -13.15 -36.65
CA LYS A 797 14.31 -14.57 -36.66
C LYS A 797 14.01 -15.16 -35.29
N ASP A 798 14.28 -16.46 -35.14
CA ASP A 798 13.97 -17.20 -33.93
C ASP A 798 15.26 -17.63 -33.25
N PRO A 799 15.65 -17.05 -32.11
CA PRO A 799 16.89 -17.50 -31.46
C PRO A 799 16.80 -18.93 -30.99
N GLU A 800 17.92 -19.65 -31.10
CA GLU A 800 17.99 -21.00 -30.54
C GLU A 800 18.18 -20.95 -29.02
N LEU A 801 19.05 -20.07 -28.55
CA LEU A 801 19.30 -19.88 -27.12
C LEU A 801 18.99 -18.43 -26.79
N PRO A 802 17.77 -18.09 -26.39
CA PRO A 802 17.42 -16.68 -26.22
C PRO A 802 18.29 -16.00 -25.18
N ARG A 803 18.68 -14.76 -25.48
CA ARG A 803 19.40 -13.91 -24.55
C ARG A 803 18.43 -12.88 -23.98
N MET A 804 18.95 -11.91 -23.22
CA MET A 804 18.08 -10.86 -22.69
C MET A 804 17.45 -10.07 -23.83
N HIS A 805 16.19 -9.68 -23.64
CA HIS A 805 15.41 -8.86 -24.55
C HIS A 805 15.05 -9.58 -25.85
N GLU A 806 15.45 -10.83 -26.04
CA GLU A 806 15.19 -11.56 -27.27
C GLU A 806 13.98 -12.47 -27.09
N PHE A 807 13.31 -12.76 -28.21
CA PHE A 807 12.14 -13.63 -28.19
C PHE A 807 11.99 -14.27 -29.56
N SER A 808 11.20 -15.34 -29.59
CA SER A 808 11.01 -16.14 -30.80
C SER A 808 9.75 -15.70 -31.51
N VAL A 809 9.86 -15.42 -32.81
CA VAL A 809 8.71 -15.01 -33.60
C VAL A 809 7.74 -16.17 -33.76
N SER A 810 8.27 -17.34 -34.14
CA SER A 810 7.40 -18.48 -34.44
C SER A 810 6.60 -18.90 -33.21
N TYR A 811 7.25 -18.92 -32.04
CA TYR A 811 6.52 -19.28 -30.83
C TYR A 811 5.42 -18.29 -30.55
N LEU A 812 5.69 -17.00 -30.73
CA LEU A 812 4.67 -16.00 -30.48
C LEU A 812 3.48 -16.19 -31.41
N LYS A 813 3.74 -16.43 -32.70
CA LYS A 813 2.65 -16.63 -33.64
C LYS A 813 1.87 -17.90 -33.31
N GLU A 814 2.57 -18.95 -32.90
CA GLU A 814 1.88 -20.18 -32.52
C GLU A 814 0.97 -19.94 -31.31
N ALA A 815 1.46 -19.19 -30.33
CA ALA A 815 0.64 -18.87 -29.17
C ALA A 815 -0.57 -18.05 -29.58
N CYS A 816 -0.39 -17.11 -30.50
CA CYS A 816 -1.52 -16.34 -31.01
C CYS A 816 -2.56 -17.24 -31.65
N ASN A 817 -2.10 -18.19 -32.48
CA ASN A 817 -3.03 -19.10 -33.13
C ASN A 817 -3.77 -19.95 -32.10
N HIS A 818 -3.06 -20.44 -31.09
CA HIS A 818 -3.70 -21.26 -30.07
C HIS A 818 -4.74 -20.46 -29.30
N ALA A 819 -4.42 -19.22 -28.94
CA ALA A 819 -5.39 -18.38 -28.26
C ALA A 819 -6.60 -18.12 -29.14
N LYS A 820 -6.37 -17.89 -30.43
CA LYS A 820 -7.49 -17.67 -31.34
C LYS A 820 -8.37 -18.91 -31.40
N LEU A 821 -7.77 -20.09 -31.43
CA LEU A 821 -8.56 -21.32 -31.43
C LEU A 821 -9.38 -21.44 -30.16
N VAL A 822 -8.78 -21.11 -29.01
CA VAL A 822 -9.52 -21.18 -27.76
C VAL A 822 -10.71 -20.23 -27.79
N LEU A 823 -10.49 -19.00 -28.27
CA LEU A 823 -11.57 -18.04 -28.34
C LEU A 823 -12.66 -18.52 -29.29
N ARG A 824 -12.27 -19.12 -30.41
CA ARG A 824 -13.26 -19.66 -31.34
C ARG A 824 -14.10 -20.73 -30.65
N SER A 825 -13.46 -21.61 -29.89
CA SER A 825 -14.18 -22.66 -29.18
C SER A 825 -15.14 -22.05 -28.17
N LEU A 826 -14.72 -21.00 -27.48
CA LEU A 826 -15.55 -20.43 -26.41
C LEU A 826 -16.70 -19.60 -26.95
N TYR A 827 -16.38 -18.54 -27.69
CA TYR A 827 -17.38 -17.55 -28.10
C TYR A 827 -17.90 -17.79 -29.52
N GLY A 828 -17.59 -18.92 -30.13
CA GLY A 828 -18.04 -19.19 -31.47
C GLY A 828 -17.14 -18.59 -32.53
N GLN A 829 -17.57 -18.75 -33.78
CA GLN A 829 -16.73 -18.38 -34.92
C GLN A 829 -16.65 -16.87 -35.13
N ASN A 830 -17.63 -16.11 -34.66
CA ASN A 830 -17.70 -14.67 -34.91
C ASN A 830 -17.04 -13.86 -33.81
N PHE A 831 -16.00 -14.40 -33.19
CA PHE A 831 -15.37 -13.70 -32.08
C PHE A 831 -14.66 -12.43 -32.52
N MET A 832 -14.18 -12.38 -33.75
CA MET A 832 -13.52 -11.17 -34.23
C MET A 832 -14.46 -9.97 -34.25
N GLU A 833 -15.67 -10.15 -34.79
CA GLU A 833 -16.59 -9.03 -34.83
C GLU A 833 -17.07 -8.66 -33.42
N GLN A 834 -17.19 -9.64 -32.53
CA GLN A 834 -17.52 -9.32 -31.15
C GLN A 834 -16.43 -8.45 -30.54
N ILE A 835 -15.17 -8.80 -30.79
CA ILE A 835 -14.06 -7.99 -30.29
C ILE A 835 -14.12 -6.59 -30.89
N ASP A 836 -14.42 -6.50 -32.18
CA ASP A 836 -14.49 -5.19 -32.83
C ASP A 836 -15.58 -4.33 -32.20
N ASN A 837 -16.75 -4.92 -31.96
CA ASN A 837 -17.83 -4.17 -31.32
C ASN A 837 -17.42 -3.74 -29.91
N GLN A 838 -16.78 -4.65 -29.17
CA GLN A 838 -16.36 -4.32 -27.82
C GLN A 838 -15.40 -3.13 -27.83
N ILE A 839 -14.41 -3.16 -28.72
CA ILE A 839 -13.43 -2.08 -28.73
C ILE A 839 -14.07 -0.78 -29.19
N ILE A 840 -14.99 -0.86 -30.16
CA ILE A 840 -15.68 0.36 -30.60
C ILE A 840 -16.44 0.97 -29.44
N ARG A 841 -17.16 0.13 -28.69
CA ARG A 841 -17.89 0.63 -27.53
C ARG A 841 -16.94 1.25 -26.51
N GLU A 842 -15.82 0.58 -26.24
CA GLU A 842 -14.89 1.10 -25.25
C GLU A 842 -14.35 2.45 -25.66
N LEU A 843 -13.93 2.60 -26.92
CA LEU A 843 -13.43 3.89 -27.37
C LEU A 843 -14.52 4.95 -27.40
N SER A 844 -15.76 4.57 -27.68
CA SER A 844 -16.84 5.55 -27.70
C SER A 844 -16.98 6.22 -26.34
N GLY A 845 -16.79 5.48 -25.25
CA GLY A 845 -16.87 6.01 -23.91
C GLY A 845 -15.59 6.57 -23.36
N LEU A 846 -14.52 6.65 -24.15
CA LEU A 846 -13.24 7.18 -23.69
C LEU A 846 -13.23 8.67 -23.98
N THR A 847 -13.66 9.46 -22.99
CA THR A 847 -13.82 10.89 -23.15
C THR A 847 -12.65 11.65 -22.53
N LEU A 848 -12.55 12.92 -22.91
CA LEU A 848 -11.57 13.80 -22.27
C LEU A 848 -11.78 13.86 -20.77
N GLU A 849 -13.03 13.75 -20.32
CA GLU A 849 -13.33 13.94 -18.91
C GLU A 849 -12.68 12.88 -18.04
N ARG A 850 -12.80 11.60 -18.41
CA ARG A 850 -12.35 10.54 -17.52
C ARG A 850 -10.85 10.61 -17.28
N LEU A 851 -10.07 11.03 -18.28
CA LEU A 851 -8.66 11.29 -18.07
C LEU A 851 -8.40 12.55 -17.28
N ALA A 852 -9.37 13.47 -17.22
CA ALA A 852 -9.18 14.76 -16.57
C ALA A 852 -9.30 14.65 -15.06
N THR A 853 -8.37 13.89 -14.48
CA THR A 853 -8.21 13.76 -13.04
C THR A 853 -6.92 14.43 -12.62
N LEU A 854 -6.76 14.63 -11.31
CA LEU A 854 -5.65 15.45 -10.82
C LEU A 854 -4.31 14.86 -11.23
N LYS A 855 -3.96 13.71 -10.66
CA LYS A 855 -2.75 12.94 -11.00
C LYS A 855 -1.58 13.90 -11.16
N ALA A 856 -0.80 13.83 -12.24
CA ALA A 856 0.28 14.77 -12.47
C ALA A 856 0.75 14.61 -13.90
N THR A 857 1.44 15.63 -14.41
CA THR A 857 2.03 15.61 -15.74
C THR A 857 3.40 16.25 -15.69
N SER A 858 4.20 15.98 -16.72
CA SER A 858 5.55 16.51 -16.84
C SER A 858 5.55 17.58 -17.92
N ASN A 859 6.16 18.72 -17.61
CA ASN A 859 6.34 19.80 -18.57
C ASN A 859 7.67 19.67 -19.31
N PHE A 860 8.19 18.45 -19.44
CA PHE A 860 9.53 18.24 -19.97
C PHE A 860 9.51 18.43 -21.48
N ASN A 861 10.26 19.42 -21.95
CA ASN A 861 10.42 19.68 -23.37
C ASN A 861 11.92 19.79 -23.67
N GLU A 862 12.24 20.12 -24.91
CA GLU A 862 13.63 20.34 -25.29
C GLU A 862 14.26 21.48 -24.52
N ASN A 863 13.46 22.37 -23.94
CA ASN A 863 14.01 23.50 -23.18
C ASN A 863 14.77 23.04 -21.95
N TRP A 864 14.48 21.85 -21.43
CA TRP A 864 15.10 21.35 -20.20
C TRP A 864 16.20 20.33 -20.48
N TYR A 865 16.66 20.22 -21.72
CA TYR A 865 17.65 19.21 -22.04
C TYR A 865 19.00 19.54 -21.43
N VAL A 866 19.44 20.80 -21.52
CA VAL A 866 20.76 21.20 -21.06
C VAL A 866 20.67 21.69 -19.63
N TYR A 867 21.46 21.09 -18.75
CA TYR A 867 21.42 21.48 -17.35
C TYR A 867 21.88 22.91 -17.15
N LYS A 868 22.90 23.36 -17.88
CA LYS A 868 23.41 24.71 -17.70
C LYS A 868 22.35 25.76 -17.99
N ASP A 869 21.52 25.54 -19.01
CA ASP A 869 20.50 26.53 -19.35
C ASP A 869 19.53 26.75 -18.21
N VAL A 870 19.11 25.67 -17.54
CA VAL A 870 18.19 25.74 -16.42
C VAL A 870 18.92 25.23 -15.18
N ALA A 871 19.32 26.16 -14.32
CA ALA A 871 19.99 25.82 -13.07
C ALA A 871 19.29 26.46 -11.88
N ASP A 872 18.59 27.57 -12.13
CA ASP A 872 17.87 28.28 -11.08
C ASP A 872 16.37 28.04 -11.10
N LYS A 873 15.78 27.85 -12.29
CA LYS A 873 14.35 27.65 -12.38
C LYS A 873 13.96 26.32 -11.76
N ASN A 874 12.97 26.35 -10.88
CA ASN A 874 12.53 25.13 -10.19
C ASN A 874 11.50 24.41 -11.06
N TYR A 875 11.77 23.14 -11.34
CA TYR A 875 10.84 22.36 -12.15
C TYR A 875 9.53 22.18 -11.39
N THR A 876 8.43 22.27 -12.13
CA THR A 876 7.08 22.15 -11.57
C THR A 876 6.30 21.10 -12.34
N ARG A 877 5.50 20.33 -11.62
CA ARG A 877 4.67 19.29 -12.22
C ARG A 877 3.26 19.82 -12.40
N ASP A 878 2.80 19.83 -13.65
CA ASP A 878 1.45 20.30 -13.94
C ASP A 878 0.44 19.18 -13.77
N LYS A 879 -0.80 19.58 -13.53
CA LYS A 879 -1.91 18.64 -13.41
C LYS A 879 -2.53 18.38 -14.78
N LEU A 880 -3.08 17.18 -14.92
CA LEU A 880 -3.79 16.84 -16.17
C LEU A 880 -4.96 17.78 -16.41
N LEU A 881 -5.50 18.38 -15.35
CA LEU A 881 -6.73 19.16 -15.49
C LEU A 881 -6.56 20.28 -16.50
N VAL A 882 -5.52 21.10 -16.34
CA VAL A 882 -5.38 22.28 -17.19
C VAL A 882 -5.15 21.87 -18.64
N LYS A 883 -4.28 20.90 -18.88
CA LYS A 883 -3.98 20.51 -20.24
C LYS A 883 -5.20 19.88 -20.91
N MET A 884 -5.88 18.99 -20.20
CA MET A 884 -7.06 18.35 -20.79
C MET A 884 -8.15 19.39 -21.05
N SER A 885 -8.34 20.33 -20.13
CA SER A 885 -9.35 21.35 -20.34
C SER A 885 -9.01 22.20 -21.55
N LYS A 886 -7.74 22.58 -21.70
CA LYS A 886 -7.32 23.34 -22.87
C LYS A 886 -7.59 22.55 -24.14
N TYR A 887 -7.27 21.26 -24.14
CA TYR A 887 -7.51 20.46 -25.33
C TYR A 887 -8.99 20.37 -25.65
N ALA A 888 -9.83 20.15 -24.63
CA ALA A 888 -11.27 20.07 -24.84
C ALA A 888 -11.87 21.38 -25.32
N SER A 889 -11.31 22.51 -24.87
CA SER A 889 -11.83 23.81 -25.30
C SER A 889 -11.80 23.96 -26.82
N GLU A 890 -10.90 23.25 -27.50
CA GLU A 890 -10.89 23.29 -28.95
C GLU A 890 -12.18 22.74 -29.55
N GLY A 891 -12.88 21.87 -28.84
CA GLY A 891 -14.14 21.31 -29.30
C GLY A 891 -14.06 19.82 -29.58
N LYS A 892 -13.24 19.11 -28.80
CA LYS A 892 -13.06 17.67 -28.95
C LYS A 892 -13.70 16.97 -27.76
N SER A 893 -14.54 15.97 -28.06
CA SER A 893 -15.33 15.28 -27.05
C SER A 893 -14.70 13.98 -26.57
N LEU A 894 -14.23 13.15 -27.48
CA LEU A 894 -13.62 11.87 -27.13
C LEU A 894 -12.11 11.99 -27.13
N ALA A 895 -11.47 11.26 -26.21
CA ALA A 895 -10.02 11.31 -26.12
C ALA A 895 -9.36 10.81 -27.39
N ILE A 896 -10.03 9.96 -28.17
CA ILE A 896 -9.44 9.52 -29.42
C ILE A 896 -9.30 10.69 -30.39
N GLN A 897 -10.23 11.65 -30.34
CA GLN A 897 -10.29 12.72 -31.32
C GLN A 897 -8.97 13.49 -31.45
N LYS A 898 -8.23 13.65 -30.36
CA LYS A 898 -6.97 14.39 -30.38
C LYS A 898 -5.76 13.48 -30.44
N PHE A 899 -5.94 12.26 -30.93
CA PHE A 899 -4.83 11.33 -31.01
C PHE A 899 -3.83 11.73 -32.09
N GLU A 900 -4.28 11.72 -33.34
CA GLU A 900 -3.38 11.86 -34.48
C GLU A 900 -2.46 13.06 -34.32
N ASP A 901 -3.05 14.25 -34.25
CA ASP A 901 -2.26 15.47 -34.10
C ASP A 901 -1.27 15.34 -32.96
N CYS A 902 -1.73 14.85 -31.81
CA CYS A 902 -0.84 14.73 -30.66
C CYS A 902 0.37 13.88 -31.02
N MET A 903 0.15 12.72 -31.63
CA MET A 903 1.30 11.87 -31.94
C MET A 903 2.24 12.56 -32.92
N ARG A 904 1.71 13.38 -33.83
CA ARG A 904 2.59 14.09 -34.74
C ARG A 904 3.58 14.94 -33.95
N GLN A 905 3.10 15.62 -32.91
CA GLN A 905 4.02 16.35 -32.04
C GLN A 905 5.08 15.41 -31.48
N ILE A 906 4.65 14.25 -30.96
CA ILE A 906 5.61 13.27 -30.49
C ILE A 906 6.55 12.87 -31.62
N GLU A 907 6.01 12.67 -32.82
CA GLU A 907 6.86 12.33 -33.95
C GLU A 907 7.88 13.43 -34.22
N SER A 908 7.52 14.69 -34.01
CA SER A 908 8.52 15.74 -34.11
C SER A 908 9.58 15.59 -33.04
N GLN A 909 9.17 15.28 -31.81
CA GLN A 909 10.14 15.08 -30.74
C GLN A 909 10.95 13.82 -30.97
N GLY A 910 10.29 12.73 -31.32
CA GLY A 910 10.97 11.47 -31.55
C GLY A 910 11.39 10.73 -30.30
N CYS A 911 10.85 11.09 -29.14
CA CYS A 911 11.25 10.44 -27.90
C CYS A 911 10.26 10.79 -26.79
N MET A 912 10.13 9.87 -25.84
CA MET A 912 9.33 10.14 -24.65
C MET A 912 10.00 11.20 -23.80
N HIS A 913 9.17 11.95 -23.07
CA HIS A 913 9.63 13.06 -22.24
C HIS A 913 9.30 12.79 -20.78
N ILE A 914 9.65 11.60 -20.29
CA ILE A 914 9.16 11.18 -18.98
C ILE A 914 9.97 11.84 -17.87
N CYS A 915 9.35 12.00 -16.72
CA CYS A 915 10.01 12.43 -15.50
C CYS A 915 9.69 11.45 -14.38
N LEU A 916 10.55 11.43 -13.37
CA LEU A 916 10.48 10.44 -12.30
C LEU A 916 10.06 11.06 -10.99
N PHE A 917 9.59 10.20 -10.09
CA PHE A 917 9.18 10.63 -8.75
C PHE A 917 9.36 9.47 -7.78
N LYS A 918 10.07 9.75 -6.69
CA LYS A 918 10.33 8.80 -5.61
C LYS A 918 9.48 9.21 -4.41
N LYS A 919 8.55 8.34 -4.02
CA LYS A 919 7.84 8.53 -2.77
C LYS A 919 8.71 8.07 -1.60
N GLN A 920 8.71 8.86 -0.53
CA GLN A 920 9.49 8.54 0.65
C GLN A 920 8.77 7.58 1.58
N GLN A 921 7.58 7.13 1.22
CA GLN A 921 6.89 6.12 2.01
C GLN A 921 7.70 4.83 2.02
N HIS A 922 7.67 4.15 3.16
CA HIS A 922 8.43 2.91 3.35
C HIS A 922 7.59 1.69 2.97
N GLY A 923 7.32 1.56 1.68
CA GLY A 923 6.56 0.42 1.20
C GLY A 923 6.45 0.35 -0.31
N GLY A 924 5.29 -0.07 -0.81
CA GLY A 924 5.11 -0.26 -2.23
C GLY A 924 4.85 1.03 -2.98
N LEU A 925 4.93 0.93 -4.31
CA LEU A 925 4.62 2.03 -5.22
C LEU A 925 5.48 3.26 -4.92
N ARG A 926 6.74 3.04 -4.55
CA ARG A 926 7.67 4.15 -4.44
C ARG A 926 7.93 4.76 -5.81
N GLU A 927 8.09 3.93 -6.82
CA GLU A 927 8.38 4.36 -8.19
C GLU A 927 7.15 5.05 -8.77
N ILE A 928 7.35 6.21 -9.39
CA ILE A 928 6.32 6.83 -10.22
C ILE A 928 6.98 7.42 -11.45
N TYR A 929 6.39 7.15 -12.62
CA TYR A 929 6.86 7.66 -13.90
C TYR A 929 5.82 8.66 -14.41
N VAL A 930 5.96 9.92 -14.01
CA VAL A 930 5.06 10.95 -14.50
C VAL A 930 5.40 11.22 -15.96
N MET A 931 4.38 11.52 -16.76
CA MET A 931 4.50 11.45 -18.20
C MET A 931 3.56 12.44 -18.86
N GLY A 932 3.96 12.89 -20.05
CA GLY A 932 3.35 14.05 -20.68
C GLY A 932 1.98 13.79 -21.25
N ALA A 933 1.31 14.88 -21.63
CA ALA A 933 -0.09 14.83 -22.04
C ALA A 933 -0.27 14.00 -23.31
N GLU A 934 0.55 14.28 -24.34
CA GLU A 934 0.41 13.52 -25.58
C GLU A 934 0.73 12.05 -25.36
N GLU A 935 1.79 11.78 -24.60
CA GLU A 935 2.07 10.41 -24.22
C GLU A 935 0.90 9.82 -23.44
N ARG A 936 0.27 10.61 -22.58
CA ARG A 936 -0.84 10.10 -21.80
C ARG A 936 -2.01 9.69 -22.68
N ILE A 937 -2.37 10.54 -23.65
CA ILE A 937 -3.52 10.23 -24.51
C ILE A 937 -3.22 8.99 -25.36
N VAL A 938 -2.01 8.92 -25.92
CA VAL A 938 -1.67 7.76 -26.75
C VAL A 938 -1.68 6.49 -25.92
N GLN A 939 -1.03 6.52 -24.74
CA GLN A 939 -0.99 5.35 -23.88
C GLN A 939 -2.39 4.98 -23.41
N SER A 940 -3.25 5.96 -23.18
CA SER A 940 -4.62 5.65 -22.80
C SER A 940 -5.33 4.89 -23.90
N VAL A 941 -5.16 5.31 -25.15
CA VAL A 941 -5.77 4.57 -26.26
C VAL A 941 -5.25 3.15 -26.30
N VAL A 942 -3.92 3.01 -26.19
CA VAL A 942 -3.32 1.67 -26.31
C VAL A 942 -3.79 0.77 -25.19
N GLU A 943 -3.81 1.27 -23.95
CA GLU A 943 -4.24 0.45 -22.83
C GLU A 943 -5.73 0.15 -22.92
N THR A 944 -6.53 1.08 -23.41
CA THR A 944 -7.95 0.79 -23.59
C THR A 944 -8.14 -0.36 -24.54
N ILE A 945 -7.45 -0.35 -25.67
CA ILE A 945 -7.63 -1.44 -26.62
C ILE A 945 -7.08 -2.74 -26.04
N ALA A 946 -5.96 -2.67 -25.31
CA ALA A 946 -5.42 -3.88 -24.70
C ALA A 946 -6.41 -4.49 -23.71
N ARG A 947 -7.00 -3.67 -22.85
CA ARG A 947 -7.99 -4.17 -21.91
C ARG A 947 -9.20 -4.73 -22.63
N SER A 948 -9.64 -4.06 -23.69
CA SER A 948 -10.79 -4.55 -24.44
C SER A 948 -10.51 -5.95 -24.98
N ILE A 949 -9.36 -6.15 -25.60
CA ILE A 949 -9.08 -7.47 -26.15
C ILE A 949 -8.91 -8.48 -25.03
N GLY A 950 -8.30 -8.09 -23.91
CA GLY A 950 -8.02 -9.04 -22.85
C GLY A 950 -9.21 -9.43 -22.00
N LYS A 951 -10.28 -8.63 -22.01
CA LYS A 951 -11.43 -8.94 -21.16
C LYS A 951 -12.03 -10.30 -21.49
N PHE A 952 -11.90 -10.75 -22.74
CA PHE A 952 -12.56 -11.99 -23.14
C PHE A 952 -11.98 -13.22 -22.46
N PHE A 953 -10.75 -13.14 -21.96
CA PHE A 953 -10.09 -14.28 -21.34
C PHE A 953 -10.46 -14.37 -19.87
N ALA A 954 -11.07 -15.49 -19.48
CA ALA A 954 -11.55 -15.64 -18.11
C ALA A 954 -10.38 -15.63 -17.12
N SER A 955 -9.30 -16.33 -17.44
CA SER A 955 -8.22 -16.49 -16.48
C SER A 955 -7.49 -15.19 -16.17
N ASP A 956 -7.70 -14.14 -16.96
CA ASP A 956 -7.03 -12.86 -16.71
C ASP A 956 -7.68 -12.18 -15.51
N THR A 957 -7.00 -12.20 -14.38
CA THR A 957 -7.54 -11.57 -13.17
C THR A 957 -7.67 -10.07 -13.34
N LEU A 958 -6.70 -9.42 -13.99
CA LEU A 958 -6.73 -7.97 -14.12
C LEU A 958 -8.01 -7.49 -14.78
N CYS A 959 -8.36 -8.07 -15.92
CA CYS A 959 -9.56 -7.65 -16.63
C CYS A 959 -10.84 -8.15 -15.98
N ASN A 960 -10.76 -9.18 -15.14
CA ASN A 960 -11.92 -9.76 -14.47
C ASN A 960 -11.59 -9.94 -13.00
N PRO A 961 -11.61 -8.85 -12.23
CA PRO A 961 -11.26 -8.95 -10.80
C PRO A 961 -12.12 -9.97 -10.08
N PRO A 962 -13.41 -10.10 -10.40
CA PRO A 962 -14.20 -11.17 -9.75
C PRO A 962 -13.63 -12.55 -9.97
N ASN A 963 -13.05 -12.82 -11.14
CA ASN A 963 -12.51 -14.15 -11.40
C ASN A 963 -11.40 -14.48 -10.41
N LYS A 964 -10.68 -13.47 -9.93
CA LYS A 964 -9.58 -13.71 -9.01
C LYS A 964 -10.05 -14.49 -7.78
N VAL A 965 -11.13 -14.04 -7.15
CA VAL A 965 -11.66 -14.77 -6.02
C VAL A 965 -12.55 -15.93 -6.44
N LYS A 966 -13.12 -15.89 -7.64
CA LYS A 966 -14.02 -16.96 -8.05
C LYS A 966 -13.26 -18.26 -8.31
N ILE A 967 -12.15 -18.19 -9.03
CA ILE A 967 -11.52 -19.40 -9.54
C ILE A 967 -11.05 -20.33 -8.42
N PRO A 968 -10.26 -19.87 -7.44
CA PRO A 968 -9.81 -20.82 -6.40
C PRO A 968 -10.93 -21.46 -5.64
N GLU A 969 -12.00 -20.72 -5.35
CA GLU A 969 -13.08 -21.28 -4.55
C GLU A 969 -13.81 -22.39 -5.30
N THR A 970 -14.14 -22.15 -6.57
CA THR A 970 -14.80 -23.16 -7.36
C THR A 970 -13.86 -24.25 -7.85
N HIS A 971 -12.55 -24.08 -7.63
CA HIS A 971 -11.60 -25.09 -8.08
C HIS A 971 -11.88 -26.44 -7.44
N GLY A 972 -12.07 -26.46 -6.11
CA GLY A 972 -12.32 -27.73 -5.45
C GLY A 972 -13.61 -28.39 -5.92
N ILE A 973 -14.67 -27.60 -6.08
CA ILE A 973 -15.94 -28.15 -6.52
C ILE A 973 -15.80 -28.75 -7.91
N ARG A 974 -15.15 -28.02 -8.82
CA ARG A 974 -14.97 -28.55 -10.17
C ARG A 974 -14.11 -29.80 -10.14
N ALA A 975 -13.07 -29.82 -9.31
CA ALA A 975 -12.21 -31.00 -9.24
C ALA A 975 -12.99 -32.21 -8.75
N ARG A 976 -13.80 -32.04 -7.72
CA ARG A 976 -14.59 -33.16 -7.23
C ARG A 976 -15.60 -33.61 -8.28
N LYS A 977 -16.23 -32.67 -8.98
CA LYS A 977 -17.18 -33.05 -10.03
C LYS A 977 -16.50 -33.83 -11.13
N GLN A 978 -15.29 -33.41 -11.52
CA GLN A 978 -14.63 -34.04 -12.66
C GLN A 978 -14.02 -35.38 -12.29
N CYS A 979 -13.19 -35.41 -11.25
CA CYS A 979 -12.55 -36.65 -10.85
C CYS A 979 -13.54 -37.65 -10.30
N LYS A 980 -14.69 -37.20 -9.80
CA LYS A 980 -15.72 -38.10 -9.29
C LYS A 980 -15.19 -38.93 -8.11
N GLY A 981 -14.49 -38.28 -7.19
CA GLY A 981 -13.94 -38.95 -6.05
C GLY A 981 -12.95 -38.10 -5.29
N PRO A 982 -12.22 -38.69 -4.36
CA PRO A 982 -11.19 -37.94 -3.64
C PRO A 982 -10.15 -37.38 -4.61
N VAL A 983 -9.68 -36.17 -4.32
CA VAL A 983 -8.83 -35.43 -5.22
C VAL A 983 -7.53 -35.09 -4.50
N TRP A 984 -6.51 -34.78 -5.30
CA TRP A 984 -5.24 -34.27 -4.82
C TRP A 984 -4.86 -33.06 -5.66
N THR A 985 -4.38 -32.03 -4.99
CA THR A 985 -4.11 -30.73 -5.60
C THR A 985 -2.64 -30.39 -5.48
N CYS A 986 -2.04 -29.99 -6.60
CA CYS A 986 -0.72 -29.41 -6.63
C CYS A 986 -0.82 -28.00 -7.20
N ALA A 987 0.13 -27.15 -6.85
CA ALA A 987 0.03 -25.75 -7.22
C ALA A 987 1.40 -25.11 -7.23
N THR A 988 1.48 -23.94 -7.85
CA THR A 988 2.68 -23.12 -7.74
C THR A 988 2.34 -21.67 -8.00
N SER A 989 3.04 -20.79 -7.29
CA SER A 989 2.94 -19.35 -7.46
C SER A 989 4.28 -18.83 -7.94
N ASP A 990 4.26 -18.03 -9.00
CA ASP A 990 5.48 -17.56 -9.65
C ASP A 990 5.46 -16.05 -9.78
N ASP A 991 6.65 -15.47 -9.75
CA ASP A 991 6.85 -14.04 -9.95
C ASP A 991 7.94 -13.84 -10.99
N ALA A 992 7.85 -12.73 -11.71
CA ALA A 992 8.75 -12.45 -12.82
C ALA A 992 10.01 -11.75 -12.33
N ARG A 993 11.08 -11.90 -13.10
CA ARG A 993 12.37 -11.29 -12.79
C ARG A 993 12.61 -10.12 -13.75
N LYS A 994 12.82 -8.93 -13.18
CA LYS A 994 12.99 -7.71 -13.97
C LYS A 994 11.90 -7.59 -15.04
N TRP A 995 10.66 -7.71 -14.59
CA TRP A 995 9.54 -7.65 -15.52
C TRP A 995 9.47 -6.33 -16.25
N ASN A 996 9.65 -5.22 -15.52
CA ASN A 996 9.42 -3.91 -16.12
C ASN A 996 10.44 -3.59 -17.20
N GLN A 997 11.72 -3.85 -16.95
CA GLN A 997 12.78 -3.44 -17.85
C GLN A 997 13.29 -4.60 -18.71
N GLY A 998 12.61 -5.74 -18.71
CA GLY A 998 13.02 -6.88 -19.48
C GLY A 998 12.36 -7.04 -20.83
N HIS A 999 11.32 -6.26 -21.13
CA HIS A 999 10.52 -6.46 -22.31
C HIS A 999 10.90 -5.47 -23.40
N PHE A 1000 11.05 -5.96 -24.62
CA PHE A 1000 11.05 -5.11 -25.80
C PHE A 1000 9.61 -4.90 -26.26
N VAL A 1001 9.42 -3.85 -27.07
CA VAL A 1001 8.07 -3.38 -27.35
C VAL A 1001 7.48 -3.96 -28.63
N THR A 1002 8.30 -4.42 -29.57
CA THR A 1002 7.79 -4.85 -30.86
C THR A 1002 6.78 -5.98 -30.72
N LYS A 1003 7.07 -6.94 -29.84
CA LYS A 1003 6.17 -8.07 -29.68
C LYS A 1003 4.77 -7.64 -29.27
N PHE A 1004 4.66 -6.59 -28.45
CA PHE A 1004 3.35 -6.08 -28.07
C PHE A 1004 2.59 -5.63 -29.32
N ALA A 1005 3.24 -4.85 -30.18
CA ALA A 1005 2.58 -4.39 -31.38
C ALA A 1005 2.16 -5.55 -32.26
N LEU A 1006 3.05 -6.53 -32.44
CA LEU A 1006 2.72 -7.68 -33.28
C LEU A 1006 1.49 -8.41 -32.75
N MET A 1007 1.52 -8.79 -31.47
CA MET A 1007 0.44 -9.59 -30.93
C MET A 1007 -0.86 -8.79 -30.88
N LEU A 1008 -0.80 -7.49 -30.61
CA LEU A 1008 -2.01 -6.68 -30.64
C LEU A 1008 -2.59 -6.63 -32.05
N CYS A 1009 -1.74 -6.45 -33.06
CA CYS A 1009 -2.26 -6.44 -34.42
C CYS A 1009 -2.85 -7.77 -34.83
N GLU A 1010 -2.34 -8.88 -34.29
CA GLU A 1010 -2.91 -10.18 -34.63
C GLU A 1010 -4.36 -10.31 -34.19
N PHE A 1011 -4.76 -9.57 -33.16
CA PHE A 1011 -6.09 -9.72 -32.56
C PHE A 1011 -7.06 -8.63 -33.00
N THR A 1012 -6.71 -7.83 -34.00
CA THR A 1012 -7.52 -6.69 -34.39
C THR A 1012 -7.65 -6.63 -35.90
N SER A 1013 -8.71 -5.97 -36.35
CA SER A 1013 -8.93 -5.79 -37.78
C SER A 1013 -7.91 -4.80 -38.34
N PRO A 1014 -7.71 -4.79 -39.66
CA PRO A 1014 -6.67 -3.92 -40.23
C PRO A 1014 -6.84 -2.45 -39.91
N LYS A 1015 -8.08 -1.97 -39.76
CA LYS A 1015 -8.29 -0.54 -39.56
C LYS A 1015 -7.64 -0.03 -38.29
N TRP A 1016 -7.41 -0.89 -37.31
CA TRP A 1016 -6.74 -0.50 -36.07
C TRP A 1016 -5.23 -0.64 -36.13
N TRP A 1017 -4.70 -1.30 -37.16
CA TRP A 1017 -3.26 -1.53 -37.23
C TRP A 1017 -2.45 -0.25 -37.16
N PRO A 1018 -2.70 0.77 -37.99
CA PRO A 1018 -1.93 2.01 -37.85
C PRO A 1018 -2.07 2.64 -36.49
N LEU A 1019 -3.21 2.48 -35.83
CA LEU A 1019 -3.36 2.99 -34.48
C LEU A 1019 -2.41 2.29 -33.52
N ILE A 1020 -2.08 1.03 -33.78
CA ILE A 1020 -1.30 0.22 -32.85
C ILE A 1020 0.19 0.34 -33.11
N ILE A 1021 0.63 -0.01 -34.32
CA ILE A 1021 2.06 -0.05 -34.61
C ILE A 1021 2.69 1.30 -34.34
N ARG A 1022 2.02 2.38 -34.71
CA ARG A 1022 2.51 3.71 -34.37
C ARG A 1022 2.54 3.89 -32.86
N GLY A 1023 1.41 3.61 -32.20
CA GLY A 1023 1.29 3.90 -30.78
C GLY A 1023 2.32 3.16 -29.94
N CYS A 1024 2.85 2.06 -30.43
CA CYS A 1024 3.88 1.33 -29.71
C CYS A 1024 5.28 1.85 -30.02
N SER A 1025 5.51 2.27 -31.27
CA SER A 1025 6.87 2.64 -31.68
C SER A 1025 7.45 3.75 -30.82
N MET A 1026 6.58 4.61 -30.27
CA MET A 1026 7.04 5.71 -29.46
C MET A 1026 7.80 5.26 -28.22
N PHE A 1027 7.68 4.00 -27.83
CA PHE A 1027 8.41 3.49 -26.68
C PHE A 1027 9.84 3.09 -27.01
N THR A 1028 10.22 3.04 -28.28
CA THR A 1028 11.56 2.59 -28.64
C THR A 1028 12.65 3.57 -28.23
N ARG A 1029 12.30 4.77 -27.80
CA ARG A 1029 13.29 5.76 -27.39
C ARG A 1029 12.63 6.69 -26.38
N LYS A 1030 13.15 6.72 -25.16
CA LYS A 1030 12.56 7.50 -24.08
C LYS A 1030 13.64 8.23 -23.31
N ARG A 1031 13.37 9.49 -22.96
CA ARG A 1031 14.28 10.30 -22.17
C ARG A 1031 13.63 10.59 -20.83
N MET A 1032 14.33 10.26 -19.76
CA MET A 1032 13.84 10.39 -18.40
C MET A 1032 14.62 11.49 -17.69
N MET A 1033 13.91 12.50 -17.19
CA MET A 1033 14.57 13.51 -16.38
C MET A 1033 14.98 12.94 -15.02
N MET A 1034 15.91 13.63 -14.37
CA MET A 1034 16.30 13.33 -13.00
C MET A 1034 15.93 14.50 -12.11
N ASN A 1035 16.10 14.32 -10.80
CA ASN A 1035 15.89 15.42 -9.88
C ASN A 1035 16.96 16.49 -10.09
N LEU A 1036 16.51 17.73 -10.19
CA LEU A 1036 17.45 18.83 -10.43
C LEU A 1036 18.45 18.95 -9.30
N ASN A 1037 17.99 18.78 -8.05
CA ASN A 1037 18.91 18.82 -6.93
C ASN A 1037 19.97 17.74 -7.03
N TYR A 1038 19.61 16.57 -7.57
CA TYR A 1038 20.59 15.51 -7.75
C TYR A 1038 21.72 15.96 -8.65
N LEU A 1039 21.39 16.56 -9.80
CA LEU A 1039 22.42 17.05 -10.70
C LEU A 1039 23.19 18.21 -10.08
N LYS A 1040 22.52 19.08 -9.33
CA LYS A 1040 23.23 20.16 -8.67
C LYS A 1040 24.29 19.62 -7.73
N ILE A 1041 23.93 18.60 -6.95
CA ILE A 1041 24.91 17.97 -6.07
C ILE A 1041 26.03 17.33 -6.89
N LEU A 1042 25.65 16.60 -7.95
CA LEU A 1042 26.64 15.85 -8.72
C LEU A 1042 27.66 16.78 -9.37
N ASP A 1043 27.21 17.91 -9.89
CA ASP A 1043 28.12 18.80 -10.63
C ASP A 1043 29.25 19.29 -9.74
N GLY A 1044 28.94 19.68 -8.51
CA GLY A 1044 29.95 20.21 -7.60
C GLY A 1044 30.42 19.18 -6.59
N HIS A 1045 30.54 17.93 -7.01
CA HIS A 1045 30.97 16.85 -6.13
C HIS A 1045 32.36 16.32 -6.43
N ARG A 1046 32.89 16.58 -7.61
CA ARG A 1046 34.25 16.18 -7.97
C ARG A 1046 34.35 14.65 -7.93
N GLU A 1047 35.52 14.11 -7.61
CA GLU A 1047 35.77 12.68 -7.69
C GLU A 1047 35.55 12.02 -6.33
N LEU A 1048 35.70 10.69 -6.31
CA LEU A 1048 35.54 9.90 -5.09
C LEU A 1048 34.18 10.17 -4.45
N ASP A 1049 33.16 10.27 -5.31
CA ASP A 1049 31.83 10.63 -4.84
C ASP A 1049 31.27 9.58 -3.90
N ILE A 1050 31.22 8.33 -4.37
CA ILE A 1050 30.73 7.22 -3.55
C ILE A 1050 31.17 5.94 -4.24
N ARG A 1051 31.27 4.86 -3.47
CA ARG A 1051 31.80 3.60 -3.99
C ARG A 1051 30.86 2.92 -4.97
N ASP A 1052 29.60 3.34 -5.07
CA ASP A 1052 28.70 2.77 -6.06
C ASP A 1052 29.21 3.08 -7.46
N ASP A 1053 29.43 2.03 -8.24
CA ASP A 1053 29.96 2.21 -9.58
C ASP A 1053 29.00 2.98 -10.48
N PHE A 1054 27.70 2.86 -10.23
CA PHE A 1054 26.73 3.56 -11.07
C PHE A 1054 26.91 5.07 -10.97
N VAL A 1055 27.12 5.58 -9.75
CA VAL A 1055 27.35 7.01 -9.58
C VAL A 1055 28.62 7.42 -10.29
N MET A 1056 29.67 6.60 -10.20
CA MET A 1056 30.92 6.90 -10.90
C MET A 1056 30.68 7.01 -12.39
N ASP A 1057 29.95 6.04 -12.95
CA ASP A 1057 29.69 6.07 -14.39
C ASP A 1057 28.88 7.29 -14.78
N LEU A 1058 27.86 7.62 -13.99
CA LEU A 1058 27.05 8.79 -14.29
C LEU A 1058 27.88 10.06 -14.24
N PHE A 1059 28.73 10.19 -13.22
CA PHE A 1059 29.56 11.38 -13.11
C PHE A 1059 30.52 11.48 -14.29
N LYS A 1060 31.16 10.37 -14.67
CA LYS A 1060 32.09 10.41 -15.78
C LYS A 1060 31.38 10.75 -17.09
N ALA A 1061 30.20 10.19 -17.31
CA ALA A 1061 29.46 10.48 -18.53
C ALA A 1061 29.01 11.93 -18.57
N TYR A 1062 28.51 12.44 -17.45
CA TYR A 1062 27.99 13.81 -17.43
C TYR A 1062 29.08 14.82 -17.77
N HIS A 1063 30.30 14.58 -17.33
CA HIS A 1063 31.43 15.44 -17.65
C HIS A 1063 32.15 15.03 -18.91
N GLY A 1064 31.68 14.00 -19.61
CA GLY A 1064 32.30 13.56 -20.84
C GLY A 1064 33.53 12.71 -20.66
N GLU A 1065 33.92 12.40 -19.43
CA GLU A 1065 35.11 11.58 -19.21
C GLU A 1065 34.90 10.16 -19.73
N ALA A 1066 33.66 9.67 -19.72
CA ALA A 1066 33.32 8.36 -20.23
C ALA A 1066 32.10 8.48 -21.13
N GLU A 1067 31.87 7.43 -21.93
CA GLU A 1067 30.75 7.38 -22.85
C GLU A 1067 29.92 6.15 -22.55
N VAL A 1068 28.62 6.36 -22.33
CA VAL A 1068 27.69 5.25 -22.14
C VAL A 1068 26.46 5.52 -23.00
N PRO A 1069 25.75 4.49 -23.45
CA PRO A 1069 24.57 4.74 -24.31
C PRO A 1069 23.37 5.29 -23.56
N TRP A 1070 23.41 5.36 -22.24
CA TRP A 1070 22.26 5.74 -21.44
C TRP A 1070 22.42 7.09 -20.77
N ALA A 1071 23.42 7.88 -21.17
CA ALA A 1071 23.61 9.22 -20.63
C ALA A 1071 24.44 10.01 -21.61
N PHE A 1072 24.45 11.33 -21.42
CA PHE A 1072 25.19 12.24 -22.30
C PHE A 1072 25.80 13.36 -21.50
N LYS A 1073 26.91 13.89 -22.00
CA LYS A 1073 27.62 14.95 -21.30
C LYS A 1073 26.78 16.23 -21.30
N GLY A 1074 26.60 16.81 -20.13
CA GLY A 1074 25.95 18.09 -20.00
C GLY A 1074 24.44 18.06 -20.16
N LYS A 1075 23.86 16.90 -20.45
CA LYS A 1075 22.41 16.80 -20.61
C LYS A 1075 21.77 16.56 -19.25
N THR A 1076 20.45 16.41 -19.25
CA THR A 1076 19.66 16.29 -18.04
C THR A 1076 18.64 15.17 -18.18
N TYR A 1077 19.03 14.07 -18.83
CA TYR A 1077 18.11 12.95 -18.98
C TYR A 1077 18.90 11.69 -19.26
N LEU A 1078 18.24 10.56 -19.01
CA LEU A 1078 18.72 9.24 -19.38
C LEU A 1078 17.92 8.75 -20.57
N GLU A 1079 18.62 8.35 -21.63
CA GLU A 1079 18.00 7.82 -22.84
C GLU A 1079 18.00 6.31 -22.78
N THR A 1080 16.84 5.71 -23.09
CA THR A 1080 16.70 4.26 -23.04
C THR A 1080 15.91 3.80 -24.24
N THR A 1081 16.22 2.58 -24.70
CA THR A 1081 15.55 1.96 -25.82
C THR A 1081 14.56 0.88 -25.42
N THR A 1082 14.74 0.26 -24.27
CA THR A 1082 13.85 -0.78 -23.76
C THR A 1082 13.05 -0.21 -22.59
N GLY A 1083 12.28 -1.07 -21.94
CA GLY A 1083 11.66 -0.73 -20.67
C GLY A 1083 10.15 -0.62 -20.76
N MET A 1084 9.52 -0.58 -19.58
CA MET A 1084 8.09 -0.39 -19.47
C MET A 1084 7.71 0.54 -18.33
N MET A 1085 8.66 1.18 -17.67
CA MET A 1085 8.41 2.31 -16.77
C MET A 1085 7.37 1.98 -15.70
N GLN A 1086 7.43 0.77 -15.14
CA GLN A 1086 6.65 0.40 -13.97
C GLN A 1086 5.15 0.57 -14.23
N GLY A 1087 4.64 -0.25 -15.14
CA GLY A 1087 3.20 -0.40 -15.29
C GLY A 1087 2.53 0.65 -16.14
N ILE A 1088 3.28 1.44 -16.91
CA ILE A 1088 2.63 2.38 -17.81
C ILE A 1088 1.92 1.61 -18.93
N LEU A 1089 2.53 0.52 -19.38
CA LEU A 1089 1.89 -0.44 -20.29
C LEU A 1089 1.50 -1.65 -19.46
N HIS A 1090 0.29 -1.62 -18.89
CA HIS A 1090 -0.12 -2.57 -17.87
C HIS A 1090 -0.98 -3.70 -18.42
N TYR A 1091 -2.03 -3.37 -19.17
CA TYR A 1091 -2.93 -4.40 -19.65
C TYR A 1091 -2.29 -5.26 -20.73
N THR A 1092 -1.47 -4.67 -21.60
CA THR A 1092 -0.86 -5.44 -22.67
C THR A 1092 0.03 -6.55 -22.12
N SER A 1093 0.80 -6.24 -21.08
CA SER A 1093 1.63 -7.26 -20.45
C SER A 1093 0.78 -8.38 -19.91
N SER A 1094 -0.34 -8.04 -19.28
CA SER A 1094 -1.22 -9.08 -18.75
C SER A 1094 -1.76 -9.95 -19.87
N LEU A 1095 -2.08 -9.35 -21.01
CA LEU A 1095 -2.57 -10.15 -22.14
C LEU A 1095 -1.48 -11.11 -22.62
N LEU A 1096 -0.24 -10.63 -22.72
CA LEU A 1096 0.85 -11.51 -23.13
C LEU A 1096 1.00 -12.67 -22.17
N HIS A 1097 0.97 -12.38 -20.87
CA HIS A 1097 1.06 -13.44 -19.87
C HIS A 1097 -0.10 -14.41 -20.00
N THR A 1098 -1.30 -13.90 -20.28
CA THR A 1098 -2.47 -14.74 -20.42
C THR A 1098 -2.30 -15.73 -21.55
N ILE A 1099 -1.88 -15.25 -22.71
CA ILE A 1099 -1.72 -16.13 -23.86
C ILE A 1099 -0.64 -17.17 -23.58
N HIS A 1100 0.45 -16.74 -22.93
CA HIS A 1100 1.50 -17.70 -22.60
C HIS A 1100 0.97 -18.80 -21.69
N GLN A 1101 0.16 -18.43 -20.70
CA GLN A 1101 -0.38 -19.45 -19.80
C GLN A 1101 -1.39 -20.34 -20.50
N GLU A 1102 -2.15 -19.83 -21.45
CA GLU A 1102 -3.04 -20.72 -22.19
C GLU A 1102 -2.24 -21.77 -22.95
N TYR A 1103 -1.15 -21.34 -23.60
CA TYR A 1103 -0.35 -22.31 -24.32
C TYR A 1103 0.27 -23.32 -23.38
N ILE A 1104 0.81 -22.87 -22.24
CA ILE A 1104 1.44 -23.82 -21.33
C ILE A 1104 0.40 -24.74 -20.71
N ARG A 1105 -0.84 -24.28 -20.55
CA ARG A 1105 -1.91 -25.18 -20.11
C ARG A 1105 -2.10 -26.31 -21.10
N SER A 1106 -2.20 -25.97 -22.38
CA SER A 1106 -2.35 -27.02 -23.39
C SER A 1106 -1.16 -27.97 -23.34
N LEU A 1107 0.05 -27.42 -23.23
CA LEU A 1107 1.23 -28.29 -23.19
C LEU A 1107 1.20 -29.19 -21.97
N SER A 1108 0.74 -28.67 -20.83
CA SER A 1108 0.67 -29.50 -19.62
C SER A 1108 -0.31 -30.64 -19.79
N PHE A 1109 -1.47 -30.37 -20.42
CA PHE A 1109 -2.37 -31.45 -20.76
C PHE A 1109 -1.64 -32.51 -21.58
N LYS A 1110 -0.89 -32.08 -22.59
CA LYS A 1110 -0.18 -33.03 -23.43
C LYS A 1110 0.83 -33.84 -22.62
N ILE A 1111 1.55 -33.18 -21.72
CA ILE A 1111 2.58 -33.86 -20.94
C ILE A 1111 1.96 -34.91 -20.02
N PHE A 1112 0.85 -34.56 -19.35
CA PHE A 1112 0.18 -35.57 -18.55
C PHE A 1112 -0.28 -36.74 -19.41
N ASN A 1113 -0.84 -36.44 -20.59
CA ASN A 1113 -1.26 -37.54 -21.46
C ASN A 1113 -0.09 -38.42 -21.85
N LEU A 1114 1.10 -37.82 -21.99
CA LEU A 1114 2.27 -38.56 -22.47
C LEU A 1114 2.90 -39.38 -21.36
N LYS A 1115 3.38 -38.71 -20.31
CA LYS A 1115 4.32 -39.32 -19.38
C LYS A 1115 3.70 -40.40 -18.51
N VAL A 1116 2.39 -40.37 -18.27
CA VAL A 1116 1.80 -41.26 -17.27
C VAL A 1116 0.75 -42.16 -17.91
N ALA A 1117 -0.32 -41.58 -18.45
CA ALA A 1117 -1.36 -42.38 -19.07
C ALA A 1117 -2.10 -41.53 -20.11
N PRO A 1118 -2.53 -42.12 -21.23
CA PRO A 1118 -3.09 -41.29 -22.31
C PRO A 1118 -4.39 -40.59 -21.97
N GLU A 1119 -5.26 -41.20 -21.15
CA GLU A 1119 -6.64 -40.76 -21.04
C GLU A 1119 -6.89 -39.86 -19.83
N MET A 1120 -5.84 -39.51 -19.09
CA MET A 1120 -6.03 -38.74 -17.88
C MET A 1120 -6.52 -37.33 -18.13
N SER A 1121 -6.34 -36.80 -19.33
CA SER A 1121 -6.84 -35.46 -19.61
C SER A 1121 -8.33 -35.36 -19.38
N LYS A 1122 -9.07 -36.44 -19.60
CA LYS A 1122 -10.51 -36.43 -19.37
C LYS A 1122 -10.87 -36.37 -17.89
N SER A 1123 -9.92 -36.62 -17.00
CA SER A 1123 -10.20 -36.72 -15.57
C SER A 1123 -9.16 -35.97 -14.76
N LEU A 1124 -8.85 -34.74 -15.16
CA LEU A 1124 -8.01 -33.87 -14.36
C LEU A 1124 -8.37 -32.43 -14.66
N VAL A 1125 -8.02 -31.53 -13.74
CA VAL A 1125 -8.40 -30.13 -13.83
C VAL A 1125 -7.13 -29.28 -13.77
N CYS A 1126 -7.08 -28.27 -14.62
CA CYS A 1126 -5.95 -27.34 -14.71
C CYS A 1126 -6.50 -25.92 -14.76
N ASP A 1127 -5.93 -25.03 -13.95
CA ASP A 1127 -6.43 -23.66 -13.85
C ASP A 1127 -5.28 -22.67 -13.82
N MET A 1128 -5.51 -21.52 -14.44
CA MET A 1128 -4.54 -20.45 -14.58
C MET A 1128 -4.96 -19.27 -13.72
N MET A 1129 -3.98 -18.44 -13.33
CA MET A 1129 -4.28 -17.09 -12.86
C MET A 1129 -3.10 -16.19 -13.23
N GLN A 1130 -3.40 -15.05 -13.84
CA GLN A 1130 -2.37 -14.12 -14.25
C GLN A 1130 -2.83 -12.69 -14.01
N GLY A 1131 -1.85 -11.81 -13.80
CA GLY A 1131 -2.09 -10.39 -13.67
C GLY A 1131 -1.05 -9.60 -14.42
N SER A 1132 -0.41 -8.64 -13.75
CA SER A 1132 0.69 -7.93 -14.37
C SER A 1132 1.91 -8.84 -14.52
N ASP A 1133 2.43 -9.32 -13.41
CA ASP A 1133 3.56 -10.25 -13.43
C ASP A 1133 3.40 -11.46 -12.52
N ASP A 1134 2.60 -11.39 -11.46
CA ASP A 1134 2.38 -12.55 -10.60
C ASP A 1134 1.50 -13.55 -11.32
N SER A 1135 1.76 -14.83 -11.10
CA SER A 1135 1.01 -15.89 -11.75
C SER A 1135 0.85 -17.06 -10.80
N SER A 1136 -0.17 -17.88 -11.07
CA SER A 1136 -0.32 -19.11 -10.31
C SER A 1136 -0.93 -20.20 -11.18
N MET A 1137 -0.46 -21.42 -10.94
CA MET A 1137 -0.85 -22.62 -11.67
C MET A 1137 -1.49 -23.58 -10.68
N LEU A 1138 -2.64 -24.14 -11.04
CA LEU A 1138 -3.34 -25.10 -10.21
C LEU A 1138 -3.59 -26.37 -11.00
N ILE A 1139 -3.31 -27.52 -10.39
CA ILE A 1139 -3.55 -28.84 -10.99
C ILE A 1139 -4.26 -29.69 -9.95
N SER A 1140 -5.24 -30.47 -10.40
CA SER A 1140 -5.98 -31.38 -9.53
C SER A 1140 -6.23 -32.69 -10.26
N PHE A 1141 -6.04 -33.80 -9.56
CA PHE A 1141 -6.19 -35.11 -10.16
C PHE A 1141 -6.71 -36.11 -9.14
N PRO A 1142 -7.26 -37.24 -9.60
CA PRO A 1142 -7.75 -38.25 -8.65
C PRO A 1142 -6.62 -38.79 -7.79
N ALA A 1143 -6.99 -39.19 -6.57
CA ALA A 1143 -6.03 -39.67 -5.57
C ALA A 1143 -6.34 -41.08 -5.12
N ASP A 1144 -6.96 -41.89 -5.98
CA ASP A 1144 -7.36 -43.22 -5.56
C ASP A 1144 -6.17 -44.17 -5.48
N ASP A 1145 -5.32 -44.19 -6.50
CA ASP A 1145 -4.20 -45.12 -6.59
C ASP A 1145 -2.91 -44.43 -6.18
N GLU A 1146 -2.14 -45.10 -5.31
CA GLU A 1146 -0.88 -44.52 -4.86
C GLU A 1146 0.11 -44.34 -6.01
N LYS A 1147 0.27 -45.36 -6.84
CA LYS A 1147 1.23 -45.28 -7.94
C LYS A 1147 0.84 -44.17 -8.91
N VAL A 1148 -0.45 -44.11 -9.27
CA VAL A 1148 -0.91 -43.04 -10.14
C VAL A 1148 -0.71 -41.70 -9.47
N LEU A 1149 -0.91 -41.63 -8.15
CA LEU A 1149 -0.71 -40.38 -7.43
C LEU A 1149 0.74 -39.92 -7.52
N THR A 1150 1.68 -40.85 -7.33
CA THR A 1150 3.09 -40.49 -7.41
C THR A 1150 3.46 -40.03 -8.81
N ARG A 1151 2.99 -40.77 -9.83
CA ARG A 1151 3.26 -40.36 -11.20
C ARG A 1151 2.65 -39.00 -11.50
N CYS A 1152 1.45 -38.74 -10.97
CA CYS A 1152 0.82 -37.44 -11.13
C CYS A 1152 1.68 -36.35 -10.53
N LYS A 1153 2.21 -36.58 -9.33
CA LYS A 1153 3.03 -35.56 -8.68
C LYS A 1153 4.29 -35.29 -9.48
N VAL A 1154 4.92 -36.34 -9.99
CA VAL A 1154 6.12 -36.16 -10.80
C VAL A 1154 5.79 -35.33 -12.04
N ALA A 1155 4.70 -35.68 -12.72
CA ALA A 1155 4.32 -34.95 -13.93
C ALA A 1155 3.99 -33.50 -13.62
N ALA A 1156 3.32 -33.25 -12.50
CA ALA A 1156 2.97 -31.88 -12.13
C ALA A 1156 4.22 -31.05 -11.87
N ALA A 1157 5.20 -31.63 -11.17
CA ALA A 1157 6.45 -30.92 -10.97
C ALA A 1157 7.12 -30.64 -12.30
N ILE A 1158 7.09 -31.61 -13.21
CA ILE A 1158 7.70 -31.43 -14.53
C ILE A 1158 7.03 -30.26 -15.25
N CYS A 1159 5.70 -30.20 -15.20
CA CYS A 1159 4.99 -29.11 -15.87
C CYS A 1159 5.28 -27.77 -15.22
N PHE A 1160 5.38 -27.72 -13.90
CA PHE A 1160 5.72 -26.47 -13.24
C PHE A 1160 7.07 -25.97 -13.71
N ARG A 1161 8.05 -26.87 -13.80
CA ARG A 1161 9.35 -26.45 -14.34
C ARG A 1161 9.25 -26.09 -15.82
N MET A 1162 8.38 -26.78 -16.56
CA MET A 1162 8.14 -26.45 -17.96
C MET A 1162 7.75 -24.99 -18.12
N LYS A 1163 6.80 -24.54 -17.30
CA LYS A 1163 6.30 -23.18 -17.45
C LYS A 1163 7.44 -22.18 -17.34
N LYS A 1164 8.24 -22.30 -16.28
CA LYS A 1164 9.34 -21.37 -16.07
C LYS A 1164 10.36 -21.46 -17.20
N GLU A 1165 10.73 -22.68 -17.60
CA GLU A 1165 11.75 -22.82 -18.62
C GLU A 1165 11.30 -22.25 -19.96
N LEU A 1166 10.04 -22.47 -20.33
CA LEU A 1166 9.53 -21.98 -21.61
C LEU A 1166 9.19 -20.50 -21.57
N GLY A 1167 9.00 -19.91 -20.39
CA GLY A 1167 8.72 -18.49 -20.34
C GLY A 1167 9.82 -17.61 -20.91
N VAL A 1168 11.04 -18.15 -21.02
CA VAL A 1168 12.16 -17.36 -21.51
C VAL A 1168 11.92 -16.93 -22.94
N TYR A 1169 11.40 -17.84 -23.77
CA TYR A 1169 11.29 -17.56 -25.20
C TYR A 1169 10.38 -16.39 -25.51
N LEU A 1170 9.54 -15.96 -24.56
CA LEU A 1170 8.77 -14.74 -24.67
C LEU A 1170 9.30 -13.67 -23.74
N ALA A 1171 10.56 -13.76 -23.34
CA ALA A 1171 11.16 -12.78 -22.43
C ALA A 1171 10.41 -12.71 -21.11
N ILE A 1172 9.96 -13.86 -20.62
CA ILE A 1172 9.36 -13.96 -19.29
C ILE A 1172 10.39 -14.65 -18.38
N TYR A 1173 11.17 -13.85 -17.68
CA TYR A 1173 12.27 -14.39 -16.90
C TYR A 1173 11.80 -14.77 -15.50
N PRO A 1174 11.84 -16.04 -15.12
CA PRO A 1174 11.39 -16.41 -13.78
C PRO A 1174 12.29 -15.84 -12.71
N SER A 1175 11.71 -15.57 -11.55
CA SER A 1175 12.43 -15.02 -10.41
C SER A 1175 12.66 -16.10 -9.36
N GLU A 1176 13.65 -15.85 -8.51
CA GLU A 1176 13.91 -16.76 -7.40
C GLU A 1176 12.75 -16.81 -6.42
N LYS A 1177 11.95 -15.76 -6.35
CA LYS A 1177 10.84 -15.72 -5.41
C LYS A 1177 9.79 -16.79 -5.70
N SER A 1178 9.77 -17.34 -6.90
CA SER A 1178 8.76 -18.34 -7.24
C SER A 1178 8.91 -19.58 -6.36
N THR A 1179 7.78 -20.18 -6.02
CA THR A 1179 7.73 -21.41 -5.23
C THR A 1179 7.03 -22.49 -6.04
N ALA A 1180 7.67 -23.64 -6.15
CA ALA A 1180 7.23 -24.70 -7.06
C ALA A 1180 6.80 -25.93 -6.29
N ASN A 1181 5.70 -26.54 -6.73
CA ASN A 1181 5.26 -27.84 -6.24
C ASN A 1181 4.99 -27.82 -4.74
N THR A 1182 4.01 -27.02 -4.35
CA THR A 1182 3.49 -27.00 -2.99
C THR A 1182 2.09 -27.57 -3.00
N ASP A 1183 1.83 -28.54 -2.14
CA ASP A 1183 0.55 -29.24 -2.14
C ASP A 1183 -0.47 -28.49 -1.30
N PHE A 1184 -1.62 -28.18 -1.92
CA PHE A 1184 -2.70 -27.49 -1.23
C PHE A 1184 -2.27 -26.14 -0.68
N VAL A 1185 -1.30 -25.51 -1.34
CA VAL A 1185 -0.82 -24.19 -0.97
C VAL A 1185 -0.76 -23.34 -2.24
N MET A 1186 -1.26 -22.11 -2.15
CA MET A 1186 -1.31 -21.22 -3.30
C MET A 1186 -1.20 -19.79 -2.82
N GLU A 1187 -0.49 -18.97 -3.59
CA GLU A 1187 -0.27 -17.57 -3.26
C GLU A 1187 -0.63 -16.71 -4.45
N TYR A 1188 -1.29 -15.59 -4.20
CA TYR A 1188 -1.62 -14.67 -5.28
C TYR A 1188 -1.95 -13.32 -4.69
N ASN A 1189 -1.17 -12.30 -5.06
CA ASN A 1189 -1.33 -10.94 -4.52
C ASN A 1189 -1.34 -10.97 -3.00
N SER A 1190 -0.43 -11.75 -2.43
CA SER A 1190 -0.26 -11.90 -0.99
C SER A 1190 -1.42 -12.63 -0.33
N GLU A 1191 -2.41 -13.06 -1.09
CA GLU A 1191 -3.51 -13.85 -0.58
C GLU A 1191 -3.09 -15.31 -0.59
N PHE A 1192 -3.15 -15.98 0.56
CA PHE A 1192 -2.69 -17.35 0.69
C PHE A 1192 -3.89 -18.27 0.89
N TYR A 1193 -3.82 -19.43 0.25
CA TYR A 1193 -4.90 -20.42 0.28
C TYR A 1193 -4.30 -21.73 0.80
N PHE A 1194 -4.40 -21.93 2.11
CA PHE A 1194 -3.96 -23.17 2.74
C PHE A 1194 -5.14 -24.13 2.71
N HIS A 1195 -5.22 -24.91 1.63
CA HIS A 1195 -6.33 -25.82 1.45
C HIS A 1195 -7.66 -25.06 1.54
N THR A 1196 -8.46 -25.31 2.58
CA THR A 1196 -9.71 -24.57 2.72
C THR A 1196 -9.50 -23.16 3.24
N GLN A 1197 -8.55 -22.96 4.14
CA GLN A 1197 -8.37 -21.66 4.76
C GLN A 1197 -7.87 -20.63 3.75
N HIS A 1198 -8.45 -19.45 3.80
CA HIS A 1198 -8.03 -18.32 2.98
C HIS A 1198 -7.57 -17.21 3.92
N VAL A 1199 -6.28 -16.91 3.90
CA VAL A 1199 -5.71 -15.94 4.83
C VAL A 1199 -5.07 -14.79 4.06
N ARG A 1200 -5.02 -13.64 4.71
CA ARG A 1200 -4.50 -12.40 4.18
C ARG A 1200 -3.59 -11.77 5.22
N PRO A 1201 -2.57 -11.00 4.80
CA PRO A 1201 -1.72 -10.34 5.79
C PRO A 1201 -2.38 -9.07 6.33
N THR A 1202 -3.23 -9.21 7.34
CA THR A 1202 -3.97 -8.07 7.86
C THR A 1202 -3.04 -6.95 8.32
N ILE A 1203 -1.85 -7.30 8.81
CA ILE A 1203 -0.95 -6.30 9.39
C ILE A 1203 -0.64 -5.22 8.38
N ARG A 1204 -0.65 -5.55 7.08
CA ARG A 1204 -0.36 -4.54 6.06
C ARG A 1204 -1.24 -3.32 6.20
N TRP A 1205 -2.49 -3.50 6.61
CA TRP A 1205 -3.43 -2.39 6.73
C TRP A 1205 -3.45 -1.77 8.12
N ILE A 1206 -2.72 -2.34 9.08
CA ILE A 1206 -2.77 -1.81 10.44
C ILE A 1206 -2.07 -0.46 10.51
N ALA A 1207 -0.77 -0.44 10.22
CA ALA A 1207 -0.03 0.81 10.28
C ALA A 1207 -0.59 1.85 9.32
N ALA A 1208 -1.14 1.41 8.18
CA ALA A 1208 -1.75 2.35 7.26
C ALA A 1208 -2.91 3.09 7.90
N CYS A 1209 -3.64 2.43 8.79
CA CYS A 1209 -4.81 3.05 9.39
C CYS A 1209 -4.45 4.27 10.22
N CYS A 1210 -3.19 4.40 10.62
CA CYS A 1210 -2.72 5.51 11.45
C CYS A 1210 -1.96 6.48 10.57
N SER A 1211 -2.65 7.53 10.12
CA SER A 1211 -2.02 8.57 9.31
C SER A 1211 -2.91 9.81 9.34
N LEU A 1212 -2.34 10.94 8.91
CA LEU A 1212 -3.02 12.23 8.95
C LEU A 1212 -2.92 12.96 7.60
N PRO A 1213 -3.18 12.27 6.48
CA PRO A 1213 -3.06 12.96 5.19
C PRO A 1213 -4.29 13.78 4.82
N GLU A 1214 -4.18 14.50 3.70
CA GLU A 1214 -5.31 15.15 3.01
C GLU A 1214 -5.80 16.42 3.71
N VAL A 1215 -5.35 16.66 4.94
CA VAL A 1215 -5.70 17.85 5.74
C VAL A 1215 -7.11 18.34 5.43
N GLU A 1216 -7.25 19.46 4.71
CA GLU A 1216 -8.54 20.03 4.33
C GLU A 1216 -9.35 20.25 5.60
N THR A 1217 -10.54 19.68 5.73
CA THR A 1217 -11.40 19.92 6.88
C THR A 1217 -11.28 18.79 7.89
N LEU A 1218 -11.67 19.09 9.14
CA LEU A 1218 -11.62 18.08 10.18
C LEU A 1218 -12.56 16.94 9.87
N VAL A 1219 -13.75 17.25 9.36
CA VAL A 1219 -14.69 16.19 9.01
C VAL A 1219 -14.13 15.33 7.89
N ALA A 1220 -13.40 15.94 6.95
CA ALA A 1220 -12.72 15.14 5.93
C ALA A 1220 -11.75 14.17 6.58
N ARG A 1221 -11.00 14.63 7.59
CA ARG A 1221 -10.08 13.75 8.29
C ARG A 1221 -10.81 12.60 8.94
N GLN A 1222 -11.93 12.89 9.61
CA GLN A 1222 -12.66 11.84 10.29
C GLN A 1222 -13.22 10.82 9.30
N GLU A 1223 -13.76 11.29 8.18
CA GLU A 1223 -14.35 10.35 7.23
C GLU A 1223 -13.28 9.51 6.53
N GLU A 1224 -12.11 10.08 6.25
CA GLU A 1224 -11.03 9.25 5.72
C GLU A 1224 -10.54 8.25 6.76
N ALA A 1225 -10.57 8.63 8.03
CA ALA A 1225 -10.28 7.65 9.07
C ALA A 1225 -11.28 6.51 9.04
N SER A 1226 -12.55 6.83 8.86
CA SER A 1226 -13.57 5.78 8.73
C SER A 1226 -13.29 4.92 7.51
N ASN A 1227 -12.83 5.53 6.42
CA ASN A 1227 -12.50 4.75 5.23
C ASN A 1227 -11.36 3.77 5.51
N LEU A 1228 -10.33 4.24 6.22
CA LEU A 1228 -9.24 3.34 6.59
C LEU A 1228 -9.73 2.24 7.50
N MET A 1229 -10.68 2.54 8.40
CA MET A 1229 -11.27 1.52 9.24
C MET A 1229 -11.98 0.46 8.41
N THR A 1230 -12.73 0.89 7.40
CA THR A 1230 -13.38 -0.05 6.51
C THR A 1230 -12.32 -0.90 5.80
N SER A 1231 -11.24 -0.28 5.37
CA SER A 1231 -10.19 -1.02 4.67
C SER A 1231 -9.57 -2.08 5.56
N VAL A 1232 -9.29 -1.75 6.81
CA VAL A 1232 -8.67 -2.75 7.68
C VAL A 1232 -9.66 -3.85 8.04
N THR A 1233 -10.91 -3.51 8.33
CA THR A 1233 -11.85 -4.57 8.70
C THR A 1233 -12.16 -5.50 7.53
N GLU A 1234 -12.28 -4.99 6.31
CA GLU A 1234 -12.45 -5.88 5.18
C GLU A 1234 -11.19 -6.67 4.87
N GLY A 1235 -10.06 -6.28 5.46
CA GLY A 1235 -8.83 -7.02 5.25
C GLY A 1235 -8.69 -8.28 6.08
N GLY A 1236 -9.69 -8.60 6.89
CA GLY A 1236 -9.71 -9.81 7.68
C GLY A 1236 -9.62 -9.59 9.18
N GLY A 1237 -9.47 -8.36 9.67
CA GLY A 1237 -9.41 -8.14 11.09
C GLY A 1237 -10.75 -8.28 11.78
N SER A 1238 -10.70 -8.48 13.09
CA SER A 1238 -11.90 -8.59 13.89
C SER A 1238 -12.39 -7.21 14.31
N PHE A 1239 -13.67 -7.13 14.65
CA PHE A 1239 -14.26 -5.84 14.99
C PHE A 1239 -13.65 -5.26 16.26
N SER A 1240 -13.35 -6.11 17.24
CA SER A 1240 -12.75 -5.61 18.48
C SER A 1240 -11.40 -4.97 18.21
N LEU A 1241 -10.59 -5.62 17.38
CA LEU A 1241 -9.32 -5.02 17.00
C LEU A 1241 -9.56 -3.69 16.30
N ALA A 1242 -10.60 -3.61 15.48
CA ALA A 1242 -10.95 -2.35 14.82
C ALA A 1242 -11.30 -1.28 15.85
N ALA A 1243 -12.02 -1.64 16.91
CA ALA A 1243 -12.35 -0.66 17.94
C ALA A 1243 -11.08 -0.16 18.61
N MET A 1244 -10.13 -1.05 18.87
CA MET A 1244 -8.87 -0.61 19.44
C MET A 1244 -8.15 0.36 18.51
N ILE A 1245 -8.14 0.06 17.21
CA ILE A 1245 -7.52 0.99 16.26
C ILE A 1245 -8.24 2.32 16.29
N GLN A 1246 -9.57 2.29 16.44
CA GLN A 1246 -10.32 3.54 16.51
C GLN A 1246 -9.92 4.34 17.74
N GLN A 1247 -9.66 3.66 18.85
CA GLN A 1247 -9.17 4.36 20.04
C GLN A 1247 -7.82 5.01 19.75
N ALA A 1248 -6.94 4.28 19.06
CA ALA A 1248 -5.64 4.86 18.69
C ALA A 1248 -5.82 6.09 17.82
N GLN A 1249 -6.71 6.00 16.83
CA GLN A 1249 -6.98 7.15 15.97
C GLN A 1249 -7.54 8.30 16.77
N CYS A 1250 -8.41 8.01 17.74
CA CYS A 1250 -8.98 9.05 18.58
C CYS A 1250 -7.89 9.80 19.33
N THR A 1251 -7.00 9.08 19.99
CA THR A 1251 -5.95 9.75 20.75
C THR A 1251 -5.04 10.56 19.83
N LEU A 1252 -4.67 9.99 18.68
CA LEU A 1252 -3.84 10.73 17.74
C LEU A 1252 -4.52 12.02 17.28
N HIS A 1253 -5.78 11.90 16.87
CA HIS A 1253 -6.51 13.05 16.37
C HIS A 1253 -6.63 14.11 17.45
N TYR A 1254 -6.93 13.71 18.68
CA TYR A 1254 -7.08 14.71 19.75
C TYR A 1254 -5.76 15.39 20.04
N MET A 1255 -4.65 14.66 20.06
CA MET A 1255 -3.38 15.34 20.27
C MET A 1255 -2.99 16.20 19.09
N LEU A 1256 -3.60 15.98 17.92
CA LEU A 1256 -3.28 16.83 16.79
C LEU A 1256 -3.69 18.28 17.05
N MET A 1257 -4.86 18.51 17.66
CA MET A 1257 -5.24 19.88 17.97
C MET A 1257 -4.41 20.49 19.08
N GLY A 1258 -3.62 19.70 19.79
CA GLY A 1258 -2.72 20.24 20.80
C GLY A 1258 -2.90 19.66 22.19
N MET A 1259 -3.76 18.65 22.33
CA MET A 1259 -3.90 17.97 23.61
C MET A 1259 -2.54 17.45 24.04
N GLY A 1260 -2.04 18.00 25.15
CA GLY A 1260 -0.71 17.71 25.62
C GLY A 1260 0.37 18.64 25.12
N VAL A 1261 0.05 19.52 24.17
CA VAL A 1261 1.01 20.46 23.63
C VAL A 1261 0.82 21.85 24.22
N SER A 1262 -0.42 22.31 24.33
CA SER A 1262 -0.71 23.64 24.83
C SER A 1262 -1.72 23.57 25.97
N GLU A 1263 -1.50 24.38 26.99
CA GLU A 1263 -2.44 24.45 28.10
C GLU A 1263 -3.82 24.87 27.63
N LEU A 1264 -3.89 25.71 26.60
CA LEU A 1264 -5.18 26.23 26.14
C LEU A 1264 -6.11 25.11 25.71
N PHE A 1265 -5.58 23.94 25.36
CA PHE A 1265 -6.44 22.82 25.01
C PHE A 1265 -7.48 22.54 26.10
N LEU A 1266 -7.09 22.72 27.38
CA LEU A 1266 -8.05 22.48 28.44
C LEU A 1266 -9.28 23.36 28.28
N GLU A 1267 -9.09 24.62 27.88
CA GLU A 1267 -10.24 25.47 27.58
C GLU A 1267 -11.04 24.90 26.42
N TYR A 1268 -10.36 24.43 25.38
CA TYR A 1268 -11.05 23.88 24.22
C TYR A 1268 -11.95 22.71 24.63
N LYS A 1269 -11.43 21.80 25.45
CA LYS A 1269 -12.26 20.71 25.94
C LYS A 1269 -13.51 21.22 26.63
N LYS A 1270 -13.41 22.34 27.35
CA LYS A 1270 -14.57 22.88 28.02
C LYS A 1270 -15.67 23.26 27.03
N ALA A 1271 -15.29 23.70 25.84
CA ALA A 1271 -16.27 24.18 24.87
C ALA A 1271 -16.81 23.06 23.99
N VAL A 1272 -15.91 22.31 23.35
CA VAL A 1272 -16.33 21.28 22.41
C VAL A 1272 -17.23 20.25 23.07
N LEU A 1273 -17.05 20.02 24.37
CA LEU A 1273 -17.91 19.07 25.07
C LEU A 1273 -19.37 19.51 25.01
N LYS A 1274 -19.62 20.81 25.16
CA LYS A 1274 -21.00 21.29 25.22
C LYS A 1274 -21.73 21.06 23.90
N TRP A 1275 -21.02 21.16 22.77
CA TRP A 1275 -21.66 21.09 21.46
C TRP A 1275 -21.39 19.79 20.72
N ASN A 1276 -20.42 18.99 21.16
CA ASN A 1276 -20.06 17.68 20.60
C ASN A 1276 -20.21 17.62 19.08
N ASP A 1277 -19.78 18.68 18.41
CA ASP A 1277 -19.91 18.78 16.96
C ASP A 1277 -18.61 18.33 16.29
N PRO A 1278 -18.65 17.35 15.39
CA PRO A 1278 -17.40 16.98 14.68
C PRO A 1278 -16.82 18.13 13.88
N GLY A 1279 -17.64 19.07 13.44
CA GLY A 1279 -17.12 20.24 12.74
C GLY A 1279 -16.10 21.01 13.53
N LEU A 1280 -16.13 20.91 14.86
CA LEU A 1280 -15.17 21.55 15.73
C LEU A 1280 -14.03 20.62 16.13
N GLY A 1281 -13.96 19.42 15.57
CA GLY A 1281 -12.95 18.45 15.92
C GLY A 1281 -13.40 17.36 16.87
N PHE A 1282 -14.64 17.39 17.33
CA PHE A 1282 -15.15 16.32 18.17
C PHE A 1282 -15.05 14.99 17.43
N PHE A 1283 -14.50 13.99 18.09
CA PHE A 1283 -14.28 12.69 17.48
C PHE A 1283 -15.41 11.75 17.87
N LEU A 1284 -15.95 11.05 16.89
CA LEU A 1284 -17.10 10.16 17.08
C LEU A 1284 -16.61 8.72 17.13
N LEU A 1285 -16.67 8.11 18.31
CA LEU A 1285 -16.37 6.69 18.43
C LEU A 1285 -17.58 5.88 18.02
N ASP A 1286 -17.38 4.95 17.10
CA ASP A 1286 -18.49 4.13 16.65
C ASP A 1286 -18.83 3.09 17.71
N ASN A 1287 -19.99 2.47 17.57
CA ASN A 1287 -20.36 1.38 18.46
C ASN A 1287 -19.28 0.30 18.39
N PRO A 1288 -18.72 -0.13 19.52
CA PRO A 1288 -17.62 -1.09 19.45
C PRO A 1288 -18.00 -2.40 18.81
N TYR A 1289 -19.25 -2.85 18.96
CA TYR A 1289 -19.63 -4.17 18.46
C TYR A 1289 -19.55 -4.25 16.95
N ALA A 1290 -19.72 -3.11 16.26
CA ALA A 1290 -19.77 -3.12 14.79
C ALA A 1290 -18.96 -1.96 14.23
N CYS A 1291 -17.83 -1.64 14.85
CA CYS A 1291 -16.97 -0.59 14.32
C CYS A 1291 -16.30 -1.05 13.04
N GLY A 1292 -16.14 -0.10 12.11
CA GLY A 1292 -15.59 -0.39 10.81
C GLY A 1292 -16.61 -0.82 9.77
N LEU A 1293 -17.85 -1.10 10.18
CA LEU A 1293 -18.91 -1.51 9.27
C LEU A 1293 -19.93 -0.42 9.00
N GLY A 1294 -20.54 0.13 10.06
CA GLY A 1294 -21.49 1.22 9.86
C GLY A 1294 -20.83 2.46 9.29
N GLY A 1295 -19.68 2.83 9.83
CA GLY A 1295 -18.91 3.92 9.26
C GLY A 1295 -19.38 5.30 9.70
N PHE A 1296 -18.76 6.30 9.06
CA PHE A 1296 -19.01 7.69 9.42
C PHE A 1296 -20.48 8.05 9.23
N ARG A 1297 -21.14 7.46 8.24
CA ARG A 1297 -22.56 7.71 8.06
C ARG A 1297 -23.34 7.23 9.28
N PHE A 1298 -23.02 6.02 9.77
CA PHE A 1298 -23.67 5.53 10.97
C PHE A 1298 -23.41 6.44 12.15
N ASN A 1299 -22.16 6.89 12.31
CA ASN A 1299 -21.83 7.78 13.41
C ASN A 1299 -22.65 9.06 13.36
N LEU A 1300 -22.69 9.69 12.20
CA LEU A 1300 -23.45 10.94 12.06
C LEU A 1300 -24.92 10.73 12.30
N PHE A 1301 -25.48 9.63 11.76
CA PHE A 1301 -26.90 9.37 11.94
C PHE A 1301 -27.23 9.19 13.41
N LYS A 1302 -26.44 8.40 14.13
CA LYS A 1302 -26.69 8.23 15.55
C LYS A 1302 -26.54 9.54 16.30
N ALA A 1303 -25.54 10.35 15.93
CA ALA A 1303 -25.36 11.63 16.60
C ALA A 1303 -26.59 12.50 16.44
N ILE A 1304 -27.07 12.68 15.20
CA ILE A 1304 -28.25 13.51 14.98
C ILE A 1304 -29.51 12.91 15.57
N THR A 1305 -29.55 11.59 15.79
CA THR A 1305 -30.79 10.96 16.22
C THR A 1305 -31.27 11.51 17.56
N ARG A 1306 -30.36 11.71 18.51
CA ARG A 1306 -30.74 12.06 19.87
C ARG A 1306 -30.01 13.26 20.46
N THR A 1307 -28.78 13.55 20.02
CA THR A 1307 -27.99 14.57 20.68
C THR A 1307 -28.48 15.97 20.30
N ASP A 1308 -27.96 16.98 21.02
CA ASP A 1308 -28.27 18.37 20.71
C ASP A 1308 -27.73 18.79 19.36
N LEU A 1309 -26.84 18.00 18.75
CA LEU A 1309 -26.25 18.36 17.47
C LEU A 1309 -27.32 18.64 16.43
N GLN A 1310 -28.43 17.89 16.46
CA GLN A 1310 -29.49 18.11 15.48
C GLN A 1310 -30.00 19.54 15.50
N LYS A 1311 -30.07 20.16 16.69
CA LYS A 1311 -30.55 21.52 16.78
C LYS A 1311 -29.74 22.46 15.89
N LEU A 1312 -28.45 22.17 15.72
CA LEU A 1312 -27.65 22.99 14.81
C LEU A 1312 -28.05 22.74 13.36
N TYR A 1313 -28.25 21.48 12.98
CA TYR A 1313 -28.55 21.17 11.59
C TYR A 1313 -29.89 21.76 11.17
N ALA A 1314 -30.90 21.66 12.04
CA ALA A 1314 -32.16 22.32 11.75
C ALA A 1314 -31.99 23.81 11.57
N PHE A 1315 -31.00 24.40 12.25
CA PHE A 1315 -30.74 25.83 12.08
C PHE A 1315 -30.37 26.15 10.64
N PHE A 1316 -29.70 25.21 9.95
CA PHE A 1316 -29.39 25.40 8.54
C PHE A 1316 -30.56 25.04 7.64
N MET A 1317 -31.57 24.35 8.16
CA MET A 1317 -32.73 23.99 7.35
C MET A 1317 -33.77 25.11 7.32
N LYS A 1318 -33.80 25.96 8.35
CA LYS A 1318 -34.74 27.06 8.41
C LYS A 1318 -34.11 28.35 7.87
N GLU A 1337 -15.98 32.01 7.30
CA GLU A 1337 -16.01 30.82 8.15
C GLU A 1337 -17.12 29.87 7.70
N THR A 1338 -18.21 30.45 7.21
CA THR A 1338 -19.34 29.65 6.73
C THR A 1338 -18.91 28.90 5.47
N CYS A 1339 -19.16 27.59 5.45
CA CYS A 1339 -18.79 26.77 4.31
C CYS A 1339 -19.92 25.80 3.94
N SER A 1340 -19.64 24.87 3.04
CA SER A 1340 -20.66 24.04 2.41
C SER A 1340 -20.74 22.68 3.08
N VAL A 1341 -21.56 21.79 2.51
CA VAL A 1341 -21.75 20.45 3.05
C VAL A 1341 -20.59 19.55 2.66
N SER A 1342 -20.37 18.52 3.47
CA SER A 1342 -19.35 17.51 3.22
C SER A 1342 -19.89 16.42 2.31
N PRO A 1343 -19.02 15.66 1.63
CA PRO A 1343 -19.51 14.52 0.84
C PRO A 1343 -20.29 13.52 1.67
N GLY A 1344 -19.94 13.35 2.95
CA GLY A 1344 -20.71 12.48 3.82
C GLY A 1344 -22.08 13.03 4.18
N GLY A 1345 -22.38 14.27 3.80
CA GLY A 1345 -23.65 14.89 4.08
C GLY A 1345 -23.62 15.88 5.23
N ALA A 1346 -22.52 15.96 5.96
CA ALA A 1346 -22.44 16.84 7.12
C ALA A 1346 -22.31 18.29 6.68
N LEU A 1347 -23.13 19.16 7.28
CA LEU A 1347 -23.04 20.61 7.06
C LEU A 1347 -21.95 21.15 7.97
N ILE A 1348 -20.71 20.99 7.51
CA ILE A 1348 -19.53 21.27 8.31
C ILE A 1348 -19.28 22.77 8.36
N LEU A 1349 -18.41 23.20 9.27
CA LEU A 1349 -17.95 24.58 9.32
C LEU A 1349 -16.44 24.72 9.41
N SER A 1350 -15.71 23.68 9.80
CA SER A 1350 -14.25 23.68 9.80
C SER A 1350 -13.69 24.81 10.65
N SER A 1351 -12.48 25.26 10.34
CA SER A 1351 -11.83 26.34 11.08
C SER A 1351 -10.71 26.94 10.25
N LEU A 1364 -5.72 28.45 -9.44
CA LEU A 1364 -6.30 27.23 -9.96
C LEU A 1364 -7.53 27.52 -10.82
N ARG A 1365 -8.62 27.93 -10.17
CA ARG A 1365 -9.83 28.27 -10.90
C ARG A 1365 -9.58 29.40 -11.90
N ASP A 1366 -8.65 30.30 -11.58
CA ASP A 1366 -8.32 31.37 -12.52
C ASP A 1366 -7.73 30.80 -13.79
N ARG A 1367 -6.86 29.80 -13.68
CA ARG A 1367 -6.29 29.18 -14.87
C ARG A 1367 -7.37 28.50 -15.71
N LEU A 1368 -8.37 27.92 -15.06
CA LEU A 1368 -9.50 27.30 -15.76
C LEU A 1368 -10.57 28.34 -16.04
N ASN A 1369 -10.17 29.37 -16.79
CA ASN A 1369 -11.11 30.44 -17.14
C ASN A 1369 -12.29 29.89 -17.94
N ILE A 1370 -12.05 28.88 -18.77
CA ILE A 1370 -13.11 28.29 -19.57
C ILE A 1370 -14.08 27.60 -18.62
N TRP A 1374 -21.83 29.14 -14.13
CA TRP A 1374 -21.83 27.74 -14.51
C TRP A 1374 -22.87 26.95 -13.74
N ILE A 1375 -23.15 27.33 -12.49
CA ILE A 1375 -24.23 26.71 -11.75
C ILE A 1375 -25.55 26.92 -12.49
N GLU A 1376 -25.78 28.15 -12.95
CA GLU A 1376 -26.99 28.44 -13.72
C GLU A 1376 -27.03 27.63 -15.00
N LEU A 1377 -25.89 27.48 -15.68
CA LEU A 1377 -25.86 26.70 -16.91
C LEU A 1377 -26.22 25.24 -16.63
N ILE A 1378 -25.70 24.67 -15.55
CA ILE A 1378 -26.06 23.30 -15.20
C ILE A 1378 -27.54 23.22 -14.87
N ASN A 1379 -28.07 24.21 -14.15
CA ASN A 1379 -29.50 24.23 -13.84
C ASN A 1379 -30.34 24.23 -15.11
N GLU A 1380 -29.90 25.00 -16.12
CA GLU A 1380 -30.67 25.09 -17.35
C GLU A 1380 -30.75 23.75 -18.07
N ASN A 1381 -29.66 22.99 -18.04
CA ASN A 1381 -29.60 21.68 -18.69
C ASN A 1381 -29.08 20.65 -17.69
N PRO A 1382 -29.94 20.19 -16.77
CA PRO A 1382 -29.51 19.15 -15.83
C PRO A 1382 -29.10 17.85 -16.50
N GLU A 1383 -29.53 17.61 -17.74
CA GLU A 1383 -29.20 16.38 -18.43
C GLU A 1383 -27.69 16.15 -18.51
N VAL A 1384 -26.90 17.22 -18.49
CA VAL A 1384 -25.45 17.08 -18.53
C VAL A 1384 -24.99 16.23 -17.36
N LEU A 1385 -25.57 16.45 -16.18
CA LEU A 1385 -25.17 15.68 -15.00
C LEU A 1385 -25.60 14.22 -15.08
N TYR A 1386 -26.48 13.86 -16.01
CA TYR A 1386 -27.07 12.53 -16.06
C TYR A 1386 -26.69 11.76 -17.31
N ARG A 1387 -25.69 12.21 -18.07
CA ARG A 1387 -25.25 11.48 -19.24
C ARG A 1387 -23.81 11.84 -19.54
N ALA A 1388 -23.16 10.98 -20.31
CA ALA A 1388 -21.78 11.23 -20.71
C ALA A 1388 -21.73 12.42 -21.66
N PRO A 1389 -20.81 13.36 -21.48
CA PRO A 1389 -20.80 14.53 -22.36
C PRO A 1389 -20.43 14.18 -23.79
N ARG A 1390 -20.96 14.97 -24.73
CA ARG A 1390 -20.67 14.81 -26.14
C ARG A 1390 -20.09 16.07 -26.78
N THR A 1391 -19.97 17.18 -26.05
CA THR A 1391 -19.48 18.44 -26.59
C THR A 1391 -18.52 19.07 -25.58
N GLY A 1392 -17.89 20.16 -26.01
CA GLY A 1392 -16.86 20.80 -25.22
C GLY A 1392 -17.38 21.45 -23.96
N PRO A 1393 -18.26 22.45 -24.10
CA PRO A 1393 -18.68 23.23 -22.92
C PRO A 1393 -19.25 22.37 -21.81
N GLU A 1394 -19.99 21.31 -22.13
CA GLU A 1394 -20.46 20.42 -21.09
C GLU A 1394 -19.31 19.71 -20.39
N ILE A 1395 -18.27 19.32 -21.14
CA ILE A 1395 -17.09 18.75 -20.51
C ILE A 1395 -16.46 19.77 -19.58
N LEU A 1396 -16.42 21.03 -20.01
CA LEU A 1396 -15.89 22.09 -19.15
C LEU A 1396 -16.70 22.20 -17.88
N LEU A 1397 -18.03 22.14 -17.98
CA LEU A 1397 -18.88 22.21 -16.81
C LEU A 1397 -18.61 21.04 -15.87
N ARG A 1398 -18.46 19.84 -16.43
CA ARG A 1398 -18.22 18.67 -15.60
C ARG A 1398 -16.89 18.78 -14.87
N ILE A 1399 -15.83 19.22 -15.55
CA ILE A 1399 -14.57 19.36 -14.83
C ILE A 1399 -14.67 20.48 -13.81
N ALA A 1400 -15.43 21.54 -14.11
CA ALA A 1400 -15.59 22.62 -13.15
C ALA A 1400 -16.24 22.14 -11.86
N GLU A 1401 -17.33 21.38 -11.99
CA GLU A 1401 -17.95 20.83 -10.79
C GLU A 1401 -17.06 19.80 -10.11
N LYS A 1402 -16.20 19.11 -10.86
CA LYS A 1402 -15.20 18.27 -10.21
C LYS A 1402 -14.25 19.09 -9.35
N VAL A 1403 -13.82 20.26 -9.84
CA VAL A 1403 -12.94 21.11 -9.06
C VAL A 1403 -13.62 21.55 -7.77
N HIS A 1404 -14.89 21.93 -7.85
CA HIS A 1404 -15.63 22.45 -6.70
C HIS A 1404 -16.39 21.37 -5.95
N SER A 1405 -15.91 20.13 -6.00
CA SER A 1405 -16.57 19.03 -5.31
C SER A 1405 -16.40 19.16 -3.80
N SER A 1451 -8.86 29.37 14.27
CA SER A 1451 -9.44 30.02 15.44
C SER A 1451 -10.57 29.18 16.02
N LEU A 1452 -10.49 28.93 17.32
CA LEU A 1452 -11.46 28.08 18.02
C LEU A 1452 -12.22 28.83 19.11
N LEU A 1453 -11.52 29.57 19.97
CA LEU A 1453 -12.21 30.36 20.98
C LEU A 1453 -13.09 31.43 20.32
N GLN A 1454 -12.57 32.07 19.27
CA GLN A 1454 -13.38 33.03 18.53
C GLN A 1454 -14.63 32.37 17.96
N LYS A 1455 -14.50 31.14 17.48
CA LYS A 1455 -15.63 30.48 16.82
C LYS A 1455 -16.71 30.07 17.82
N MET A 1456 -16.31 29.53 18.98
CA MET A 1456 -17.30 29.25 20.00
C MET A 1456 -17.95 30.53 20.51
N ALA A 1457 -17.20 31.62 20.59
CA ALA A 1457 -17.80 32.91 20.92
C ALA A 1457 -18.83 33.31 19.87
N ALA A 1458 -18.50 33.12 18.59
CA ALA A 1458 -19.43 33.46 17.52
C ALA A 1458 -20.69 32.62 17.57
N TYR A 1459 -20.58 31.36 17.97
CA TYR A 1459 -21.74 30.49 18.05
C TYR A 1459 -22.76 30.94 19.09
N SER A 1460 -22.43 31.88 19.96
CA SER A 1460 -23.37 32.30 20.99
C SER A 1460 -24.67 32.84 20.41
N GLY A 1461 -24.68 33.24 19.14
CA GLY A 1461 -25.88 33.74 18.49
C GLY A 1461 -26.83 32.67 17.95
N PHE A 1462 -26.48 31.40 18.05
CA PHE A 1462 -27.34 30.32 17.53
C PHE A 1462 -28.21 29.78 18.66
N HIS A 1463 -29.15 30.62 19.10
CA HIS A 1463 -30.14 30.24 20.10
C HIS A 1463 -31.49 29.92 19.47
N GLY A 1464 -31.56 29.82 18.15
CA GLY A 1464 -32.81 29.53 17.49
C GLY A 1464 -33.42 28.22 17.95
N PHE A 1465 -34.69 28.25 18.33
CA PHE A 1465 -35.37 27.06 18.83
C PHE A 1465 -35.79 26.21 17.64
N ASN A 1466 -35.22 25.01 17.54
CA ASN A 1466 -35.49 24.10 16.45
C ASN A 1466 -35.81 22.72 17.02
N ASP A 1467 -36.48 21.90 16.20
CA ASP A 1467 -36.93 20.59 16.65
C ASP A 1467 -36.60 19.52 15.62
N MET A 1468 -37.08 18.30 15.85
CA MET A 1468 -36.77 17.18 14.99
C MET A 1468 -37.59 17.25 13.70
N GLU A 1469 -37.04 16.66 12.63
CA GLU A 1469 -37.71 16.63 11.34
C GLU A 1469 -37.22 15.42 10.55
N PRO A 1470 -38.01 14.35 10.43
CA PRO A 1470 -37.53 13.18 9.68
C PRO A 1470 -37.20 13.48 8.22
N GLU A 1471 -37.84 14.49 7.63
CA GLU A 1471 -37.56 14.81 6.23
C GLU A 1471 -36.13 15.29 6.05
N ASP A 1472 -35.61 16.07 7.01
CA ASP A 1472 -34.22 16.50 6.94
C ASP A 1472 -33.28 15.32 7.03
N ILE A 1473 -33.61 14.34 7.87
CA ILE A 1473 -32.79 13.13 7.96
C ILE A 1473 -32.81 12.39 6.65
N LEU A 1474 -33.99 12.24 6.04
CA LEU A 1474 -34.09 11.59 4.75
C LEU A 1474 -33.24 12.30 3.71
N PHE A 1475 -33.31 13.62 3.68
CA PHE A 1475 -32.50 14.39 2.74
C PHE A 1475 -31.01 14.15 2.99
N LEU A 1476 -30.61 14.15 4.26
CA LEU A 1476 -29.21 13.94 4.59
C LEU A 1476 -28.78 12.51 4.31
N PHE A 1477 -29.63 11.54 4.64
CA PHE A 1477 -29.30 10.12 4.53
C PHE A 1477 -30.35 9.39 3.70
N PRO A 1478 -30.08 9.03 2.45
CA PRO A 1478 -31.07 8.28 1.67
C PRO A 1478 -31.18 6.81 2.05
N ASN A 1479 -30.27 6.27 2.85
CA ASN A 1479 -30.22 4.84 3.15
C ASN A 1479 -30.64 4.56 4.59
N ILE A 1480 -31.62 5.30 5.09
CA ILE A 1480 -31.99 5.21 6.50
C ILE A 1480 -32.41 3.79 6.88
N GLU A 1481 -32.99 3.05 5.93
CA GLU A 1481 -33.49 1.71 6.26
C GLU A 1481 -32.36 0.79 6.70
N GLU A 1482 -31.25 0.79 5.96
CA GLU A 1482 -30.13 -0.07 6.35
C GLU A 1482 -29.55 0.38 7.67
N LEU A 1483 -29.45 1.70 7.87
CA LEU A 1483 -28.90 2.21 9.12
C LEU A 1483 -29.73 1.77 10.31
N GLU A 1484 -31.05 1.91 10.23
CA GLU A 1484 -31.89 1.48 11.34
C GLU A 1484 -31.90 -0.03 11.49
N SER A 1485 -31.77 -0.78 10.38
CA SER A 1485 -31.67 -2.22 10.50
C SER A 1485 -30.45 -2.62 11.32
N LEU A 1486 -29.31 -2.00 11.04
CA LEU A 1486 -28.12 -2.24 11.85
C LEU A 1486 -28.33 -1.75 13.28
N ASP A 1487 -28.99 -0.61 13.44
CA ASP A 1487 -29.23 -0.04 14.77
C ASP A 1487 -30.02 -1.02 15.63
N SER A 1488 -31.01 -1.67 15.04
CA SER A 1488 -31.88 -2.58 15.79
C SER A 1488 -31.10 -3.71 16.45
N ILE A 1489 -29.90 -4.01 15.96
CA ILE A 1489 -29.07 -5.07 16.50
C ILE A 1489 -27.96 -4.51 17.38
N VAL A 1490 -27.30 -3.44 16.94
CA VAL A 1490 -26.07 -2.99 17.59
C VAL A 1490 -26.30 -1.94 18.66
N TYR A 1491 -27.54 -1.60 18.98
CA TYR A 1491 -27.81 -0.49 19.88
C TYR A 1491 -27.86 -0.96 21.32
N ASN A 1492 -27.03 -0.36 22.17
CA ASN A 1492 -27.10 -0.55 23.62
C ASN A 1492 -27.05 -2.02 24.00
N LYS A 1493 -25.95 -2.67 23.64
CA LYS A 1493 -25.78 -4.09 23.92
C LYS A 1493 -25.14 -4.36 25.28
N GLY A 1494 -24.68 -3.33 25.99
CA GLY A 1494 -24.12 -3.55 27.31
C GLY A 1494 -22.79 -4.26 27.26
N GLU A 1495 -22.53 -5.06 28.30
CA GLU A 1495 -21.25 -5.74 28.43
C GLU A 1495 -21.10 -6.81 27.34
N ILE A 1496 -19.94 -7.45 27.33
CA ILE A 1496 -19.57 -8.43 26.31
C ILE A 1496 -19.52 -9.80 26.96
N ASP A 1497 -20.25 -10.75 26.38
CA ASP A 1497 -20.15 -12.16 26.73
C ASP A 1497 -19.88 -12.95 25.46
N ILE A 1498 -18.80 -13.72 25.46
CA ILE A 1498 -18.33 -14.43 24.28
C ILE A 1498 -18.05 -15.86 24.64
N ILE A 1499 -18.56 -16.79 23.83
CA ILE A 1499 -18.31 -18.22 24.01
C ILE A 1499 -17.07 -18.56 23.18
N PRO A 1500 -16.01 -19.10 23.77
CA PRO A 1500 -14.86 -19.51 22.96
C PRO A 1500 -15.23 -20.62 21.99
N ARG A 1501 -14.56 -20.62 20.84
CA ARG A 1501 -14.80 -21.61 19.82
C ARG A 1501 -13.87 -22.80 20.00
N VAL A 1502 -14.01 -23.79 19.11
CA VAL A 1502 -13.23 -25.02 19.16
C VAL A 1502 -12.55 -25.22 17.81
N ASN A 1503 -11.24 -25.50 17.85
CA ASN A 1503 -10.40 -25.68 16.68
C ASN A 1503 -10.71 -24.63 15.61
N ILE A 1504 -10.67 -25.00 14.33
CA ILE A 1504 -10.83 -24.06 13.23
C ILE A 1504 -12.03 -24.46 12.38
N ARG A 1505 -12.52 -23.50 11.60
CA ARG A 1505 -13.69 -23.68 10.76
C ARG A 1505 -13.40 -23.14 9.37
N ASP A 1506 -14.25 -23.53 8.42
CA ASP A 1506 -14.12 -23.04 7.05
C ASP A 1506 -14.46 -21.56 6.97
N ALA A 1507 -13.78 -20.87 6.07
CA ALA A 1507 -14.03 -19.45 5.81
C ALA A 1507 -15.03 -19.35 4.67
N THR A 1508 -16.16 -18.69 4.92
CA THR A 1508 -17.26 -18.58 3.98
C THR A 1508 -17.50 -17.12 3.63
N GLN A 1509 -17.56 -16.84 2.33
CA GLN A 1509 -17.90 -15.49 1.88
C GLN A 1509 -19.37 -15.23 2.13
N THR A 1510 -19.70 -13.99 2.51
CA THR A 1510 -21.06 -13.63 2.87
C THR A 1510 -21.35 -12.20 2.45
N ARG A 1511 -22.57 -11.98 1.98
CA ARG A 1511 -23.06 -10.65 1.64
C ARG A 1511 -23.83 -10.10 2.83
N VAL A 1512 -23.53 -8.86 3.23
CA VAL A 1512 -23.92 -8.34 4.53
C VAL A 1512 -24.89 -7.17 4.42
N THR A 1513 -24.48 -6.08 3.78
CA THR A 1513 -25.17 -4.80 3.89
C THR A 1513 -25.73 -4.37 2.55
N ILE A 1514 -26.86 -3.67 2.60
CA ILE A 1514 -27.58 -3.16 1.43
C ILE A 1514 -27.67 -4.21 0.32
N PHE A 1515 -27.77 -5.48 0.72
CA PHE A 1515 -27.97 -6.54 -0.26
C PHE A 1515 -29.42 -6.57 -0.75
N ASN A 1516 -30.36 -6.15 0.08
CA ASN A 1516 -31.76 -6.20 -0.27
C ASN A 1516 -32.06 -5.25 -1.43
N GLU A 1517 -33.10 -5.59 -2.20
CA GLU A 1517 -33.53 -4.79 -3.34
C GLU A 1517 -34.96 -4.28 -3.22
N GLN A 1518 -35.76 -4.81 -2.28
CA GLN A 1518 -37.12 -4.32 -2.12
C GLN A 1518 -37.13 -2.86 -1.70
N LYS A 1519 -36.38 -2.53 -0.64
CA LYS A 1519 -36.27 -1.13 -0.22
C LYS A 1519 -35.36 -0.34 -1.15
N THR A 1520 -34.37 -0.99 -1.76
CA THR A 1520 -33.50 -0.35 -2.73
C THR A 1520 -34.14 -0.26 -4.11
N LEU A 1521 -35.45 -0.47 -4.21
CA LEU A 1521 -36.21 -0.27 -5.44
C LEU A 1521 -35.79 -1.29 -6.49
N ARG A 1522 -36.56 -1.39 -7.58
CA ARG A 1522 -36.21 -2.33 -8.64
C ARG A 1522 -34.86 -1.99 -9.25
N THR A 1523 -34.60 -0.70 -9.47
CA THR A 1523 -33.34 -0.22 -10.00
C THR A 1523 -32.88 0.99 -9.19
N SER A 1524 -31.79 1.60 -9.63
CA SER A 1524 -31.24 2.73 -8.91
C SER A 1524 -32.17 3.94 -9.03
N PRO A 1525 -32.26 4.78 -7.99
CA PRO A 1525 -33.09 5.98 -8.12
C PRO A 1525 -32.64 6.91 -9.25
N GLU A 1526 -31.34 6.99 -9.50
CA GLU A 1526 -30.86 7.85 -10.59
C GLU A 1526 -31.43 7.39 -11.92
N LYS A 1527 -31.45 6.08 -12.16
CA LYS A 1527 -31.96 5.57 -13.42
C LYS A 1527 -33.43 5.92 -13.59
N LEU A 1528 -34.22 5.75 -12.54
CA LEU A 1528 -35.64 6.08 -12.61
C LEU A 1528 -35.85 7.57 -12.87
N VAL A 1529 -35.10 8.42 -12.16
CA VAL A 1529 -35.27 9.85 -12.31
C VAL A 1529 -34.92 10.28 -13.73
N SER A 1530 -33.80 9.80 -14.24
CA SER A 1530 -33.39 10.18 -15.59
C SER A 1530 -34.35 9.63 -16.64
N ASP A 1531 -34.86 8.41 -16.44
CA ASP A 1531 -35.85 7.88 -17.37
C ASP A 1531 -37.11 8.72 -17.36
N LYS A 1532 -37.57 9.12 -16.19
CA LYS A 1532 -38.79 9.91 -16.09
C LYS A 1532 -38.62 11.28 -16.72
N TRP A 1533 -37.50 11.94 -16.46
CA TRP A 1533 -37.34 13.33 -16.91
C TRP A 1533 -36.85 13.44 -18.34
N PHE A 1534 -36.09 12.46 -18.83
CA PHE A 1534 -35.48 12.52 -20.14
C PHE A 1534 -35.81 11.33 -21.03
N GLY A 1535 -36.52 10.33 -20.53
CA GLY A 1535 -36.89 9.20 -21.36
C GLY A 1535 -35.71 8.40 -21.89
N THR A 1536 -34.75 8.11 -21.03
CA THR A 1536 -33.57 7.35 -21.45
C THR A 1536 -33.84 5.87 -21.61
N GLN A 1537 -35.04 5.40 -21.24
CA GLN A 1537 -35.52 4.03 -21.47
C GLN A 1537 -34.50 2.95 -21.10
N LYS A 1538 -33.56 3.27 -20.20
CA LYS A 1538 -32.54 2.33 -19.78
C LYS A 1538 -32.96 1.53 -18.55
N SER A 1539 -34.12 1.84 -17.96
CA SER A 1539 -34.60 1.06 -16.82
C SER A 1539 -34.91 -0.38 -17.21
N ARG A 1540 -35.50 -0.58 -18.40
CA ARG A 1540 -35.83 -1.91 -18.89
C ARG A 1540 -36.83 -2.60 -17.97
N ILE A 1541 -37.93 -1.90 -17.69
CA ILE A 1541 -39.00 -2.42 -16.84
C ILE A 1541 -40.34 -2.09 -17.51
N GLY A 1542 -41.40 -2.71 -16.99
CA GLY A 1542 -42.71 -2.47 -17.53
C GLY A 1542 -43.18 -1.05 -17.29
N LYS A 1543 -44.06 -0.59 -18.19
CA LYS A 1543 -44.56 0.78 -18.10
C LYS A 1543 -45.33 0.99 -16.80
N THR A 1544 -46.30 0.12 -16.52
CA THR A 1544 -47.02 0.22 -15.25
C THR A 1544 -46.07 0.04 -14.08
N THR A 1545 -45.10 -0.86 -14.22
CA THR A 1545 -44.06 -1.00 -13.20
C THR A 1545 -43.28 0.30 -13.04
N PHE A 1546 -42.97 0.98 -14.15
CA PHE A 1546 -42.26 2.24 -14.07
C PHE A 1546 -43.09 3.29 -13.33
N LEU A 1547 -44.38 3.37 -13.62
CA LEU A 1547 -45.23 4.33 -12.91
C LEU A 1547 -45.30 4.01 -11.43
N ALA A 1548 -45.42 2.72 -11.08
CA ALA A 1548 -45.46 2.35 -9.67
C ALA A 1548 -44.17 2.71 -8.97
N GLU A 1549 -43.03 2.44 -9.61
CA GLU A 1549 -41.75 2.81 -9.04
C GLU A 1549 -41.63 4.31 -8.85
N TRP A 1550 -42.08 5.08 -9.85
CA TRP A 1550 -42.05 6.53 -9.75
C TRP A 1550 -42.90 7.01 -8.59
N GLU A 1551 -44.09 6.44 -8.42
CA GLU A 1551 -44.99 6.88 -7.37
C GLU A 1551 -44.44 6.54 -5.99
N LYS A 1552 -43.86 5.34 -5.84
CA LYS A 1552 -43.29 4.99 -4.54
C LYS A 1552 -42.07 5.84 -4.22
N LEU A 1553 -41.27 6.19 -5.24
CA LEU A 1553 -40.20 7.15 -5.01
C LEU A 1553 -40.75 8.50 -4.60
N LYS A 1554 -41.84 8.93 -5.24
CA LYS A 1554 -42.43 10.21 -4.90
C LYS A 1554 -42.92 10.25 -3.46
N LYS A 1555 -43.59 9.20 -2.99
CA LYS A 1555 -43.95 9.19 -1.59
C LYS A 1555 -42.73 9.07 -0.70
N ILE A 1556 -41.64 8.46 -1.20
CA ILE A 1556 -40.38 8.47 -0.48
C ILE A 1556 -39.79 9.88 -0.47
N VAL A 1557 -39.81 10.55 -1.62
CA VAL A 1557 -39.21 11.88 -1.78
C VAL A 1557 -40.35 12.86 -1.94
N LYS A 1558 -40.67 13.57 -0.86
CA LYS A 1558 -41.83 14.47 -0.87
C LYS A 1558 -41.69 15.55 -1.94
N TRP A 1559 -40.52 16.17 -2.03
CA TRP A 1559 -40.34 17.29 -2.94
C TRP A 1559 -40.06 16.85 -4.37
N LEU A 1560 -39.91 15.56 -4.63
CA LEU A 1560 -39.73 15.10 -6.00
C LEU A 1560 -41.00 15.34 -6.80
N GLU A 1561 -40.84 15.86 -8.01
CA GLU A 1561 -41.94 16.16 -8.91
C GLU A 1561 -41.66 15.56 -10.28
N ASP A 1562 -42.69 15.56 -11.13
CA ASP A 1562 -42.57 14.97 -12.46
C ASP A 1562 -41.77 15.83 -13.43
N THR A 1563 -41.39 17.05 -13.04
CA THR A 1563 -40.59 17.92 -13.88
C THR A 1563 -39.38 18.45 -13.10
N PRO A 1564 -38.26 18.69 -13.77
CA PRO A 1564 -37.10 19.26 -13.05
C PRO A 1564 -37.36 20.62 -12.44
N GLU A 1565 -38.18 21.45 -13.10
CA GLU A 1565 -38.37 22.82 -12.63
C GLU A 1565 -39.18 22.85 -11.34
N ALA A 1566 -40.30 22.12 -11.32
CA ALA A 1566 -41.12 22.07 -10.11
C ALA A 1566 -40.37 21.41 -8.97
N THR A 1567 -39.60 20.35 -9.27
CA THR A 1567 -38.81 19.70 -8.24
C THR A 1567 -37.77 20.67 -7.67
N LEU A 1568 -37.11 21.43 -8.54
CA LEU A 1568 -36.12 22.40 -8.07
C LEU A 1568 -36.77 23.48 -7.20
N ALA A 1569 -37.92 23.99 -7.63
CA ALA A 1569 -38.58 25.05 -6.88
C ALA A 1569 -39.06 24.55 -5.52
N HIS A 1570 -39.66 23.35 -5.48
CA HIS A 1570 -40.28 22.86 -4.26
C HIS A 1570 -39.25 22.40 -3.24
N THR A 1571 -38.20 21.72 -3.67
CA THR A 1571 -37.20 21.23 -2.73
C THR A 1571 -36.48 22.41 -2.06
N PRO A 1572 -36.06 22.26 -0.79
CA PRO A 1572 -35.34 23.36 -0.15
C PRO A 1572 -34.01 23.65 -0.84
N VAL A 1579 -26.71 24.03 -7.17
CA VAL A 1579 -27.96 23.62 -6.55
C VAL A 1579 -28.43 22.31 -7.16
N ARG A 1580 -28.55 22.29 -8.49
CA ARG A 1580 -28.98 21.08 -9.18
C ARG A 1580 -28.05 19.92 -8.87
N ASN A 1581 -26.74 20.19 -8.79
CA ASN A 1581 -25.79 19.13 -8.45
C ASN A 1581 -26.07 18.57 -7.06
N PHE A 1582 -26.37 19.45 -6.09
CA PHE A 1582 -26.59 19.00 -4.72
C PHE A 1582 -27.74 18.01 -4.65
N PHE A 1583 -28.79 18.23 -5.44
CA PHE A 1583 -29.92 17.33 -5.50
C PHE A 1583 -29.77 16.28 -6.60
N ALA A 1584 -28.66 16.29 -7.33
CA ALA A 1584 -28.38 15.27 -8.34
C ALA A 1584 -27.65 14.08 -7.74
N ARG A 1585 -26.69 14.33 -6.85
CA ARG A 1585 -25.95 13.25 -6.20
C ARG A 1585 -26.60 12.78 -4.90
N MET A 1586 -27.69 13.40 -4.46
CA MET A 1586 -28.32 12.94 -3.24
C MET A 1586 -28.85 11.52 -3.40
N GLU A 1587 -29.13 11.09 -4.62
CA GLU A 1587 -29.29 9.67 -4.91
C GLU A 1587 -27.95 9.00 -4.71
N SER A 1588 -27.79 8.25 -3.62
CA SER A 1588 -26.50 7.70 -3.23
C SER A 1588 -26.32 6.26 -3.70
N LYS A 1589 -27.20 5.36 -3.27
CA LYS A 1589 -27.04 3.93 -3.51
C LYS A 1589 -25.65 3.48 -3.07
N PRO A 1590 -25.40 3.38 -1.76
CA PRO A 1590 -24.05 3.05 -1.28
C PRO A 1590 -23.54 1.73 -1.83
N ARG A 1591 -22.25 1.49 -1.59
CA ARG A 1591 -21.56 0.35 -2.16
C ARG A 1591 -22.02 -0.95 -1.50
N THR A 1592 -21.55 -2.06 -2.06
CA THR A 1592 -21.84 -3.40 -1.58
C THR A 1592 -20.62 -3.92 -0.82
N VAL A 1593 -20.86 -4.53 0.33
CA VAL A 1593 -19.80 -5.03 1.21
C VAL A 1593 -19.93 -6.54 1.31
N ARG A 1594 -18.79 -7.22 1.28
CA ARG A 1594 -18.71 -8.67 1.48
C ARG A 1594 -17.74 -8.94 2.63
N ILE A 1595 -18.02 -10.01 3.37
CA ILE A 1595 -17.22 -10.36 4.54
C ILE A 1595 -16.89 -11.85 4.48
N THR A 1596 -15.87 -12.24 5.24
CA THR A 1596 -15.41 -13.62 5.32
C THR A 1596 -15.74 -14.16 6.71
N GLY A 1597 -16.92 -14.75 6.86
CA GLY A 1597 -17.29 -15.34 8.12
C GLY A 1597 -16.57 -16.65 8.38
N ALA A 1598 -16.52 -17.04 9.65
CA ALA A 1598 -15.82 -18.25 10.09
C ALA A 1598 -16.78 -19.07 10.95
N PRO A 1599 -17.81 -19.68 10.33
CA PRO A 1599 -18.76 -20.49 11.10
C PRO A 1599 -18.14 -21.77 11.65
N LYS A 1608 -27.25 -12.58 6.53
CA LYS A 1608 -27.80 -12.08 7.78
C LYS A 1608 -26.74 -11.28 8.53
N ILE A 1609 -27.06 -10.01 8.79
CA ILE A 1609 -26.13 -9.14 9.50
C ILE A 1609 -25.84 -9.69 10.89
N ALA A 1610 -26.85 -10.27 11.54
CA ALA A 1610 -26.65 -10.81 12.88
C ALA A 1610 -25.59 -11.90 12.87
N MET A 1611 -25.63 -12.78 11.88
CA MET A 1611 -24.61 -13.82 11.78
C MET A 1611 -23.23 -13.21 11.66
N VAL A 1612 -23.10 -12.21 10.79
CA VAL A 1612 -21.80 -11.60 10.56
C VAL A 1612 -21.26 -10.98 11.84
N ILE A 1613 -22.09 -10.18 12.51
CA ILE A 1613 -21.60 -9.50 13.70
C ILE A 1613 -21.27 -10.50 14.80
N ARG A 1614 -22.09 -11.54 14.97
CA ARG A 1614 -21.81 -12.49 16.04
C ARG A 1614 -20.59 -13.35 15.76
N ASP A 1615 -20.30 -13.65 14.49
CA ASP A 1615 -19.21 -14.54 14.14
C ASP A 1615 -17.94 -13.82 13.72
N ASN A 1616 -17.94 -12.49 13.69
CA ASN A 1616 -16.75 -11.74 13.29
C ASN A 1616 -16.38 -10.62 14.27
N PHE A 1617 -16.90 -10.66 15.49
CA PHE A 1617 -16.48 -9.67 16.48
C PHE A 1617 -15.08 -9.95 16.97
N SER A 1618 -14.77 -11.21 17.25
CA SER A 1618 -13.45 -11.60 17.71
C SER A 1618 -13.16 -13.01 17.21
N ARG A 1619 -11.87 -13.29 16.99
CA ARG A 1619 -11.47 -14.58 16.44
C ARG A 1619 -11.41 -15.67 17.49
N MET A 1620 -11.39 -15.34 18.78
CA MET A 1620 -11.27 -16.35 19.81
C MET A 1620 -12.61 -16.99 20.15
N GLY A 1621 -13.72 -16.43 19.68
CA GLY A 1621 -15.01 -16.98 20.01
C GLY A 1621 -16.11 -16.30 19.23
N HIS A 1622 -17.34 -16.48 19.71
CA HIS A 1622 -18.50 -15.90 19.08
C HIS A 1622 -19.43 -15.33 20.14
N LEU A 1623 -20.19 -14.32 19.74
CA LEU A 1623 -21.07 -13.64 20.68
C LEU A 1623 -22.19 -14.57 21.14
N ARG A 1624 -22.92 -14.12 22.17
CA ARG A 1624 -24.02 -14.86 22.75
C ARG A 1624 -25.26 -13.99 22.76
N GLY A 1625 -26.42 -14.63 22.53
CA GLY A 1625 -27.68 -13.93 22.60
C GLY A 1625 -28.03 -13.12 21.37
N VAL A 1626 -27.26 -13.23 20.29
CA VAL A 1626 -27.53 -12.47 19.08
C VAL A 1626 -28.14 -13.38 18.02
#